data_2XSF
# 
_entry.id   2XSF 
# 
_audit_conform.dict_name       mmcif_pdbx.dic 
_audit_conform.dict_version    5.383 
_audit_conform.dict_location   http://mmcif.pdb.org/dictionaries/ascii/mmcif_pdbx.dic 
# 
loop_
_database_2.database_id 
_database_2.database_code 
_database_2.pdbx_database_accession 
_database_2.pdbx_DOI 
PDB   2XSF         pdb_00002xsf 10.2210/pdb2xsf/pdb 
PDBE  EBI-45559    ?            ?                   
WWPDB D_1290045559 ?            ?                   
# 
loop_
_pdbx_database_related.db_name 
_pdbx_database_related.db_id 
_pdbx_database_related.content_type 
_pdbx_database_related.details 
PDB 2XS5 unspecified 'CRYSTAL STRUCTURE OF THE RRM DOMAIN OF MOUSE DELETED IN AZOOSPERMIA-LIKE IN COMPLEX WITH MVH RNA, UGUUC'    
PDB 2XS2 unspecified 'CRYSTAL STRUCTURE OF THE RRM DOMAIN OF MOUSE DELETED IN AZOOSPERMIA-LIKE IN COMPLEX WITH RNA, UUGUUCUU'     
PDB 2XS7 unspecified 'CRYSTAL STRUCTURE OF THE RRM DOMAIN OF MOUSE DELETED IN AZOOSPERMIA-LIKE IN COMPLEX WITH SYCP3 RNA, UUGUUU' 
# 
_pdbx_database_status.status_code                     REL 
_pdbx_database_status.entry_id                        2XSF 
_pdbx_database_status.deposit_site                    PDBE 
_pdbx_database_status.process_site                    PDBE 
_pdbx_database_status.SG_entry                        . 
_pdbx_database_status.recvd_initial_deposition_date   2010-09-28 
_pdbx_database_status.pdb_format_compatible           Y 
_pdbx_database_status.status_code_sf                  REL 
_pdbx_database_status.status_code_mr                  ? 
_pdbx_database_status.status_code_cs                  ? 
_pdbx_database_status.methods_development_category    ? 
_pdbx_database_status.status_code_nmr_data            ? 
# 
loop_
_audit_author.name 
_audit_author.pdbx_ordinal 
'Jenkins, H.T.' 1 
'Edwards, T.A.' 2 
# 
_citation.id                        primary 
_citation.title                     
'Kinked Beta-Strands Mediate High-Affinity Recognition of Mrna Targets by the Germ-Cell Regulator Dazl' 
_citation.journal_abbrev            Proc.Natl.Acad.Sci.USA 
_citation.journal_volume            108 
_citation.page_first                18266 
_citation.page_last                 ? 
_citation.year                      2011 
_citation.journal_id_ASTM           PNASA6 
_citation.country                   US 
_citation.journal_id_ISSN           0027-8424 
_citation.journal_id_CSD            0040 
_citation.book_publisher            ? 
_citation.pdbx_database_id_PubMed   22021443 
_citation.pdbx_database_id_DOI      10.1073/PNAS.1105211108 
# 
loop_
_citation_author.citation_id 
_citation_author.name 
_citation_author.ordinal 
_citation_author.identifier_ORCID 
primary 'Jenkins, H.T.' 1 ? 
primary 'Edwards, T.A.' 2 ? 
# 
_cell.entry_id           2XSF 
_cell.length_a           53.900 
_cell.length_b           53.900 
_cell.length_c           65.930 
_cell.angle_alpha        90.00 
_cell.angle_beta         90.00 
_cell.angle_gamma        120.00 
_cell.Z_PDB              6 
_cell.pdbx_unique_axis   ? 
# 
_symmetry.entry_id                         2XSF 
_symmetry.space_group_name_H-M             'P 32 2 1' 
_symmetry.pdbx_full_space_group_name_H-M   ? 
_symmetry.cell_setting                     ? 
_symmetry.Int_Tables_number                154 
# 
loop_
_entity.id 
_entity.type 
_entity.src_method 
_entity.pdbx_description 
_entity.formula_weight 
_entity.pdbx_number_of_molecules 
_entity.pdbx_ec 
_entity.pdbx_mutation 
_entity.pdbx_fragment 
_entity.details 
1 polymer     man 'DELETED IN AZOOSPERMIA-LIKE' 9896.392 1  ? ? 'RESIDUES 35-118' ? 
2 non-polymer syn GLYCEROL                      92.094   2  ? ? ?                 ? 
3 non-polymer syn 'SULFATE ION'                 96.063   1  ? ? ?                 ? 
4 water       nat water                         18.015   90 ? ? ?                 ? 
# 
_entity_name_com.entity_id   1 
_entity_name_com.name        'DAZ-LIKE AUTOSOMAL, DELETED IN AZOOSPERMIA-LIKE 1' 
# 
_entity_poly.entity_id                      1 
_entity_poly.type                           'polypeptide(L)' 
_entity_poly.nstd_linkage                   no 
_entity_poly.nstd_monomer                   no 
_entity_poly.pdbx_seq_one_letter_code       
;GPLGSGKIMPNTVFVGGIDVRMDETEIRSFFARYGSVKEVKIITDRTGVSKGYGFVSFYNDVDVQKIVESQINFHGKKLK
LGPAIRKQN
;
_entity_poly.pdbx_seq_one_letter_code_can   
;GPLGSGKIMPNTVFVGGIDVRMDETEIRSFFARYGSVKEVKIITDRTGVSKGYGFVSFYNDVDVQKIVESQINFHGKKLK
LGPAIRKQN
;
_entity_poly.pdbx_strand_id                 A 
_entity_poly.pdbx_target_identifier         ? 
# 
loop_
_entity_poly_seq.entity_id 
_entity_poly_seq.num 
_entity_poly_seq.mon_id 
_entity_poly_seq.hetero 
1 1  GLY n 
1 2  PRO n 
1 3  LEU n 
1 4  GLY n 
1 5  SER n 
1 6  GLY n 
1 7  LYS n 
1 8  ILE n 
1 9  MET n 
1 10 PRO n 
1 11 ASN n 
1 12 THR n 
1 13 VAL n 
1 14 PHE n 
1 15 VAL n 
1 16 GLY n 
1 17 GLY n 
1 18 ILE n 
1 19 ASP n 
1 20 VAL n 
1 21 ARG n 
1 22 MET n 
1 23 ASP n 
1 24 GLU n 
1 25 THR n 
1 26 GLU n 
1 27 ILE n 
1 28 ARG n 
1 29 SER n 
1 30 PHE n 
1 31 PHE n 
1 32 ALA n 
1 33 ARG n 
1 34 TYR n 
1 35 GLY n 
1 36 SER n 
1 37 VAL n 
1 38 LYS n 
1 39 GLU n 
1 40 VAL n 
1 41 LYS n 
1 42 ILE n 
1 43 ILE n 
1 44 THR n 
1 45 ASP n 
1 46 ARG n 
1 47 THR n 
1 48 GLY n 
1 49 VAL n 
1 50 SER n 
1 51 LYS n 
1 52 GLY n 
1 53 TYR n 
1 54 GLY n 
1 55 PHE n 
1 56 VAL n 
1 57 SER n 
1 58 PHE n 
1 59 TYR n 
1 60 ASN n 
1 61 ASP n 
1 62 VAL n 
1 63 ASP n 
1 64 VAL n 
1 65 GLN n 
1 66 LYS n 
1 67 ILE n 
1 68 VAL n 
1 69 GLU n 
1 70 SER n 
1 71 GLN n 
1 72 ILE n 
1 73 ASN n 
1 74 PHE n 
1 75 HIS n 
1 76 GLY n 
1 77 LYS n 
1 78 LYS n 
1 79 LEU n 
1 80 LYS n 
1 81 LEU n 
1 82 GLY n 
1 83 PRO n 
1 84 ALA n 
1 85 ILE n 
1 86 ARG n 
1 87 LYS n 
1 88 GLN n 
1 89 ASN n 
# 
_entity_src_gen.entity_id                          1 
_entity_src_gen.pdbx_src_id                        1 
_entity_src_gen.pdbx_alt_source_flag               sample 
_entity_src_gen.pdbx_seq_type                      ? 
_entity_src_gen.pdbx_beg_seq_num                   ? 
_entity_src_gen.pdbx_end_seq_num                   ? 
_entity_src_gen.gene_src_common_name               'HOUSE MOUSE' 
_entity_src_gen.gene_src_genus                     ? 
_entity_src_gen.pdbx_gene_src_gene                 ? 
_entity_src_gen.gene_src_species                   ? 
_entity_src_gen.gene_src_strain                    ? 
_entity_src_gen.gene_src_tissue                    ? 
_entity_src_gen.gene_src_tissue_fraction           ? 
_entity_src_gen.gene_src_details                   ? 
_entity_src_gen.pdbx_gene_src_fragment             ? 
_entity_src_gen.pdbx_gene_src_scientific_name      'MUS MUSCULUS' 
_entity_src_gen.pdbx_gene_src_ncbi_taxonomy_id     10090 
_entity_src_gen.pdbx_gene_src_variant              ? 
_entity_src_gen.pdbx_gene_src_cell_line            ? 
_entity_src_gen.pdbx_gene_src_atcc                 ? 
_entity_src_gen.pdbx_gene_src_organ                ? 
_entity_src_gen.pdbx_gene_src_organelle            ? 
_entity_src_gen.pdbx_gene_src_cell                 ? 
_entity_src_gen.pdbx_gene_src_cellular_location    ? 
_entity_src_gen.host_org_common_name               ? 
_entity_src_gen.pdbx_host_org_scientific_name      'ESCHERICHIA COLI' 
_entity_src_gen.pdbx_host_org_ncbi_taxonomy_id     469008 
_entity_src_gen.host_org_genus                     ? 
_entity_src_gen.pdbx_host_org_gene                 ? 
_entity_src_gen.pdbx_host_org_organ                ? 
_entity_src_gen.host_org_species                   ? 
_entity_src_gen.pdbx_host_org_tissue               ? 
_entity_src_gen.pdbx_host_org_tissue_fraction      ? 
_entity_src_gen.pdbx_host_org_strain               'BL21(DE3)' 
_entity_src_gen.pdbx_host_org_variant              CODONPLUS 
_entity_src_gen.pdbx_host_org_cell_line            ? 
_entity_src_gen.pdbx_host_org_atcc                 ? 
_entity_src_gen.pdbx_host_org_culture_collection   ? 
_entity_src_gen.pdbx_host_org_cell                 ? 
_entity_src_gen.pdbx_host_org_organelle            ? 
_entity_src_gen.pdbx_host_org_cellular_location    ? 
_entity_src_gen.pdbx_host_org_vector_type          PLASMID 
_entity_src_gen.pdbx_host_org_vector               ? 
_entity_src_gen.host_org_details                   ? 
_entity_src_gen.expression_system_id               ? 
_entity_src_gen.plasmid_name                       PGEX-6P-2 
_entity_src_gen.plasmid_details                    ? 
_entity_src_gen.pdbx_description                   ? 
# 
_struct_ref.id                         1 
_struct_ref.db_name                    UNP 
_struct_ref.db_code                    DAZL_MOUSE 
_struct_ref.entity_id                  1 
_struct_ref.pdbx_seq_one_letter_code   ? 
_struct_ref.pdbx_align_begin           ? 
_struct_ref.pdbx_db_accession          Q64368 
_struct_ref.pdbx_db_isoform            ? 
# 
_struct_ref_seq.align_id                      1 
_struct_ref_seq.ref_id                        1 
_struct_ref_seq.pdbx_PDB_id_code              2XSF 
_struct_ref_seq.pdbx_strand_id                A 
_struct_ref_seq.seq_align_beg                 6 
_struct_ref_seq.pdbx_seq_align_beg_ins_code   ? 
_struct_ref_seq.seq_align_end                 89 
_struct_ref_seq.pdbx_seq_align_end_ins_code   ? 
_struct_ref_seq.pdbx_db_accession             Q64368 
_struct_ref_seq.db_align_beg                  35 
_struct_ref_seq.pdbx_db_align_beg_ins_code    ? 
_struct_ref_seq.db_align_end                  118 
_struct_ref_seq.pdbx_db_align_end_ins_code    ? 
_struct_ref_seq.pdbx_auth_seq_align_beg       35 
_struct_ref_seq.pdbx_auth_seq_align_end       118 
# 
loop_
_struct_ref_seq_dif.align_id 
_struct_ref_seq_dif.pdbx_pdb_id_code 
_struct_ref_seq_dif.mon_id 
_struct_ref_seq_dif.pdbx_pdb_strand_id 
_struct_ref_seq_dif.seq_num 
_struct_ref_seq_dif.pdbx_pdb_ins_code 
_struct_ref_seq_dif.pdbx_seq_db_name 
_struct_ref_seq_dif.pdbx_seq_db_accession_code 
_struct_ref_seq_dif.db_mon_id 
_struct_ref_seq_dif.pdbx_seq_db_seq_num 
_struct_ref_seq_dif.details 
_struct_ref_seq_dif.pdbx_auth_seq_num 
_struct_ref_seq_dif.pdbx_ordinal 
1 2XSF GLY A 1 ? UNP Q64368 ? ? 'expression tag' 30 1 
1 2XSF PRO A 2 ? UNP Q64368 ? ? 'expression tag' 31 2 
1 2XSF LEU A 3 ? UNP Q64368 ? ? 'expression tag' 32 3 
1 2XSF GLY A 4 ? UNP Q64368 ? ? 'expression tag' 33 4 
1 2XSF SER A 5 ? UNP Q64368 ? ? 'expression tag' 34 5 
# 
loop_
_chem_comp.id 
_chem_comp.type 
_chem_comp.mon_nstd_flag 
_chem_comp.name 
_chem_comp.pdbx_synonyms 
_chem_comp.formula 
_chem_comp.formula_weight 
ALA 'L-peptide linking' y ALANINE         ?                               'C3 H7 N O2'     89.093  
ARG 'L-peptide linking' y ARGININE        ?                               'C6 H15 N4 O2 1' 175.209 
ASN 'L-peptide linking' y ASPARAGINE      ?                               'C4 H8 N2 O3'    132.118 
ASP 'L-peptide linking' y 'ASPARTIC ACID' ?                               'C4 H7 N O4'     133.103 
GLN 'L-peptide linking' y GLUTAMINE       ?                               'C5 H10 N2 O3'   146.144 
GLU 'L-peptide linking' y 'GLUTAMIC ACID' ?                               'C5 H9 N O4'     147.129 
GLY 'peptide linking'   y GLYCINE         ?                               'C2 H5 N O2'     75.067  
GOL non-polymer         . GLYCEROL        'GLYCERIN; PROPANE-1,2,3-TRIOL' 'C3 H8 O3'       92.094  
HIS 'L-peptide linking' y HISTIDINE       ?                               'C6 H10 N3 O2 1' 156.162 
HOH non-polymer         . WATER           ?                               'H2 O'           18.015  
ILE 'L-peptide linking' y ISOLEUCINE      ?                               'C6 H13 N O2'    131.173 
LEU 'L-peptide linking' y LEUCINE         ?                               'C6 H13 N O2'    131.173 
LYS 'L-peptide linking' y LYSINE          ?                               'C6 H15 N2 O2 1' 147.195 
MET 'L-peptide linking' y METHIONINE      ?                               'C5 H11 N O2 S'  149.211 
PHE 'L-peptide linking' y PHENYLALANINE   ?                               'C9 H11 N O2'    165.189 
PRO 'L-peptide linking' y PROLINE         ?                               'C5 H9 N O2'     115.130 
SER 'L-peptide linking' y SERINE          ?                               'C3 H7 N O3'     105.093 
SO4 non-polymer         . 'SULFATE ION'   ?                               'O4 S -2'        96.063  
THR 'L-peptide linking' y THREONINE       ?                               'C4 H9 N O3'     119.119 
TYR 'L-peptide linking' y TYROSINE        ?                               'C9 H11 N O3'    181.189 
VAL 'L-peptide linking' y VALINE          ?                               'C5 H11 N O2'    117.146 
# 
_exptl.entry_id          2XSF 
_exptl.method            'X-RAY DIFFRACTION' 
_exptl.crystals_number   1 
# 
_exptl_crystal.id                    1 
_exptl_crystal.density_meas          ? 
_exptl_crystal.density_Matthews      2.76 
_exptl_crystal.density_percent_sol   55.00 
_exptl_crystal.description           NONE 
# 
_exptl_crystal_grow.crystal_id      1 
_exptl_crystal_grow.method          ? 
_exptl_crystal_grow.temp            ? 
_exptl_crystal_grow.temp_details    ? 
_exptl_crystal_grow.pH              7.5 
_exptl_crystal_grow.pdbx_pH_range   ? 
_exptl_crystal_grow.pdbx_details    '2.1 M LITHIUM SULPHATE, 50 MM HEPES PH 7.5, 5 % (V/V) GLYCEROL' 
# 
_diffrn.id                     1 
_diffrn.ambient_temp           100 
_diffrn.ambient_temp_details   ? 
_diffrn.crystal_id             1 
# 
_diffrn_detector.diffrn_id              1 
_diffrn_detector.detector               CCD 
_diffrn_detector.type                   'ADSC CCD' 
_diffrn_detector.pdbx_collection_date   2006-09-18 
_diffrn_detector.details                ? 
# 
_diffrn_radiation.diffrn_id                        1 
_diffrn_radiation.wavelength_id                    1 
_diffrn_radiation.pdbx_monochromatic_or_laue_m_l   M 
_diffrn_radiation.monochromator                    ? 
_diffrn_radiation.pdbx_diffrn_protocol             'SINGLE WAVELENGTH' 
_diffrn_radiation.pdbx_scattering_type             x-ray 
# 
_diffrn_radiation_wavelength.id           1 
_diffrn_radiation_wavelength.wavelength   0.9790 
_diffrn_radiation_wavelength.wt           1.0 
# 
_diffrn_source.diffrn_id                   1 
_diffrn_source.source                      SYNCHROTRON 
_diffrn_source.type                        'SRS BEAMLINE PX14.2' 
_diffrn_source.pdbx_synchrotron_site       SRS 
_diffrn_source.pdbx_synchrotron_beamline   PX14.2 
_diffrn_source.pdbx_wavelength             0.9790 
_diffrn_source.pdbx_wavelength_list        ? 
# 
_reflns.pdbx_diffrn_id               1 
_reflns.pdbx_ordinal                 1 
_reflns.entry_id                     2XSF 
_reflns.observed_criterion_sigma_I   6.000 
_reflns.observed_criterion_sigma_F   ? 
_reflns.d_resolution_low             20.000 
_reflns.d_resolution_high            1.700 
_reflns.number_obs                   12616 
_reflns.number_all                   ? 
_reflns.percent_possible_obs         99.9 
_reflns.pdbx_Rmerge_I_obs            0.07000 
_reflns.pdbx_Rsym_value              ? 
_reflns.pdbx_netI_over_sigmaI        21.9000 
_reflns.B_iso_Wilson_estimate        ? 
_reflns.pdbx_redundancy              11.800 
# 
_reflns_shell.pdbx_diffrn_id         1 
_reflns_shell.pdbx_ordinal           1 
_reflns_shell.d_res_high             1.70 
_reflns_shell.d_res_low              1.79 
_reflns_shell.percent_possible_all   100.0 
_reflns_shell.Rmerge_I_obs           0.60000 
_reflns_shell.pdbx_Rsym_value        ? 
_reflns_shell.meanI_over_sigI_obs    4.700 
_reflns_shell.pdbx_redundancy        12.00 
# 
_refine.pdbx_refine_id                           'X-RAY DIFFRACTION' 
_refine.entry_id                                 2XSF 
_refine.pdbx_diffrn_id                           1 
_refine.pdbx_TLS_residual_ADP_flag               ? 
_refine.ls_number_reflns_obs                     12002 
_refine.ls_number_reflns_all                     ? 
_refine.pdbx_ls_sigma_I                          ? 
_refine.pdbx_ls_sigma_F                          ? 
_refine.pdbx_data_cutoff_high_absF               ? 
_refine.pdbx_data_cutoff_low_absF                ? 
_refine.pdbx_data_cutoff_high_rms_absF           ? 
_refine.ls_d_res_low                             22.00 
_refine.ls_d_res_high                            1.70 
_refine.ls_percent_reflns_obs                    100.0 
_refine.ls_R_factor_obs                          0.189 
_refine.ls_R_factor_all                          ? 
_refine.ls_R_factor_R_work                       0.189 
_refine.ls_R_factor_R_free                       0.202 
_refine.ls_R_factor_R_free_error                 ? 
_refine.ls_R_factor_R_free_error_details         ? 
_refine.ls_percent_reflns_R_free                 4.90 
_refine.ls_number_reflns_R_free                  614 
_refine.ls_number_parameters                     ? 
_refine.ls_number_restraints                     ? 
_refine.occupancy_min                            ? 
_refine.occupancy_max                            ? 
_refine.correlation_coeff_Fo_to_Fc               0.956 
_refine.correlation_coeff_Fo_to_Fc_free          0.949 
_refine.B_iso_mean                               25.67 
_refine.aniso_B[1][1]                            1.16000 
_refine.aniso_B[2][2]                            1.16000 
_refine.aniso_B[3][3]                            -1.74000 
_refine.aniso_B[1][2]                            0.58000 
_refine.aniso_B[1][3]                            0.00000 
_refine.aniso_B[2][3]                            0.00000 
_refine.solvent_model_details                    MASK 
_refine.solvent_model_param_ksol                 ? 
_refine.solvent_model_param_bsol                 ? 
_refine.pdbx_solvent_vdw_probe_radii             1.40 
_refine.pdbx_solvent_ion_probe_radii             0.80 
_refine.pdbx_solvent_shrinkage_radii             0.80 
_refine.pdbx_ls_cross_valid_method               THROUGHOUT 
_refine.details                                  'HYDROGENS HAVE BEEN ADDED IN THE RIDING POSITIONS' 
_refine.pdbx_starting_model                      'PDB ENTRY 3BS9' 
_refine.pdbx_method_to_determine_struct          'MOLECULAR REPLACEMENT' 
_refine.pdbx_isotropic_thermal_model             ? 
_refine.pdbx_stereochemistry_target_values       'MAXIMUM LIKELIHOOD' 
_refine.pdbx_stereochem_target_val_spec_case     ? 
_refine.pdbx_R_Free_selection_details            RANDOM 
_refine.pdbx_overall_ESU_R                       0.095 
_refine.pdbx_overall_ESU_R_Free                  0.088 
_refine.overall_SU_ML                            0.056 
_refine.pdbx_overall_phase_error                 ? 
_refine.overall_SU_B                             3.617 
_refine.overall_SU_R_Cruickshank_DPI             ? 
_refine.pdbx_overall_SU_R_free_Cruickshank_DPI   ? 
_refine.pdbx_overall_SU_R_Blow_DPI               ? 
_refine.pdbx_overall_SU_R_free_Blow_DPI          ? 
# 
_refine_hist.pdbx_refine_id                   'X-RAY DIFFRACTION' 
_refine_hist.cycle_id                         LAST 
_refine_hist.pdbx_number_atoms_protein        631 
_refine_hist.pdbx_number_atoms_nucleic_acid   0 
_refine_hist.pdbx_number_atoms_ligand         17 
_refine_hist.number_atoms_solvent             90 
_refine_hist.number_atoms_total               738 
_refine_hist.d_res_high                       1.70 
_refine_hist.d_res_low                        22.00 
# 
loop_
_refine_ls_restr.type 
_refine_ls_restr.dev_ideal 
_refine_ls_restr.dev_ideal_target 
_refine_ls_restr.weight 
_refine_ls_restr.number 
_refine_ls_restr.pdbx_refine_id 
_refine_ls_restr.pdbx_restraint_function 
r_bond_refined_d             0.014  0.022  ? 682 'X-RAY DIFFRACTION' ? 
r_bond_other_d               ?      ?      ? ?   'X-RAY DIFFRACTION' ? 
r_angle_refined_deg          1.587  1.969  ? 919 'X-RAY DIFFRACTION' ? 
r_angle_other_deg            ?      ?      ? ?   'X-RAY DIFFRACTION' ? 
r_dihedral_angle_1_deg       4.482  5.000  ? 88  'X-RAY DIFFRACTION' ? 
r_dihedral_angle_2_deg       27.893 23.333 ? 30  'X-RAY DIFFRACTION' ? 
r_dihedral_angle_3_deg       11.506 15.000 ? 123 'X-RAY DIFFRACTION' ? 
r_dihedral_angle_4_deg       11.031 15.000 ? 5   'X-RAY DIFFRACTION' ? 
r_chiral_restr               0.096  0.200  ? 101 'X-RAY DIFFRACTION' ? 
r_gen_planes_refined         0.006  0.020  ? 501 'X-RAY DIFFRACTION' ? 
r_gen_planes_other           ?      ?      ? ?   'X-RAY DIFFRACTION' ? 
r_nbd_refined                0.206  0.200  ? 292 'X-RAY DIFFRACTION' ? 
r_nbd_other                  ?      ?      ? ?   'X-RAY DIFFRACTION' ? 
r_nbtor_refined              0.316  0.200  ? 461 'X-RAY DIFFRACTION' ? 
r_nbtor_other                ?      ?      ? ?   'X-RAY DIFFRACTION' ? 
r_xyhbond_nbd_refined        0.174  0.200  ? 67  'X-RAY DIFFRACTION' ? 
r_xyhbond_nbd_other          ?      ?      ? ?   'X-RAY DIFFRACTION' ? 
r_metal_ion_refined          ?      ?      ? ?   'X-RAY DIFFRACTION' ? 
r_metal_ion_other            ?      ?      ? ?   'X-RAY DIFFRACTION' ? 
r_symmetry_vdw_refined       0.160  0.200  ? 45  'X-RAY DIFFRACTION' ? 
r_symmetry_vdw_other         ?      ?      ? ?   'X-RAY DIFFRACTION' ? 
r_symmetry_hbond_refined     0.228  0.200  ? 11  'X-RAY DIFFRACTION' ? 
r_symmetry_hbond_other       ?      ?      ? ?   'X-RAY DIFFRACTION' ? 
r_symmetry_metal_ion_refined ?      ?      ? ?   'X-RAY DIFFRACTION' ? 
r_symmetry_metal_ion_other   ?      ?      ? ?   'X-RAY DIFFRACTION' ? 
r_mcbond_it                  0.961  1.500  ? 409 'X-RAY DIFFRACTION' ? 
r_mcbond_other               ?      ?      ? ?   'X-RAY DIFFRACTION' ? 
r_mcangle_it                 1.709  2.000  ? 667 'X-RAY DIFFRACTION' ? 
r_mcangle_other              ?      ?      ? ?   'X-RAY DIFFRACTION' ? 
r_scbond_it                  2.606  3.000  ? 273 'X-RAY DIFFRACTION' ? 
r_scbond_other               ?      ?      ? ?   'X-RAY DIFFRACTION' ? 
r_scangle_it                 4.267  4.500  ? 248 'X-RAY DIFFRACTION' ? 
r_scangle_other              ?      ?      ? ?   'X-RAY DIFFRACTION' ? 
r_long_range_B_refined       ?      ?      ? ?   'X-RAY DIFFRACTION' ? 
r_long_range_B_other         ?      ?      ? ?   'X-RAY DIFFRACTION' ? 
r_rigid_bond_restr           ?      ?      ? ?   'X-RAY DIFFRACTION' ? 
r_sphericity_free            ?      ?      ? ?   'X-RAY DIFFRACTION' ? 
r_sphericity_bonded          ?      ?      ? ?   'X-RAY DIFFRACTION' ? 
# 
_refine_ls_shell.pdbx_refine_id                   'X-RAY DIFFRACTION' 
_refine_ls_shell.pdbx_total_number_of_bins_used   20 
_refine_ls_shell.d_res_high                       1.70 
_refine_ls_shell.d_res_low                        1.74 
_refine_ls_shell.number_reflns_R_work             870 
_refine_ls_shell.R_factor_R_work                  0.2250 
_refine_ls_shell.percent_reflns_obs               100.00 
_refine_ls_shell.R_factor_R_free                  0.2110 
_refine_ls_shell.R_factor_R_free_error            ? 
_refine_ls_shell.percent_reflns_R_free            ? 
_refine_ls_shell.number_reflns_R_free             51 
_refine_ls_shell.number_reflns_all                ? 
_refine_ls_shell.R_factor_all                     ? 
# 
_struct.entry_id                  2XSF 
_struct.title                     'Crystal structure of the RRM domain of mouse Deleted in azoospermia- like' 
_struct.pdbx_model_details        ? 
_struct.pdbx_CASP_flag            ? 
_struct.pdbx_model_type_details   ? 
# 
_struct_keywords.entry_id        2XSF 
_struct_keywords.pdbx_keywords   'RNA BINDING PROTEIN' 
_struct_keywords.text            'RNA BINDING PROTEIN' 
# 
loop_
_struct_asym.id 
_struct_asym.pdbx_blank_PDB_chainid_flag 
_struct_asym.pdbx_modified 
_struct_asym.entity_id 
_struct_asym.details 
A N N 1 ? 
B N N 2 ? 
C N N 2 ? 
D N N 3 ? 
E N N 4 ? 
# 
_struct_biol.id   1 
# 
loop_
_struct_conf.conf_type_id 
_struct_conf.id 
_struct_conf.pdbx_PDB_helix_id 
_struct_conf.beg_label_comp_id 
_struct_conf.beg_label_asym_id 
_struct_conf.beg_label_seq_id 
_struct_conf.pdbx_beg_PDB_ins_code 
_struct_conf.end_label_comp_id 
_struct_conf.end_label_asym_id 
_struct_conf.end_label_seq_id 
_struct_conf.pdbx_end_PDB_ins_code 
_struct_conf.beg_auth_comp_id 
_struct_conf.beg_auth_asym_id 
_struct_conf.beg_auth_seq_id 
_struct_conf.end_auth_comp_id 
_struct_conf.end_auth_asym_id 
_struct_conf.end_auth_seq_id 
_struct_conf.pdbx_PDB_helix_class 
_struct_conf.details 
_struct_conf.pdbx_PDB_helix_length 
HELX_P HELX_P1 1 ASP A 23 ? ALA A 32 ? ASP A 52 ALA A 61 1 ? 10 
HELX_P HELX_P2 2 ARG A 33 ? GLY A 35 ? ARG A 62 GLY A 64 5 ? 3  
HELX_P HELX_P3 3 ASP A 63 ? SER A 70 ? ASP A 92 SER A 99 1 ? 8  
# 
_struct_conf_type.id          HELX_P 
_struct_conf_type.criteria    ? 
_struct_conf_type.reference   ? 
# 
_struct_sheet.id               AA 
_struct_sheet.type             ? 
_struct_sheet.number_strands   4 
_struct_sheet.details          ? 
# 
loop_
_struct_sheet_order.sheet_id 
_struct_sheet_order.range_id_1 
_struct_sheet_order.range_id_2 
_struct_sheet_order.offset 
_struct_sheet_order.sense 
AA 1 2 ? anti-parallel 
AA 2 3 ? anti-parallel 
AA 3 4 ? anti-parallel 
# 
loop_
_struct_sheet_range.sheet_id 
_struct_sheet_range.id 
_struct_sheet_range.beg_label_comp_id 
_struct_sheet_range.beg_label_asym_id 
_struct_sheet_range.beg_label_seq_id 
_struct_sheet_range.pdbx_beg_PDB_ins_code 
_struct_sheet_range.end_label_comp_id 
_struct_sheet_range.end_label_asym_id 
_struct_sheet_range.end_label_seq_id 
_struct_sheet_range.pdbx_end_PDB_ins_code 
_struct_sheet_range.beg_auth_comp_id 
_struct_sheet_range.beg_auth_asym_id 
_struct_sheet_range.beg_auth_seq_id 
_struct_sheet_range.end_auth_comp_id 
_struct_sheet_range.end_auth_asym_id 
_struct_sheet_range.end_auth_seq_id 
AA 1 VAL A 37 ? THR A 44 ? VAL A 66  THR A 73  
AA 2 SER A 50 ? PHE A 58 ? SER A 79  PHE A 87  
AA 3 ILE A 8  ? GLY A 16 ? ILE A 37  GLY A 45  
AA 4 LYS A 80 ? ILE A 85 ? LYS A 109 ILE A 114 
# 
loop_
_pdbx_struct_sheet_hbond.sheet_id 
_pdbx_struct_sheet_hbond.range_id_1 
_pdbx_struct_sheet_hbond.range_id_2 
_pdbx_struct_sheet_hbond.range_1_label_atom_id 
_pdbx_struct_sheet_hbond.range_1_label_comp_id 
_pdbx_struct_sheet_hbond.range_1_label_asym_id 
_pdbx_struct_sheet_hbond.range_1_label_seq_id 
_pdbx_struct_sheet_hbond.range_1_PDB_ins_code 
_pdbx_struct_sheet_hbond.range_1_auth_atom_id 
_pdbx_struct_sheet_hbond.range_1_auth_comp_id 
_pdbx_struct_sheet_hbond.range_1_auth_asym_id 
_pdbx_struct_sheet_hbond.range_1_auth_seq_id 
_pdbx_struct_sheet_hbond.range_2_label_atom_id 
_pdbx_struct_sheet_hbond.range_2_label_comp_id 
_pdbx_struct_sheet_hbond.range_2_label_asym_id 
_pdbx_struct_sheet_hbond.range_2_label_seq_id 
_pdbx_struct_sheet_hbond.range_2_PDB_ins_code 
_pdbx_struct_sheet_hbond.range_2_auth_atom_id 
_pdbx_struct_sheet_hbond.range_2_auth_comp_id 
_pdbx_struct_sheet_hbond.range_2_auth_asym_id 
_pdbx_struct_sheet_hbond.range_2_auth_seq_id 
AA 1 2 O ILE A 43 ? O ILE A 72 N LYS A 51 ? N LYS A 80  
AA 2 3 N PHE A 58 ? N PHE A 87 O ASN A 11 ? O ASN A 40  
AA 3 4 N GLY A 16 ? N GLY A 45 O LYS A 80 ? O LYS A 109 
# 
loop_
_struct_site.id 
_struct_site.pdbx_evidence_code 
_struct_site.pdbx_auth_asym_id 
_struct_site.pdbx_auth_comp_id 
_struct_site.pdbx_auth_seq_id 
_struct_site.pdbx_auth_ins_code 
_struct_site.pdbx_num_residues 
_struct_site.details 
AC1 Software A GOL 1116 ? 3 'BINDING SITE FOR RESIDUE GOL A 1116' 
AC2 Software A GOL 1117 ? 8 'BINDING SITE FOR RESIDUE GOL A 1117' 
AC3 Software A SO4 1118 ? 6 'BINDING SITE FOR RESIDUE SO4 A 1118' 
# 
loop_
_struct_site_gen.id 
_struct_site_gen.site_id 
_struct_site_gen.pdbx_num_res 
_struct_site_gen.label_comp_id 
_struct_site_gen.label_asym_id 
_struct_site_gen.label_seq_id 
_struct_site_gen.pdbx_auth_ins_code 
_struct_site_gen.auth_comp_id 
_struct_site_gen.auth_asym_id 
_struct_site_gen.auth_seq_id 
_struct_site_gen.label_atom_id 
_struct_site_gen.label_alt_id 
_struct_site_gen.symmetry 
_struct_site_gen.details 
1  AC1 3 ARG A 33 ? ARG A 62   . ? 1_555 ? 
2  AC1 3 TYR A 34 ? TYR A 63   . ? 1_555 ? 
3  AC1 3 HOH E .  ? HOH A 2088 . ? 1_555 ? 
4  AC2 8 LYS A 41 ? LYS A 70   . ? 4_655 ? 
5  AC2 8 ILE A 42 ? ILE A 71   . ? 4_655 ? 
6  AC2 8 THR A 44 ? THR A 73   . ? 4_655 ? 
7  AC2 8 ASN A 73 ? ASN A 102  . ? 1_555 ? 
8  AC2 8 LYS A 78 ? LYS A 107  . ? 1_555 ? 
9  AC2 8 HOH E .  ? HOH A 2047 . ? 4_655 ? 
10 AC2 8 HOH E .  ? HOH A 2083 . ? 1_555 ? 
11 AC2 8 HOH E .  ? HOH A 2090 . ? 1_555 ? 
12 AC3 6 PHE A 30 ? PHE A 59   . ? 4_545 ? 
13 AC3 6 ASP A 45 ? ASP A 74   . ? 1_555 ? 
14 AC3 6 ARG A 46 ? ARG A 75   . ? 1_555 ? 
15 AC3 6 LYS A 51 ? LYS A 80   . ? 1_555 ? 
16 AC3 6 HOH E .  ? HOH A 2031 . ? 4_545 ? 
17 AC3 6 HOH E .  ? HOH A 2050 . ? 1_555 ? 
# 
_atom_sites.entry_id                    2XSF 
_atom_sites.fract_transf_matrix[1][1]   -0.01029507 
_atom_sites.fract_transf_matrix[1][2]   0.00036625 
_atom_sites.fract_transf_matrix[1][3]   0.01878399 
_atom_sites.fract_transf_matrix[2][1]   0.00202856 
_atom_sites.fract_transf_matrix[2][2]   -0.01638761 
_atom_sites.fract_transf_matrix[2][3]   0.01364830 
_atom_sites.fract_transf_matrix[3][1]   0.01193804 
_atom_sites.fract_transf_matrix[3][2]   0.00681634 
_atom_sites.fract_transf_matrix[3][3]   0.00641006 
_atom_sites.fract_transf_vector[1]      0.315915 
_atom_sites.fract_transf_vector[2]      -0.329060 
_atom_sites.fract_transf_vector[3]      -0.030509 
# 
loop_
_atom_type.symbol 
C 
N 
O 
S 
# 
loop_
_atom_site.group_PDB 
_atom_site.id 
_atom_site.type_symbol 
_atom_site.label_atom_id 
_atom_site.label_alt_id 
_atom_site.label_comp_id 
_atom_site.label_asym_id 
_atom_site.label_entity_id 
_atom_site.label_seq_id 
_atom_site.pdbx_PDB_ins_code 
_atom_site.Cartn_x 
_atom_site.Cartn_y 
_atom_site.Cartn_z 
_atom_site.occupancy 
_atom_site.B_iso_or_equiv 
_atom_site.pdbx_formal_charge 
_atom_site.auth_seq_id 
_atom_site.auth_comp_id 
_atom_site.auth_asym_id 
_atom_site.auth_atom_id 
_atom_site.pdbx_PDB_model_num 
ATOM   1   N N   . GLY A 1 6  ? 2.069   18.942  4.139   1.00 56.40 ? 35   GLY A N   1 
ATOM   2   C CA  . GLY A 1 6  ? 1.036   18.168  3.366   1.00 54.35 ? 35   GLY A CA  1 
ATOM   3   C C   . GLY A 1 6  ? -0.014  17.486  4.239   1.00 53.28 ? 35   GLY A C   1 
ATOM   4   O O   . GLY A 1 6  ? 0.163   17.379  5.460   1.00 54.01 ? 35   GLY A O   1 
ATOM   5   N N   . LYS A 1 7  ? -1.104  17.024  3.618   1.00 51.71 ? 36   LYS A N   1 
ATOM   6   C CA  . LYS A 1 7  ? -2.234  16.461  4.365   1.00 50.28 ? 36   LYS A CA  1 
ATOM   7   C C   . LYS A 1 7  ? -2.296  14.935  4.328   1.00 46.61 ? 36   LYS A C   1 
ATOM   8   O O   . LYS A 1 7  ? -2.119  14.316  3.268   1.00 44.49 ? 36   LYS A O   1 
ATOM   9   C CB  . LYS A 1 7  ? -3.567  17.047  3.879   1.00 52.28 ? 36   LYS A CB  1 
ATOM   10  N N   . ILE A 1 8  ? -2.573  14.347  5.493   1.00 45.56 ? 37   ILE A N   1 
ATOM   11  C CA  . ILE A 1 8  ? -2.702  12.894  5.631   1.00 43.04 ? 37   ILE A CA  1 
ATOM   12  C C   . ILE A 1 8  ? -3.961  12.404  4.919   1.00 42.11 ? 37   ILE A C   1 
ATOM   13  O O   . ILE A 1 8  ? -5.070  12.848  5.222   1.00 43.53 ? 37   ILE A O   1 
ATOM   14  C CB  . ILE A 1 8  ? -2.637  12.438  7.123   1.00 43.33 ? 37   ILE A CB  1 
ATOM   15  C CG1 . ILE A 1 8  ? -2.836  10.923  7.249   1.00 42.02 ? 37   ILE A CG1 1 
ATOM   16  C CG2 . ILE A 1 8  ? -3.625  13.214  7.991   1.00 47.28 ? 37   ILE A CG2 1 
ATOM   17  C CD1 . ILE A 1 8  ? -2.017  10.294  8.375   1.00 43.78 ? 37   ILE A CD1 1 
ATOM   18  N N   . MET A 1 9  ? -3.773  11.508  3.952   1.00 39.43 ? 38   MET A N   1 
ATOM   19  C CA  . MET A 1 9  ? -4.875  11.059  3.109   1.00 38.91 ? 38   MET A CA  1 
ATOM   20  C C   . MET A 1 9  ? -5.631  9.982   3.833   1.00 36.90 ? 38   MET A C   1 
ATOM   21  O O   . MET A 1 9  ? -5.088  8.908   4.071   1.00 34.73 ? 38   MET A O   1 
ATOM   22  C CB  . MET A 1 9  ? -4.366  10.494  1.800   1.00 38.33 ? 38   MET A CB  1 
ATOM   23  C CG  . MET A 1 9  ? -3.655  11.499  0.944   1.00 41.96 ? 38   MET A CG  1 
ATOM   24  S SD  . MET A 1 9  ? -3.066  10.659  -0.520  1.00 47.33 ? 38   MET A SD  1 
ATOM   25  C CE  . MET A 1 9  ? -4.590  10.532  -1.479  1.00 47.89 ? 38   MET A CE  1 
ATOM   26  N N   . PRO A 1 10 ? -6.897  10.257  4.181   1.00 37.48 ? 39   PRO A N   1 
ATOM   27  C CA  . PRO A 1 10 ? -7.587  9.167   4.812   1.00 35.86 ? 39   PRO A CA  1 
ATOM   28  C C   . PRO A 1 10 ? -7.853  8.024   3.818   1.00 32.06 ? 39   PRO A C   1 
ATOM   29  O O   . PRO A 1 10 ? -8.029  8.209   2.574   1.00 32.80 ? 39   PRO A O   1 
ATOM   30  C CB  . PRO A 1 10 ? -8.903  9.797   5.305   1.00 38.03 ? 39   PRO A CB  1 
ATOM   31  C CG  . PRO A 1 10 ? -9.110  10.986  4.430   1.00 41.09 ? 39   PRO A CG  1 
ATOM   32  C CD  . PRO A 1 10 ? -7.734  11.474  4.069   1.00 39.68 ? 39   PRO A CD  1 
ATOM   33  N N   . ASN A 1 11 ? -7.854  6.846   4.405   1.00 29.01 ? 40   ASN A N   1 
ATOM   34  C CA  . ASN A 1 11 ? -8.183  5.602   3.730   1.00 24.46 ? 40   ASN A CA  1 
ATOM   35  C C   . ASN A 1 11 ? -7.213  5.168   2.669   1.00 22.49 ? 40   ASN A C   1 
ATOM   36  O O   . ASN A 1 11 ? -7.550  4.309   1.839   1.00 21.04 ? 40   ASN A O   1 
ATOM   37  C CB  . ASN A 1 11 ? -9.628  5.628   3.224   1.00 25.72 ? 40   ASN A CB  1 
ATOM   38  C CG  . ASN A 1 11 ? -10.581 6.037   4.310   1.00 29.67 ? 40   ASN A CG  1 
ATOM   39  O OD1 . ASN A 1 11 ? -10.311 5.820   5.488   1.00 32.43 ? 40   ASN A OD1 1 
ATOM   40  N ND2 . ASN A 1 11 ? -11.689 6.645   3.930   1.00 31.95 ? 40   ASN A ND2 1 
ATOM   41  N N   . THR A 1 12 ? -6.005  5.715   2.723   1.00 20.27 ? 41   THR A N   1 
ATOM   42  C CA  . THR A 1 12 ? -4.930  5.309   1.809   1.00 18.29 ? 41   THR A CA  1 
ATOM   43  C C   . THR A 1 12 ? -3.705  4.887   2.601   1.00 16.55 ? 41   THR A C   1 
ATOM   44  O O   . THR A 1 12 ? -3.350  5.500   3.609   1.00 18.21 ? 41   THR A O   1 
ATOM   45  C CB  . THR A 1 12 ? -4.559  6.467   0.850   1.00 20.06 ? 41   THR A CB  1 
ATOM   46  O OG1 . THR A 1 12 ? -5.733  6.845   0.129   1.00 23.36 ? 41   THR A OG1 1 
ATOM   47  C CG2 . THR A 1 12 ? -3.465  6.045   -0.137  1.00 21.43 ? 41   THR A CG2 1 
ATOM   48  N N   . VAL A 1 13 ? -3.058  3.822   2.166   1.00 14.05 ? 42   VAL A N   1 
ATOM   49  C CA  A VAL A 1 13 ? -1.873  3.374   2.858   0.50 13.96 ? 42   VAL A CA  1 
ATOM   50  C CA  B VAL A 1 13 ? -1.862  3.307   2.842   0.50 14.10 ? 42   VAL A CA  1 
ATOM   51  C C   . VAL A 1 13 ? -0.701  3.365   1.886   1.00 13.82 ? 42   VAL A C   1 
ATOM   52  O O   . VAL A 1 13 ? -0.814  2.860   0.752   1.00 14.07 ? 42   VAL A O   1 
ATOM   53  C CB  A VAL A 1 13 ? -2.133  2.004   3.549   0.50 13.94 ? 42   VAL A CB  1 
ATOM   54  C CB  B VAL A 1 13 ? -2.049  1.833   3.281   0.50 14.04 ? 42   VAL A CB  1 
ATOM   55  C CG1 A VAL A 1 13 ? -2.309  0.889   2.506   0.50 11.63 ? 42   VAL A CG1 1 
ATOM   56  C CG1 B VAL A 1 13 ? -0.762  1.247   3.917   0.50 13.92 ? 42   VAL A CG1 1 
ATOM   57  C CG2 A VAL A 1 13 ? -1.063  1.677   4.572   0.50 15.21 ? 42   VAL A CG2 1 
ATOM   58  C CG2 B VAL A 1 13 ? -3.219  1.713   4.240   0.50 15.12 ? 42   VAL A CG2 1 
ATOM   59  N N   . PHE A 1 14 ? 0.415   3.941   2.329   1.00 12.46 ? 43   PHE A N   1 
ATOM   60  C CA  . PHE A 1 14 ? 1.666   3.825   1.588   1.00 13.16 ? 43   PHE A CA  1 
ATOM   61  C C   . PHE A 1 14 ? 2.222   2.399   1.771   1.00 12.94 ? 43   PHE A C   1 
ATOM   62  O O   . PHE A 1 14 ? 2.218   1.836   2.883   1.00 12.48 ? 43   PHE A O   1 
ATOM   63  C CB  . PHE A 1 14 ? 2.665   4.845   2.152   1.00 12.47 ? 43   PHE A CB  1 
ATOM   64  C CG  . PHE A 1 14 ? 4.089   4.600   1.701   1.00 14.56 ? 43   PHE A CG  1 
ATOM   65  C CD1 . PHE A 1 14 ? 4.540   5.119   0.501   1.00 18.11 ? 43   PHE A CD1 1 
ATOM   66  C CD2 . PHE A 1 14 ? 4.929   3.814   2.482   1.00 16.41 ? 43   PHE A CD2 1 
ATOM   67  C CE1 . PHE A 1 14 ? 5.875   4.889   0.092   1.00 16.18 ? 43   PHE A CE1 1 
ATOM   68  C CE2 . PHE A 1 14 ? 6.257   3.562   2.107   1.00 17.90 ? 43   PHE A CE2 1 
ATOM   69  C CZ  . PHE A 1 14 ? 6.706   4.095   0.880   1.00 16.80 ? 43   PHE A CZ  1 
ATOM   70  N N   . VAL A 1 15 ? 2.711   1.799   0.699   1.00 12.50 ? 44   VAL A N   1 
ATOM   71  C CA  . VAL A 1 15 ? 3.297   0.469   0.747   1.00 13.44 ? 44   VAL A CA  1 
ATOM   72  C C   . VAL A 1 15 ? 4.708   0.474   0.161   1.00 13.82 ? 44   VAL A C   1 
ATOM   73  O O   . VAL A 1 15 ? 4.874   0.603   -1.060  1.00 14.05 ? 44   VAL A O   1 
ATOM   74  C CB  . VAL A 1 15 ? 2.416   -0.557  -0.031  1.00 12.61 ? 44   VAL A CB  1 
ATOM   75  C CG1 . VAL A 1 15 ? 2.966   -1.995  0.114   1.00 16.18 ? 44   VAL A CG1 1 
ATOM   76  C CG2 . VAL A 1 15 ? 0.969   -0.419  0.415   1.00 13.24 ? 44   VAL A CG2 1 
ATOM   77  N N   . GLY A 1 16 ? 5.712   0.399   1.031   1.00 13.58 ? 45   GLY A N   1 
ATOM   78  C CA  . GLY A 1 16 ? 7.133   0.369   0.611   1.00 14.55 ? 45   GLY A CA  1 
ATOM   79  C C   . GLY A 1 16 ? 7.658   -1.050  0.491   1.00 15.63 ? 45   GLY A C   1 
ATOM   80  O O   . GLY A 1 16 ? 7.137   -1.980  1.118   1.00 15.01 ? 45   GLY A O   1 
ATOM   81  N N   . GLY A 1 17 ? 8.683   -1.248  -0.334  1.00 16.07 ? 46   GLY A N   1 
ATOM   82  C CA  . GLY A 1 17 ? 9.426   -2.503  -0.355  1.00 17.47 ? 46   GLY A CA  1 
ATOM   83  C C   . GLY A 1 17 ? 8.738   -3.569  -1.185  1.00 18.87 ? 46   GLY A C   1 
ATOM   84  O O   . GLY A 1 17 ? 8.955   -4.780  -0.965  1.00 20.85 ? 46   GLY A O   1 
ATOM   85  N N   . ILE A 1 18 ? 7.949   -3.132  -2.164  1.00 18.49 ? 47   ILE A N   1 
ATOM   86  C CA  . ILE A 1 18 ? 7.196   -4.051  -3.028  1.00 20.20 ? 47   ILE A CA  1 
ATOM   87  C C   . ILE A 1 18 ? 8.171   -4.785  -3.954  1.00 22.30 ? 47   ILE A C   1 
ATOM   88  O O   . ILE A 1 18 ? 8.967   -4.156  -4.675  1.00 21.60 ? 47   ILE A O   1 
ATOM   89  C CB  . ILE A 1 18 ? 6.143   -3.311  -3.870  1.00 18.75 ? 47   ILE A CB  1 
ATOM   90  C CG1 . ILE A 1 18 ? 5.172   -2.501  -2.993  1.00 18.41 ? 47   ILE A CG1 1 
ATOM   91  C CG2 . ILE A 1 18 ? 5.414   -4.296  -4.818  1.00 19.09 ? 47   ILE A CG2 1 
ATOM   92  C CD1 . ILE A 1 18 ? 4.233   -1.561  -3.811  1.00 19.97 ? 47   ILE A CD1 1 
ATOM   93  N N   . ASP A 1 19 ? 8.133   -6.120  -3.895  1.00 23.30 ? 48   ASP A N   1 
ATOM   94  C CA  . ASP A 1 19 ? 8.993   -6.963  -4.706  1.00 27.17 ? 48   ASP A CA  1 
ATOM   95  C C   . ASP A 1 19 ? 8.612   -6.834  -6.180  1.00 28.12 ? 48   ASP A C   1 
ATOM   96  O O   . ASP A 1 19 ? 7.440   -6.620  -6.521  1.00 26.46 ? 48   ASP A O   1 
ATOM   97  C CB  . ASP A 1 19 ? 8.843   -8.421  -4.249  1.00 28.56 ? 48   ASP A CB  1 
ATOM   98  C CG  . ASP A 1 19 ? 9.911   -9.319  -4.795  1.00 35.13 ? 48   ASP A CG  1 
ATOM   99  O OD1 . ASP A 1 19 ? 11.072  -9.273  -4.299  1.00 41.64 ? 48   ASP A OD1 1 
ATOM   100 O OD2 . ASP A 1 19 ? 9.600   -10.093 -5.722  1.00 40.52 ? 48   ASP A OD2 1 
ATOM   101 N N   . VAL A 1 20 ? 9.610   -6.945  -7.045  1.00 30.67 ? 49   VAL A N   1 
ATOM   102 C CA  . VAL A 1 20 ? 9.403   -6.887  -8.494  1.00 33.28 ? 49   VAL A CA  1 
ATOM   103 C C   . VAL A 1 20 ? 8.383   -7.955  -8.971  1.00 34.11 ? 49   VAL A C   1 
ATOM   104 O O   . VAL A 1 20 ? 7.696   -7.754  -9.970  1.00 35.11 ? 49   VAL A O   1 
ATOM   105 C CB  . VAL A 1 20 ? 10.766  -6.984  -9.256  1.00 36.16 ? 49   VAL A CB  1 
ATOM   106 C CG1 . VAL A 1 20 ? 11.461  -8.324  -8.997  1.00 37.12 ? 49   VAL A CG1 1 
ATOM   107 C CG2 . VAL A 1 20 ? 10.589  -6.724  -10.766 1.00 38.02 ? 49   VAL A CG2 1 
ATOM   108 N N   . ARG A 1 21 ? 8.273   -9.063  -8.223  1.00 34.44 ? 50   ARG A N   1 
ATOM   109 C CA  . ARG A 1 21 ? 7.325   -10.157 -8.521  1.00 35.65 ? 50   ARG A CA  1 
ATOM   110 C C   . ARG A 1 21 ? 5.869   -9.880  -8.115  1.00 34.02 ? 50   ARG A C   1 
ATOM   111 O O   . ARG A 1 21 ? 4.932   -10.493 -8.643  1.00 34.04 ? 50   ARG A O   1 
ATOM   112 C CB  . ARG A 1 21 ? 7.824   -11.491 -7.925  1.00 37.40 ? 50   ARG A CB  1 
ATOM   113 N N   . MET A 1 22 ? 5.673   -8.968  -7.169  1.00 31.88 ? 51   MET A N   1 
ATOM   114 C CA  A MET A 1 22 ? 4.333   -8.613  -6.731  0.50 30.43 ? 51   MET A CA  1 
ATOM   115 C CA  B MET A 1 22 ? 4.327   -8.613  -6.727  0.50 30.79 ? 51   MET A CA  1 
ATOM   116 C C   . MET A 1 22 ? 3.640   -7.711  -7.737  1.00 30.97 ? 51   MET A C   1 
ATOM   117 O O   . MET A 1 22 ? 4.202   -6.705  -8.184  1.00 32.11 ? 51   MET A O   1 
ATOM   118 C CB  A MET A 1 22 ? 4.405   -7.918  -5.386  0.50 29.10 ? 51   MET A CB  1 
ATOM   119 C CB  B MET A 1 22 ? 4.378   -7.914  -5.376  0.50 29.62 ? 51   MET A CB  1 
ATOM   120 C CG  A MET A 1 22 ? 3.083   -7.828  -4.700  0.50 27.38 ? 51   MET A CG  1 
ATOM   121 C CG  B MET A 1 22 ? 5.095   -8.687  -4.297  0.50 30.92 ? 51   MET A CG  1 
ATOM   122 S SD  A MET A 1 22 ? 3.353   -7.197  -3.056  0.50 29.15 ? 51   MET A SD  1 
ATOM   123 S SD  B MET A 1 22 ? 5.017   -7.704  -2.796  0.50 33.30 ? 51   MET A SD  1 
ATOM   124 C CE  A MET A 1 22 ? 5.053   -7.685  -2.778  0.50 30.77 ? 51   MET A CE  1 
ATOM   125 C CE  B MET A 1 22 ? 3.318   -7.162  -2.905  0.50 31.53 ? 51   MET A CE  1 
ATOM   126 N N   . ASP A 1 23 ? 2.424   -8.071  -8.120  1.00 29.21 ? 52   ASP A N   1 
ATOM   127 C CA  . ASP A 1 23 ? 1.726   -7.234  -9.076  1.00 28.46 ? 52   ASP A CA  1 
ATOM   128 C C   . ASP A 1 23 ? 0.492   -6.592  -8.471  1.00 26.64 ? 52   ASP A C   1 
ATOM   129 O O   . ASP A 1 23 ? 0.165   -6.836  -7.290  1.00 24.51 ? 52   ASP A O   1 
ATOM   130 C CB  . ASP A 1 23 ? 1.441   -7.978  -10.391 1.00 29.99 ? 52   ASP A CB  1 
ATOM   131 C CG  . ASP A 1 23 ? 0.527   -9.200  -10.223 1.00 31.69 ? 52   ASP A CG  1 
ATOM   132 O OD1 . ASP A 1 23 ? -0.157  -9.354  -9.190  1.00 29.11 ? 52   ASP A OD1 1 
ATOM   133 O OD2 . ASP A 1 23 ? 0.460   -10.008 -11.181 1.00 33.52 ? 52   ASP A OD2 1 
ATOM   134 N N   . GLU A 1 24 ? -0.178  -5.756  -9.266  1.00 25.28 ? 53   GLU A N   1 
ATOM   135 C CA  . GLU A 1 24 ? -1.327  -5.008  -8.784  1.00 24.16 ? 53   GLU A CA  1 
ATOM   136 C C   . GLU A 1 24 ? -2.390  -5.973  -8.261  1.00 23.75 ? 53   GLU A C   1 
ATOM   137 O O   . GLU A 1 24 ? -3.011  -5.706  -7.246  1.00 23.80 ? 53   GLU A O   1 
ATOM   138 C CB  . GLU A 1 24 ? -1.938  -4.102  -9.885  1.00 24.74 ? 53   GLU A CB  1 
ATOM   139 C CG  . GLU A 1 24 ? -3.291  -3.518  -9.414  1.00 26.53 ? 53   GLU A CG  1 
ATOM   140 C CD  . GLU A 1 24 ? -3.746  -2.253  -10.130 1.00 25.65 ? 53   GLU A CD  1 
ATOM   141 O OE1 . GLU A 1 24 ? -4.902  -1.822  -9.891  1.00 26.59 ? 53   GLU A OE1 1 
ATOM   142 O OE2 . GLU A 1 24 ? -2.972  -1.698  -10.944 1.00 30.49 ? 53   GLU A OE2 1 
ATOM   143 N N   . THR A 1 25 ? -2.579  -7.099  -8.945  1.00 24.52 ? 54   THR A N   1 
ATOM   144 C CA  . THR A 1 25 ? -3.601  -8.057  -8.537  1.00 25.60 ? 54   THR A CA  1 
ATOM   145 C C   . THR A 1 25 ? -3.273  -8.689  -7.204  1.00 23.62 ? 54   THR A C   1 
ATOM   146 O O   . THR A 1 25 ? -4.163  -8.875  -6.382  1.00 23.36 ? 54   THR A O   1 
ATOM   147 C CB  . THR A 1 25 ? -3.802  -9.154  -9.580  1.00 28.02 ? 54   THR A CB  1 
ATOM   148 O OG1 . THR A 1 25 ? -4.576  -8.613  -10.651 1.00 32.98 ? 54   THR A OG1 1 
ATOM   149 C CG2 . THR A 1 25 ? -4.568  -10.319 -9.004  1.00 31.53 ? 54   THR A CG2 1 
ATOM   150 N N   . GLU A 1 26 ? -2.000  -9.059  -7.010  1.00 23.42 ? 55   GLU A N   1 
ATOM   151 C CA  . GLU A 1 26 ? -1.608  -9.661  -5.732  1.00 22.35 ? 55   GLU A CA  1 
ATOM   152 C C   . GLU A 1 26 ? -1.800  -8.658  -4.601  1.00 19.94 ? 55   GLU A C   1 
ATOM   153 O O   . GLU A 1 26 ? -2.219  -9.042  -3.496  1.00 18.94 ? 55   GLU A O   1 
ATOM   154 C CB  . GLU A 1 26 ? -0.163  -10.140 -5.752  1.00 23.02 ? 55   GLU A CB  1 
ATOM   155 C CG  . GLU A 1 26 ? 0.307   -10.697 -4.397  1.00 27.31 ? 55   GLU A CG  1 
ATOM   156 C CD  . GLU A 1 26 ? 1.798   -11.056 -4.383  1.00 34.08 ? 55   GLU A CD  1 
ATOM   157 O OE1 . GLU A 1 26 ? 2.356   -11.381 -5.454  1.00 38.19 ? 55   GLU A OE1 1 
ATOM   158 O OE2 . GLU A 1 26 ? 2.408   -11.015 -3.287  1.00 38.62 ? 55   GLU A OE2 1 
ATOM   159 N N   . ILE A 1 27 ? -1.460  -7.392  -4.853  1.00 17.59 ? 56   ILE A N   1 
ATOM   160 C CA  . ILE A 1 27 ? -1.628  -6.336  -3.840  1.00 16.47 ? 56   ILE A CA  1 
ATOM   161 C C   . ILE A 1 27 ? -3.106  -6.112  -3.536  1.00 16.46 ? 56   ILE A C   1 
ATOM   162 O O   . ILE A 1 27 ? -3.492  -6.046  -2.367  1.00 16.27 ? 56   ILE A O   1 
ATOM   163 C CB  . ILE A 1 27 ? -0.975  -5.023  -4.283  1.00 16.76 ? 56   ILE A CB  1 
ATOM   164 C CG1 . ILE A 1 27 ? 0.531   -5.190  -4.338  1.00 20.23 ? 56   ILE A CG1 1 
ATOM   165 C CG2 . ILE A 1 27 ? -1.274  -3.865  -3.318  1.00 17.39 ? 56   ILE A CG2 1 
ATOM   166 C CD1 . ILE A 1 27 ? 1.199   -4.081  -5.170  1.00 23.19 ? 56   ILE A CD1 1 
ATOM   167 N N   . ARG A 1 28 ? -3.911  -5.990  -4.591  1.00 17.22 ? 57   ARG A N   1 
ATOM   168 C CA  A ARG A 1 28 ? -5.363  -5.867  -4.436  0.50 17.64 ? 57   ARG A CA  1 
ATOM   169 C CA  B ARG A 1 28 ? -5.357  -5.857  -4.416  0.50 17.93 ? 57   ARG A CA  1 
ATOM   170 C C   . ARG A 1 28 ? -5.921  -7.020  -3.609  1.00 18.82 ? 57   ARG A C   1 
ATOM   171 O O   . ARG A 1 28 ? -6.697  -6.803  -2.678  1.00 19.85 ? 57   ARG A O   1 
ATOM   172 C CB  A ARG A 1 28 ? -6.037  -5.803  -5.810  0.50 19.59 ? 57   ARG A CB  1 
ATOM   173 C CB  B ARG A 1 28 ? -6.063  -5.764  -5.765  0.50 20.02 ? 57   ARG A CB  1 
ATOM   174 C CG  A ARG A 1 28 ? -5.953  -4.435  -6.465  0.50 18.09 ? 57   ARG A CG  1 
ATOM   175 C CG  B ARG A 1 28 ? -7.573  -5.784  -5.637  0.50 20.71 ? 57   ARG A CG  1 
ATOM   176 C CD  A ARG A 1 28 ? -6.633  -4.418  -7.831  0.50 18.93 ? 57   ARG A CD  1 
ATOM   177 C CD  B ARG A 1 28 ? -8.236  -5.589  -6.988  0.50 23.28 ? 57   ARG A CD  1 
ATOM   178 N NE  A ARG A 1 28 ? -6.837  -3.048  -8.261  0.50 20.19 ? 57   ARG A NE  1 
ATOM   179 N NE  B ARG A 1 28 ? -8.020  -4.224  -7.460  0.50 24.52 ? 57   ARG A NE  1 
ATOM   180 C CZ  A ARG A 1 28 ? -7.858  -2.298  -7.887  0.50 21.09 ? 57   ARG A CZ  1 
ATOM   181 C CZ  B ARG A 1 28 ? -8.693  -3.194  -6.980  0.50 23.73 ? 57   ARG A CZ  1 
ATOM   182 N NH1 A ARG A 1 28 ? -8.795  -2.807  -7.102  0.50 22.00 ? 57   ARG A NH1 1 
ATOM   183 N NH1 B ARG A 1 28 ? -9.597  -3.410  -6.034  0.50 25.75 ? 57   ARG A NH1 1 
ATOM   184 N NH2 A ARG A 1 28 ? -7.954  -1.049  -8.319  0.50 21.09 ? 57   ARG A NH2 1 
ATOM   185 N NH2 B ARG A 1 28 ? -8.470  -1.962  -7.434  0.50 24.92 ? 57   ARG A NH2 1 
ATOM   186 N N   . SER A 1 29 ? -5.505  -8.245  -3.944  1.00 18.00 ? 58   SER A N   1 
ATOM   187 C CA  . SER A 1 29 ? -6.001  -9.450  -3.286  1.00 19.41 ? 58   SER A CA  1 
ATOM   188 C C   . SER A 1 29 ? -5.646  -9.461  -1.823  1.00 18.56 ? 58   SER A C   1 
ATOM   189 O O   . SER A 1 29 ? -6.502  -9.790  -0.962  1.00 20.43 ? 58   SER A O   1 
ATOM   190 C CB  . SER A 1 29 ? -5.509  -10.708 -3.984  1.00 20.19 ? 58   SER A CB  1 
ATOM   191 O OG  . SER A 1 29 ? -6.075  -10.775 -5.285  1.00 22.62 ? 58   SER A OG  1 
ATOM   192 N N   . PHE A 1 30 ? -4.402  -9.081  -1.530  1.00 16.94 ? 59   PHE A N   1 
ATOM   193 C CA  . PHE A 1 30 ? -3.975  -9.058  -0.153  1.00 17.71 ? 59   PHE A CA  1 
ATOM   194 C C   . PHE A 1 30 ? -4.751  -8.036  0.667   1.00 16.89 ? 59   PHE A C   1 
ATOM   195 O O   . PHE A 1 30 ? -5.283  -8.346  1.765   1.00 18.22 ? 59   PHE A O   1 
ATOM   196 C CB  . PHE A 1 30 ? -2.467  -8.809  -0.042  1.00 16.53 ? 59   PHE A CB  1 
ATOM   197 C CG  . PHE A 1 30 ? -2.009  -8.782  1.376   1.00 20.40 ? 59   PHE A CG  1 
ATOM   198 C CD1 . PHE A 1 30 ? -1.728  -9.974  2.044   1.00 22.01 ? 59   PHE A CD1 1 
ATOM   199 C CD2 . PHE A 1 30 ? -1.950  -7.569  2.078   1.00 19.16 ? 59   PHE A CD2 1 
ATOM   200 C CE1 . PHE A 1 30 ? -1.351  -9.965  3.404   1.00 23.15 ? 59   PHE A CE1 1 
ATOM   201 C CE2 . PHE A 1 30 ? -1.598  -7.555  3.443   1.00 23.20 ? 59   PHE A CE2 1 
ATOM   202 C CZ  . PHE A 1 30 ? -1.273  -8.734  4.089   1.00 21.89 ? 59   PHE A CZ  1 
ATOM   203 N N   . PHE A 1 31 ? -4.826  -6.808  0.151   1.00 16.97 ? 60   PHE A N   1 
ATOM   204 C CA  . PHE A 1 31 ? -5.411  -5.719  0.935   1.00 17.13 ? 60   PHE A CA  1 
ATOM   205 C C   . PHE A 1 31 ? -6.923  -5.780  1.073   1.00 18.31 ? 60   PHE A C   1 
ATOM   206 O O   . PHE A 1 31 ? -7.487  -5.087  1.930   1.00 19.03 ? 60   PHE A O   1 
ATOM   207 C CB  . PHE A 1 31 ? -4.912  -4.344  0.435   1.00 15.33 ? 60   PHE A CB  1 
ATOM   208 C CG  . PHE A 1 31 ? -3.526  -4.042  0.921   1.00 15.03 ? 60   PHE A CG  1 
ATOM   209 C CD1 . PHE A 1 31 ? -3.334  -3.603  2.245   1.00 17.94 ? 60   PHE A CD1 1 
ATOM   210 C CD2 . PHE A 1 31 ? -2.434  -4.341  0.116   1.00 16.81 ? 60   PHE A CD2 1 
ATOM   211 C CE1 . PHE A 1 31 ? -2.035  -3.390  2.734   1.00 19.21 ? 60   PHE A CE1 1 
ATOM   212 C CE2 . PHE A 1 31 ? -1.101  -4.106  0.583   1.00 17.22 ? 60   PHE A CE2 1 
ATOM   213 C CZ  . PHE A 1 31 ? -0.927  -3.632  1.887   1.00 18.01 ? 60   PHE A CZ  1 
ATOM   214 N N   . ALA A 1 32 ? -7.538  -6.680  0.313   1.00 18.46 ? 61   ALA A N   1 
ATOM   215 C CA  . ALA A 1 32 ? -8.966  -6.920  0.431   1.00 18.84 ? 61   ALA A CA  1 
ATOM   216 C C   . ALA A 1 32 ? -9.306  -7.381  1.845   1.00 19.20 ? 61   ALA A C   1 
ATOM   217 O O   . ALA A 1 32 ? -10.458 -7.280  2.253   1.00 21.46 ? 61   ALA A O   1 
ATOM   218 C CB  . ALA A 1 32 ? -9.415  -7.933  -0.586  1.00 20.05 ? 61   ALA A CB  1 
ATOM   219 N N   . ARG A 1 33 ? -8.320  -7.905  2.576   1.00 20.05 ? 62   ARG A N   1 
ATOM   220 C CA  . ARG A 1 33 ? -8.603  -8.378  3.932   1.00 22.04 ? 62   ARG A CA  1 
ATOM   221 C C   . ARG A 1 33 ? -8.940  -7.225  4.882   1.00 22.93 ? 62   ARG A C   1 
ATOM   222 O O   . ARG A 1 33 ? -9.496  -7.453  5.954   1.00 24.37 ? 62   ARG A O   1 
ATOM   223 C CB  . ARG A 1 33 ? -7.467  -9.231  4.493   1.00 23.52 ? 62   ARG A CB  1 
ATOM   224 C CG  . ARG A 1 33 ? -6.189  -8.446  4.834   1.00 21.89 ? 62   ARG A CG  1 
ATOM   225 C CD  . ARG A 1 33 ? -5.027  -9.356  5.133   1.00 23.83 ? 62   ARG A CD  1 
ATOM   226 N NE  . ARG A 1 33 ? -4.814  -10.264 4.005   1.00 23.90 ? 62   ARG A NE  1 
ATOM   227 C CZ  . ARG A 1 33 ? -4.131  -11.407 4.052   1.00 29.22 ? 62   ARG A CZ  1 
ATOM   228 N NH1 . ARG A 1 33 ? -3.575  -11.823 5.184   1.00 29.63 ? 62   ARG A NH1 1 
ATOM   229 N NH2 . ARG A 1 33 ? -4.039  -12.155 2.960   1.00 29.12 ? 62   ARG A NH2 1 
ATOM   230 N N   . TYR A 1 34 ? -8.590  -6.000  4.490   1.00 21.39 ? 63   TYR A N   1 
ATOM   231 C CA  . TYR A 1 34 ? -8.817  -4.817  5.326   1.00 22.56 ? 63   TYR A CA  1 
ATOM   232 C C   . TYR A 1 34 ? -10.004 -3.975  4.876   1.00 23.58 ? 63   TYR A C   1 
ATOM   233 O O   . TYR A 1 34 ? -10.440 -3.066  5.596   1.00 25.86 ? 63   TYR A O   1 
ATOM   234 C CB  . TYR A 1 34 ? -7.566  -3.951  5.314   1.00 20.70 ? 63   TYR A CB  1 
ATOM   235 C CG  . TYR A 1 34 ? -6.434  -4.516  6.133   1.00 20.30 ? 63   TYR A CG  1 
ATOM   236 C CD1 . TYR A 1 34 ? -6.578  -4.684  7.513   1.00 24.45 ? 63   TYR A CD1 1 
ATOM   237 C CD2 . TYR A 1 34 ? -5.264  -4.950  5.524   1.00 21.34 ? 63   TYR A CD2 1 
ATOM   238 C CE1 . TYR A 1 34 ? -5.541  -5.207  8.274   1.00 26.33 ? 63   TYR A CE1 1 
ATOM   239 C CE2 . TYR A 1 34 ? -4.210  -5.473  6.278   1.00 21.14 ? 63   TYR A CE2 1 
ATOM   240 C CZ  . TYR A 1 34 ? -4.377  -5.596  7.662   1.00 21.46 ? 63   TYR A CZ  1 
ATOM   241 O OH  . TYR A 1 34 ? -3.369  -6.103  8.449   1.00 22.44 ? 63   TYR A OH  1 
ATOM   242 N N   . GLY A 1 35 ? -10.551 -4.267  3.700   1.00 22.29 ? 64   GLY A N   1 
ATOM   243 C CA  . GLY A 1 35 ? -11.672 -3.485  3.220   1.00 22.34 ? 64   GLY A CA  1 
ATOM   244 C C   . GLY A 1 35 ? -11.766 -3.535  1.714   1.00 20.94 ? 64   GLY A C   1 
ATOM   245 O O   . GLY A 1 35 ? -10.966 -4.187  1.058   1.00 20.15 ? 64   GLY A O   1 
ATOM   246 N N   . SER A 1 36 ? -12.758 -2.844  1.176   1.00 20.13 ? 65   SER A N   1 
ATOM   247 C CA  . SER A 1 36 ? -12.996 -2.840  -0.264  1.00 19.26 ? 65   SER A CA  1 
ATOM   248 C C   . SER A 1 36 ? -11.941 -1.922  -0.891  1.00 18.40 ? 65   SER A C   1 
ATOM   249 O O   . SER A 1 36 ? -11.921 -0.714  -0.632  1.00 19.68 ? 65   SER A O   1 
ATOM   250 C CB  . SER A 1 36 ? -14.391 -2.311  -0.537  1.00 20.95 ? 65   SER A CB  1 
ATOM   251 O OG  . SER A 1 36 ? -15.356 -3.267  -0.113  1.00 23.45 ? 65   SER A OG  1 
ATOM   252 N N   . VAL A 1 37 ? -11.074 -2.502  -1.722  1.00 17.04 ? 66   VAL A N   1 
ATOM   253 C CA  . VAL A 1 37 ? -9.958  -1.745  -2.306  1.00 15.16 ? 66   VAL A CA  1 
ATOM   254 C C   . VAL A 1 37 ? -10.442 -0.947  -3.529  1.00 15.63 ? 66   VAL A C   1 
ATOM   255 O O   . VAL A 1 37 ? -11.095 -1.479  -4.418  1.00 17.04 ? 66   VAL A O   1 
ATOM   256 C CB  . VAL A 1 37 ? -8.863  -2.730  -2.720  1.00 15.68 ? 66   VAL A CB  1 
ATOM   257 C CG1 . VAL A 1 37 ? -7.775  -1.996  -3.549  1.00 15.09 ? 66   VAL A CG1 1 
ATOM   258 C CG2 . VAL A 1 37 ? -8.285  -3.432  -1.509  1.00 16.97 ? 66   VAL A CG2 1 
ATOM   259 N N   . LYS A 1 38 ? -10.139 0.344   -3.547  1.00 15.36 ? 67   LYS A N   1 
ATOM   260 C CA  . LYS A 1 38 ? -10.522 1.251   -4.597  1.00 17.33 ? 67   LYS A CA  1 
ATOM   261 C C   . LYS A 1 38 ? -9.428  1.346   -5.672  1.00 17.43 ? 67   LYS A C   1 
ATOM   262 O O   . LYS A 1 38 ? -9.691  1.127   -6.853  1.00 18.80 ? 67   LYS A O   1 
ATOM   263 C CB  . LYS A 1 38 ? -10.804 2.627   -3.991  1.00 18.48 ? 67   LYS A CB  1 
ATOM   264 C CG  . LYS A 1 38 ? -11.295 3.641   -4.982  1.00 21.54 ? 67   LYS A CG  1 
ATOM   265 C CD  . LYS A 1 38 ? -11.714 4.941   -4.300  1.00 26.63 ? 67   LYS A CD  1 
ATOM   266 C CE  . LYS A 1 38 ? -12.189 5.936   -5.343  1.00 34.07 ? 67   LYS A CE  1 
ATOM   267 N NZ  . LYS A 1 38 ? -12.668 7.220   -4.733  1.00 38.82 ? 67   LYS A NZ  1 
ATOM   268 N N   . GLU A 1 39 ? -8.225  1.728   -5.275  1.00 17.60 ? 68   GLU A N   1 
ATOM   269 C CA  . GLU A 1 39 ? -7.144  1.877   -6.243  1.00 19.17 ? 68   GLU A CA  1 
ATOM   270 C C   . GLU A 1 39 ? -5.869  1.272   -5.674  1.00 17.96 ? 68   GLU A C   1 
ATOM   271 O O   . GLU A 1 39 ? -5.581  1.379   -4.474  1.00 16.77 ? 68   GLU A O   1 
ATOM   272 C CB  . GLU A 1 39 ? -6.910  3.349   -6.555  1.00 20.87 ? 68   GLU A CB  1 
ATOM   273 C CG  . GLU A 1 39 ? -5.761  3.591   -7.567  1.00 28.16 ? 68   GLU A CG  1 
ATOM   274 C CD  . GLU A 1 39 ? -5.625  5.038   -7.990  1.00 37.29 ? 68   GLU A CD  1 
ATOM   275 O OE1 . GLU A 1 39 ? -6.374  5.895   -7.461  1.00 40.76 ? 68   GLU A OE1 1 
ATOM   276 O OE2 . GLU A 1 39 ? -4.766  5.309   -8.870  1.00 40.84 ? 68   GLU A OE2 1 
ATOM   277 N N   . VAL A 1 40 ? -5.107  0.630   -6.550  1.00 17.76 ? 69   VAL A N   1 
ATOM   278 C CA  . VAL A 1 40 ? -3.727  0.240   -6.252  1.00 17.38 ? 69   VAL A CA  1 
ATOM   279 C C   . VAL A 1 40 ? -2.843  0.950   -7.260  1.00 18.37 ? 69   VAL A C   1 
ATOM   280 O O   . VAL A 1 40 ? -3.013  0.808   -8.479  1.00 19.48 ? 69   VAL A O   1 
ATOM   281 C CB  . VAL A 1 40 ? -3.522  -1.290  -6.314  1.00 17.12 ? 69   VAL A CB  1 
ATOM   282 C CG1 . VAL A 1 40 ? -2.027  -1.683  -6.138  1.00 16.16 ? 69   VAL A CG1 1 
ATOM   283 C CG2 . VAL A 1 40 ? -4.355  -1.993  -5.230  1.00 18.87 ? 69   VAL A CG2 1 
ATOM   284 N N   . LYS A 1 41 ? -1.898  1.747   -6.775  1.00 17.38 ? 70   LYS A N   1 
ATOM   285 C CA  . LYS A 1 41 ? -0.938  2.377   -7.683  1.00 20.22 ? 70   LYS A CA  1 
ATOM   286 C C   . LYS A 1 41 ? 0.478   1.966   -7.310  1.00 19.96 ? 70   LYS A C   1 
ATOM   287 O O   . LYS A 1 41 ? 0.902   2.215   -6.170  1.00 20.70 ? 70   LYS A O   1 
ATOM   288 C CB  . LYS A 1 41 ? -1.108  3.877   -7.626  1.00 21.72 ? 70   LYS A CB  1 
ATOM   289 C CG  . LYS A 1 41 ? -0.068  4.638   -8.418  1.00 27.06 ? 70   LYS A CG  1 
ATOM   290 C CD  . LYS A 1 41 ? -0.481  6.044   -8.770  1.00 35.92 ? 70   LYS A CD  1 
ATOM   291 C CE  . LYS A 1 41 ? 0.186   6.422   -10.094 1.00 41.95 ? 70   LYS A CE  1 
ATOM   292 N NZ  . LYS A 1 41 ? 0.546   7.873   -10.311 1.00 47.05 ? 70   LYS A NZ  1 
ATOM   293 N N   . ILE A 1 42 ? 1.187   1.310   -8.230  1.00 18.99 ? 71   ILE A N   1 
ATOM   294 C CA  . ILE A 1 42 ? 2.608   1.009   -8.024  1.00 16.81 ? 71   ILE A CA  1 
ATOM   295 C C   . ILE A 1 42 ? 3.330   2.122   -8.758  1.00 16.98 ? 71   ILE A C   1 
ATOM   296 O O   . ILE A 1 42 ? 3.086   2.365   -9.974  1.00 17.94 ? 71   ILE A O   1 
ATOM   297 C CB  . ILE A 1 42 ? 3.015   -0.395  -8.554  1.00 17.90 ? 71   ILE A CB  1 
ATOM   298 C CG1 . ILE A 1 42 ? 2.221   -1.505  -7.846  1.00 19.71 ? 71   ILE A CG1 1 
ATOM   299 C CG2 . ILE A 1 42 ? 4.526   -0.627  -8.407  1.00 16.26 ? 71   ILE A CG2 1 
ATOM   300 C CD1 . ILE A 1 42 ? 2.457   -2.915  -8.443  1.00 23.47 ? 71   ILE A CD1 1 
ATOM   301 N N   . ILE A 1 43 ? 4.173   2.840   -8.037  1.00 15.96 ? 72   ILE A N   1 
ATOM   302 C CA  . ILE A 1 43 ? 4.853   4.009   -8.626  1.00 16.18 ? 72   ILE A CA  1 
ATOM   303 C C   . ILE A 1 43 ? 5.976   3.489   -9.510  1.00 16.05 ? 72   ILE A C   1 
ATOM   304 O O   . ILE A 1 43 ? 6.734   2.613   -9.096  1.00 15.40 ? 72   ILE A O   1 
ATOM   305 C CB  . ILE A 1 43 ? 5.404   4.944   -7.527  1.00 16.66 ? 72   ILE A CB  1 
ATOM   306 C CG1 . ILE A 1 43 ? 4.251   5.487   -6.653  1.00 18.26 ? 72   ILE A CG1 1 
ATOM   307 C CG2 . ILE A 1 43 ? 6.274   6.044   -8.209  1.00 19.05 ? 72   ILE A CG2 1 
ATOM   308 C CD1 . ILE A 1 43 ? 3.198   6.309   -7.396  1.00 21.43 ? 72   ILE A CD1 1 
ATOM   309 N N   . THR A 1 44 ? 6.061   3.997   -10.750 1.00 15.62 ? 73   THR A N   1 
ATOM   310 C CA  . THR A 1 44 ? 7.088   3.513   -11.661 1.00 15.23 ? 73   THR A CA  1 
ATOM   311 C C   . THR A 1 44 ? 7.913   4.679   -12.160 1.00 15.20 ? 73   THR A C   1 
ATOM   312 O O   . THR A 1 44 ? 7.491   5.850   -12.130 1.00 16.69 ? 73   THR A O   1 
ATOM   313 C CB  . THR A 1 44 ? 6.514   2.790   -12.900 1.00 15.60 ? 73   THR A CB  1 
ATOM   314 O OG1 . THR A 1 44 ? 5.645   3.671   -13.635 1.00 15.88 ? 73   THR A OG1 1 
ATOM   315 C CG2 . THR A 1 44 ? 5.735   1.513   -12.487 1.00 14.78 ? 73   THR A CG2 1 
ATOM   316 N N   . ASP A 1 45 ? 9.099   4.340   -12.599 1.00 14.47 ? 74   ASP A N   1 
ATOM   317 C CA  . ASP A 1 45 ? 9.968   5.321   -13.276 1.00 14.80 ? 74   ASP A CA  1 
ATOM   318 C C   . ASP A 1 45 ? 9.508   5.628   -14.702 1.00 15.10 ? 74   ASP A C   1 
ATOM   319 O O   . ASP A 1 45 ? 8.478   5.144   -15.170 1.00 15.69 ? 74   ASP A O   1 
ATOM   320 C CB  . ASP A 1 45 ? 11.444  4.874   -13.213 1.00 16.78 ? 74   ASP A CB  1 
ATOM   321 C CG  . ASP A 1 45 ? 11.740  3.659   -14.086 1.00 16.06 ? 74   ASP A CG  1 
ATOM   322 O OD1 . ASP A 1 45 ? 10.994  3.379   -15.052 1.00 17.74 ? 74   ASP A OD1 1 
ATOM   323 O OD2 . ASP A 1 45 ? 12.759  2.974   -13.807 1.00 20.32 ? 74   ASP A OD2 1 
ATOM   324 N N   . ARG A 1 46 ? 10.273  6.466   -15.397 1.00 15.73 ? 75   ARG A N   1 
ATOM   325 C CA  . ARG A 1 46 ? 9.860   6.913   -16.726 1.00 16.19 ? 75   ARG A CA  1 
ATOM   326 C C   . ARG A 1 46 ? 9.793   5.801   -17.780 1.00 17.15 ? 75   ARG A C   1 
ATOM   327 O O   . ARG A 1 46 ? 9.257   6.021   -18.883 1.00 17.88 ? 75   ARG A O   1 
ATOM   328 C CB  . ARG A 1 46 ? 10.761  8.068   -17.193 1.00 18.16 ? 75   ARG A CB  1 
ATOM   329 C CG  . ARG A 1 46 ? 12.164  7.630   -17.539 1.00 20.58 ? 75   ARG A CG  1 
ATOM   330 C CD  . ARG A 1 46 ? 13.103  8.845   -17.683 1.00 24.70 ? 75   ARG A CD  1 
ATOM   331 N NE  . ARG A 1 46 ? 13.300  9.487   -16.381 1.00 25.35 ? 75   ARG A NE  1 
ATOM   332 C CZ  . ARG A 1 46 ? 14.127  10.516  -16.163 1.00 31.20 ? 75   ARG A CZ  1 
ATOM   333 N NH1 . ARG A 1 46 ? 14.842  11.039  -17.157 1.00 32.48 ? 75   ARG A NH1 1 
ATOM   334 N NH2 . ARG A 1 46 ? 14.234  11.012  -14.940 1.00 33.47 ? 75   ARG A NH2 1 
ATOM   335 N N   . THR A 1 47 ? 10.341  4.620   -17.443 1.00 15.92 ? 76   THR A N   1 
ATOM   336 C CA  . THR A 1 47 ? 10.264  3.481   -18.342 1.00 15.72 ? 76   THR A CA  1 
ATOM   337 C C   . THR A 1 47 ? 9.149   2.523   -17.910 1.00 14.77 ? 76   THR A C   1 
ATOM   338 O O   . THR A 1 47 ? 8.963   1.519   -18.587 1.00 14.68 ? 76   THR A O   1 
ATOM   339 C CB  . THR A 1 47 ? 11.576  2.685   -18.458 1.00 16.13 ? 76   THR A CB  1 
ATOM   340 O OG1 . THR A 1 47 ? 11.808  1.958   -17.245 1.00 15.51 ? 76   THR A OG1 1 
ATOM   341 C CG2 . THR A 1 47 ? 12.753  3.585   -18.738 1.00 18.48 ? 76   THR A CG2 1 
ATOM   342 N N   . GLY A 1 48 ? 8.418   2.847   -16.839 1.00 14.18 ? 77   GLY A N   1 
ATOM   343 C CA  . GLY A 1 48 ? 7.286   1.997   -16.354 1.00 13.39 ? 77   GLY A CA  1 
ATOM   344 C C   . GLY A 1 48 ? 7.784   0.837   -15.522 1.00 14.13 ? 77   GLY A C   1 
ATOM   345 O O   . GLY A 1 48 ? 7.034   -0.112  -15.325 1.00 13.64 ? 77   GLY A O   1 
ATOM   346 N N   . VAL A 1 49 ? 9.029   0.904   -15.035 1.00 14.23 ? 78   VAL A N   1 
ATOM   347 C CA  . VAL A 1 49 ? 9.540   -0.119  -14.098 1.00 15.11 ? 78   VAL A CA  1 
ATOM   348 C C   . VAL A 1 49 ? 9.258   0.337   -12.665 1.00 15.06 ? 78   VAL A C   1 
ATOM   349 O O   . VAL A 1 49 ? 9.421   1.518   -12.336 1.00 15.52 ? 78   VAL A O   1 
ATOM   350 C CB  . VAL A 1 49 ? 11.043  -0.331  -14.321 1.00 14.67 ? 78   VAL A CB  1 
ATOM   351 C CG1 . VAL A 1 49 ? 11.645  -1.222  -13.223 1.00 15.57 ? 78   VAL A CG1 1 
ATOM   352 C CG2 . VAL A 1 49 ? 11.303  -0.954  -15.733 1.00 14.58 ? 78   VAL A CG2 1 
ATOM   353 N N   . SER A 1 50 ? 8.779   -0.575  -11.807 1.00 14.48 ? 79   SER A N   1 
ATOM   354 C CA  . SER A 1 50 ? 8.506   -0.231  -10.396 1.00 15.00 ? 79   SER A CA  1 
ATOM   355 C C   . SER A 1 50 ? 9.684   0.421   -9.658  1.00 13.97 ? 79   SER A C   1 
ATOM   356 O O   . SER A 1 50 ? 10.862  -0.018  -9.784  1.00 15.77 ? 79   SER A O   1 
ATOM   357 C CB  . SER A 1 50 ? 8.113   -1.505  -9.630  1.00 14.66 ? 79   SER A CB  1 
ATOM   358 O OG  . SER A 1 50 ? 7.866   -1.140  -8.282  1.00 14.90 ? 79   SER A OG  1 
ATOM   359 N N   . LYS A 1 51 ? 9.377   1.491   -8.921  1.00 14.23 ? 80   LYS A N   1 
ATOM   360 C CA  . LYS A 1 51 ? 10.342  2.108   -8.028  1.00 15.48 ? 80   LYS A CA  1 
ATOM   361 C C   . LYS A 1 51 ? 10.356  1.418   -6.667  1.00 15.24 ? 80   LYS A C   1 
ATOM   362 O O   . LYS A 1 51 ? 11.119  1.847   -5.778  1.00 17.27 ? 80   LYS A O   1 
ATOM   363 C CB  . LYS A 1 51 ? 10.029  3.595   -7.849  1.00 16.37 ? 80   LYS A CB  1 
ATOM   364 C CG  . LYS A 1 51 ? 10.247  4.378   -9.170  1.00 18.54 ? 80   LYS A CG  1 
ATOM   365 C CD  . LYS A 1 51 ? 10.240  5.865   -8.792  1.00 25.05 ? 80   LYS A CD  1 
ATOM   366 C CE  . LYS A 1 51 ? 10.194  6.765   -9.960  1.00 26.26 ? 80   LYS A CE  1 
ATOM   367 N NZ  . LYS A 1 51 ? 10.604  8.118   -9.452  1.00 27.10 ? 80   LYS A NZ  1 
ATOM   368 N N   . GLY A 1 52 ? 9.521   0.388   -6.521  1.00 14.99 ? 81   GLY A N   1 
ATOM   369 C CA  . GLY A 1 52 ? 9.504   -0.417  -5.277  1.00 14.11 ? 81   GLY A CA  1 
ATOM   370 C C   . GLY A 1 52 ? 8.519   0.019   -4.218  1.00 14.66 ? 81   GLY A C   1 
ATOM   371 O O   . GLY A 1 52 ? 8.577   -0.497  -3.093  1.00 15.41 ? 81   GLY A O   1 
ATOM   372 N N   . TYR A 1 53 ? 7.625   0.953   -4.544  1.00 13.79 ? 82   TYR A N   1 
ATOM   373 C CA  . TYR A 1 53 ? 6.606   1.406   -3.607  1.00 13.68 ? 82   TYR A CA  1 
ATOM   374 C C   . TYR A 1 53 ? 5.327   1.825   -4.311  1.00 14.58 ? 82   TYR A C   1 
ATOM   375 O O   . TYR A 1 53 ? 5.315   1.987   -5.537  1.00 13.91 ? 82   TYR A O   1 
ATOM   376 C CB  . TYR A 1 53 ? 7.117   2.529   -2.689  1.00 13.38 ? 82   TYR A CB  1 
ATOM   377 C CG  . TYR A 1 53 ? 7.395   3.833   -3.411  1.00 14.96 ? 82   TYR A CG  1 
ATOM   378 C CD1 . TYR A 1 53 ? 6.446   4.863   -3.423  1.00 17.27 ? 82   TYR A CD1 1 
ATOM   379 C CD2 . TYR A 1 53 ? 8.607   4.022   -4.073  1.00 16.47 ? 82   TYR A CD2 1 
ATOM   380 C CE1 . TYR A 1 53 ? 6.712   6.074   -4.114  1.00 20.08 ? 82   TYR A CE1 1 
ATOM   381 C CE2 . TYR A 1 53 ? 8.891   5.246   -4.747  1.00 18.36 ? 82   TYR A CE2 1 
ATOM   382 C CZ  . TYR A 1 53 ? 7.924   6.243   -4.746  1.00 18.22 ? 82   TYR A CZ  1 
ATOM   383 O OH  . TYR A 1 53 ? 8.202   7.434   -5.390  1.00 24.33 ? 82   TYR A OH  1 
ATOM   384 N N   . GLY A 1 54 ? 4.270   2.033   -3.524  1.00 13.89 ? 83   GLY A N   1 
ATOM   385 C CA  . GLY A 1 54 ? 2.968   2.411   -4.130  1.00 14.43 ? 83   GLY A CA  1 
ATOM   386 C C   . GLY A 1 54 ? 1.969   2.706   -3.030  1.00 13.94 ? 83   GLY A C   1 
ATOM   387 O O   . GLY A 1 54 ? 2.334   2.848   -1.844  1.00 13.60 ? 83   GLY A O   1 
ATOM   388 N N   . PHE A 1 55 ? 0.714   2.822   -3.447  1.00 12.69 ? 84   PHE A N   1 
ATOM   389 C CA  . PHE A 1 55 ? -0.331  3.256   -2.544  1.00 15.22 ? 84   PHE A CA  1 
ATOM   390 C C   . PHE A 1 55 ? -1.553  2.416   -2.798  1.00 14.14 ? 84   PHE A C   1 
ATOM   391 O O   . PHE A 1 55 ? -1.838  2.039   -3.958  1.00 16.71 ? 84   PHE A O   1 
ATOM   392 C CB  . PHE A 1 55 ? -0.678  4.710   -2.836  1.00 15.32 ? 84   PHE A CB  1 
ATOM   393 C CG  . PHE A 1 55 ? 0.470   5.647   -2.606  1.00 17.76 ? 84   PHE A CG  1 
ATOM   394 C CD1 . PHE A 1 55 ? 0.671   6.234   -1.359  1.00 21.53 ? 84   PHE A CD1 1 
ATOM   395 C CD2 . PHE A 1 55 ? 1.364   5.926   -3.650  1.00 18.39 ? 84   PHE A CD2 1 
ATOM   396 C CE1 . PHE A 1 55 ? 1.753   7.091   -1.138  1.00 20.24 ? 84   PHE A CE1 1 
ATOM   397 C CE2 . PHE A 1 55 ? 2.456   6.765   -3.443  1.00 21.36 ? 84   PHE A CE2 1 
ATOM   398 C CZ  . PHE A 1 55 ? 2.649   7.361   -2.192  1.00 22.85 ? 84   PHE A CZ  1 
ATOM   399 N N   . VAL A 1 56 ? -2.261  2.132   -1.701  1.00 14.50 ? 85   VAL A N   1 
ATOM   400 C CA  . VAL A 1 56 ? -3.529  1.388   -1.813  1.00 13.54 ? 85   VAL A CA  1 
ATOM   401 C C   . VAL A 1 56 ? -4.574  2.248   -1.149  1.00 14.53 ? 85   VAL A C   1 
ATOM   402 O O   . VAL A 1 56 ? -4.415  2.658   0.027   1.00 15.53 ? 85   VAL A O   1 
ATOM   403 C CB  . VAL A 1 56 ? -3.434  0.001   -1.108  1.00 13.53 ? 85   VAL A CB  1 
ATOM   404 C CG1 . VAL A 1 56 ? -4.799  -0.715  -1.131  1.00 14.89 ? 85   VAL A CG1 1 
ATOM   405 C CG2 . VAL A 1 56 ? -2.329  -0.884  -1.768  1.00 16.68 ? 85   VAL A CG2 1 
ATOM   406 N N   . SER A 1 57 ? -5.647  2.547   -1.875  1.00 14.87 ? 86   SER A N   1 
ATOM   407 C CA  . SER A 1 57 ? -6.731  3.281   -1.272  1.00 16.09 ? 86   SER A CA  1 
ATOM   408 C C   . SER A 1 57 ? -7.976  2.397   -1.150  1.00 16.65 ? 86   SER A C   1 
ATOM   409 O O   . SER A 1 57 ? -8.155  1.487   -1.932  1.00 16.59 ? 86   SER A O   1 
ATOM   410 C CB  . SER A 1 57 ? -7.090  4.500   -2.099  1.00 18.64 ? 86   SER A CB  1 
ATOM   411 O OG  . SER A 1 57 ? -7.701  4.138   -3.317  1.00 21.78 ? 86   SER A OG  1 
ATOM   412 N N   . PHE A 1 58 ? -8.791  2.700   -0.158  1.00 16.58 ? 87   PHE A N   1 
ATOM   413 C CA  . PHE A 1 58 ? -10.028 1.937   0.105   1.00 17.18 ? 87   PHE A CA  1 
ATOM   414 C C   . PHE A 1 58 ? -11.238 2.783   -0.140  1.00 19.70 ? 87   PHE A C   1 
ATOM   415 O O   . PHE A 1 58 ? -11.207 4.013   0.018   1.00 20.00 ? 87   PHE A O   1 
ATOM   416 C CB  . PHE A 1 58 ? -10.032 1.442   1.564   1.00 18.07 ? 87   PHE A CB  1 
ATOM   417 C CG  . PHE A 1 58 ? -8.919  0.472   1.862   1.00 17.39 ? 87   PHE A CG  1 
ATOM   418 C CD1 . PHE A 1 58 ? -9.113  -0.905  1.694   1.00 19.72 ? 87   PHE A CD1 1 
ATOM   419 C CD2 . PHE A 1 58 ? -7.680  0.932   2.327   1.00 20.75 ? 87   PHE A CD2 1 
ATOM   420 C CE1 . PHE A 1 58 ? -8.075  -1.817  1.950   1.00 19.59 ? 87   PHE A CE1 1 
ATOM   421 C CE2 . PHE A 1 58 ? -6.637  0.052   2.583   1.00 19.41 ? 87   PHE A CE2 1 
ATOM   422 C CZ  . PHE A 1 58 ? -6.821  -1.338  2.409   1.00 18.38 ? 87   PHE A CZ  1 
ATOM   423 N N   . TYR A 1 59 ? -12.342 2.127   -0.468  1.00 19.84 ? 88   TYR A N   1 
ATOM   424 C CA  . TYR A 1 59 ? -13.591 2.848   -0.662  1.00 20.96 ? 88   TYR A CA  1 
ATOM   425 C C   . TYR A 1 59 ? -14.163 3.346   0.663   1.00 25.60 ? 88   TYR A C   1 
ATOM   426 O O   . TYR A 1 59 ? -14.705 4.462   0.756   1.00 26.42 ? 88   TYR A O   1 
ATOM   427 C CB  . TYR A 1 59 ? -14.595 1.904   -1.301  1.00 21.23 ? 88   TYR A CB  1 
ATOM   428 C CG  . TYR A 1 59 ? -14.534 1.823   -2.796  1.00 19.43 ? 88   TYR A CG  1 
ATOM   429 C CD1 . TYR A 1 59 ? -14.017 0.675   -3.452  1.00 18.54 ? 88   TYR A CD1 1 
ATOM   430 C CD2 . TYR A 1 59 ? -15.016 2.854   -3.577  1.00 18.13 ? 88   TYR A CD2 1 
ATOM   431 C CE1 . TYR A 1 59 ? -13.976 0.598   -4.823  1.00 16.23 ? 88   TYR A CE1 1 
ATOM   432 C CE2 . TYR A 1 59 ? -14.965 2.798   -4.980  1.00 18.39 ? 88   TYR A CE2 1 
ATOM   433 C CZ  . TYR A 1 59 ? -14.450 1.648   -5.599  1.00 18.63 ? 88   TYR A CZ  1 
ATOM   434 O OH  . TYR A 1 59 ? -14.428 1.603   -6.963  1.00 19.82 ? 88   TYR A OH  1 
ATOM   435 N N   . ASN A 1 60 ? -14.019 2.504   1.669   1.00 26.75 ? 89   ASN A N   1 
ATOM   436 C CA  A ASN A 1 60 ? -14.608 2.637   2.983   0.50 28.79 ? 89   ASN A CA  1 
ATOM   437 C CA  B ASN A 1 60 ? -14.638 2.870   2.927   0.50 29.29 ? 89   ASN A CA  1 
ATOM   438 C C   . ASN A 1 60 ? -13.613 3.228   3.987   1.00 29.30 ? 89   ASN A C   1 
ATOM   439 O O   . ASN A 1 60 ? -12.401 3.224   3.734   1.00 28.11 ? 89   ASN A O   1 
ATOM   440 C CB  A ASN A 1 60 ? -15.095 1.245   3.430   0.50 28.64 ? 89   ASN A CB  1 
ATOM   441 C CB  B ASN A 1 60 ? -15.657 1.824   3.367   0.50 30.31 ? 89   ASN A CB  1 
ATOM   442 C CG  A ASN A 1 60 ? -13.994 0.158   3.383   0.50 27.17 ? 89   ASN A CG  1 
ATOM   443 C CG  B ASN A 1 60 ? -16.701 1.545   2.290   0.50 31.26 ? 89   ASN A CG  1 
ATOM   444 O OD1 A ASN A 1 60 ? -13.194 0.049   2.418   0.50 16.83 ? 89   ASN A OD1 1 
ATOM   445 O OD1 B ASN A 1 60 ? -17.440 2.440   1.848   0.50 31.63 ? 89   ASN A OD1 1 
ATOM   446 N ND2 A ASN A 1 60 ? -13.976 -0.672  4.428   0.50 25.57 ? 89   ASN A ND2 1 
ATOM   447 N ND2 B ASN A 1 60 ? -16.770 0.295   1.869   0.50 30.68 ? 89   ASN A ND2 1 
ATOM   448 N N   . ASP A 1 61 ? -14.114 3.660   5.137   1.00 31.79 ? 90   ASP A N   1 
ATOM   449 C CA  . ASP A 1 61 ? -13.242 4.138   6.210   1.00 32.50 ? 90   ASP A CA  1 
ATOM   450 C C   . ASP A 1 61 ? -12.517 2.939   6.773   1.00 31.83 ? 90   ASP A C   1 
ATOM   451 O O   . ASP A 1 61 ? -13.125 2.031   7.352   1.00 33.42 ? 90   ASP A O   1 
ATOM   452 C CB  . ASP A 1 61 ? -14.045 4.869   7.300   1.00 35.14 ? 90   ASP A CB  1 
ATOM   453 C CG  . ASP A 1 61 ? -14.489 6.272   6.864   1.00 39.00 ? 90   ASP A CG  1 
ATOM   454 O OD1 . ASP A 1 61 ? -13.877 6.826   5.915   1.00 43.10 ? 90   ASP A OD1 1 
ATOM   455 O OD2 . ASP A 1 61 ? -15.447 6.822   7.460   1.00 44.04 ? 90   ASP A OD2 1 
ATOM   456 N N   . VAL A 1 62 ? -11.212 2.922   6.543   1.00 29.88 ? 91   VAL A N   1 
ATOM   457 C CA  . VAL A 1 62 ? -10.355 1.884   7.047   1.00 28.62 ? 91   VAL A CA  1 
ATOM   458 C C   . VAL A 1 62 ? -9.425  2.637   7.977   1.00 27.74 ? 91   VAL A C   1 
ATOM   459 O O   . VAL A 1 62 ? -9.016  3.773   7.678   1.00 28.04 ? 91   VAL A O   1 
ATOM   460 C CB  . VAL A 1 62 ? -9.619  1.139   5.883   1.00 27.92 ? 91   VAL A CB  1 
ATOM   461 C CG1 . VAL A 1 62 ? -8.579  0.191   6.391   1.00 28.93 ? 91   VAL A CG1 1 
ATOM   462 C CG2 . VAL A 1 62 ? -10.636 0.385   5.031   1.00 27.81 ? 91   VAL A CG2 1 
ATOM   463 N N   . ASP A 1 63 ? -9.120  2.024   9.112   1.00 26.78 ? 92   ASP A N   1 
ATOM   464 C CA  . ASP A 1 63 ? -8.270  2.641   10.117  1.00 25.74 ? 92   ASP A CA  1 
ATOM   465 C C   . ASP A 1 63 ? -6.815  2.358   9.746   1.00 25.02 ? 92   ASP A C   1 
ATOM   466 O O   . ASP A 1 63 ? -6.162  1.430   10.255  1.00 23.42 ? 92   ASP A O   1 
ATOM   467 C CB  . ASP A 1 63 ? -8.618  2.101   11.507  1.00 27.10 ? 92   ASP A CB  1 
ATOM   468 C CG  . ASP A 1 63 ? -7.864  2.815   12.634  1.00 28.64 ? 92   ASP A CG  1 
ATOM   469 O OD1 . ASP A 1 63 ? -6.882  3.565   12.385  1.00 24.84 ? 92   ASP A OD1 1 
ATOM   470 O OD2 . ASP A 1 63 ? -8.286  2.619   13.804  1.00 28.04 ? 92   ASP A OD2 1 
ATOM   471 N N   . VAL A 1 64 ? -6.330  3.178   8.835   1.00 25.09 ? 93   VAL A N   1 
ATOM   472 C CA  . VAL A 1 64 ? -5.001  2.992   8.251   1.00 25.03 ? 93   VAL A CA  1 
ATOM   473 C C   . VAL A 1 64 ? -3.931  3.103   9.340   1.00 23.68 ? 93   VAL A C   1 
ATOM   474 O O   . VAL A 1 64 ? -3.010  2.282   9.366   1.00 21.80 ? 93   VAL A O   1 
ATOM   475 C CB  . VAL A 1 64 ? -4.757  3.970   7.055   1.00 25.16 ? 93   VAL A CB  1 
ATOM   476 C CG1 . VAL A 1 64 ? -3.270  3.978   6.663   1.00 28.30 ? 93   VAL A CG1 1 
ATOM   477 C CG2 . VAL A 1 64 ? -5.628  3.560   5.860   1.00 26.73 ? 93   VAL A CG2 1 
ATOM   478 N N   . GLN A 1 65 ? -4.048  4.086   10.240  1.00 24.47 ? 94   GLN A N   1 
ATOM   479 C CA  . GLN A 1 65 ? -3.023  4.206   11.287  1.00 24.50 ? 94   GLN A CA  1 
ATOM   480 C C   . GLN A 1 65 ? -2.929  2.957   12.158  1.00 22.86 ? 94   GLN A C   1 
ATOM   481 O O   . GLN A 1 65 ? -1.817  2.532   12.507  1.00 20.92 ? 94   GLN A O   1 
ATOM   482 C CB  . GLN A 1 65 ? -3.137  5.502   12.109  1.00 27.69 ? 94   GLN A CB  1 
ATOM   483 C CG  . GLN A 1 65 ? -1.762  5.976   12.734  1.00 31.33 ? 94   GLN A CG  1 
ATOM   484 C CD  . GLN A 1 65 ? -0.550  6.109   11.744  1.00 35.35 ? 94   GLN A CD  1 
ATOM   485 O OE1 . GLN A 1 65 ? -0.693  6.527   10.584  1.00 38.15 ? 94   GLN A OE1 1 
ATOM   486 N NE2 . GLN A 1 65 ? 0.648   5.747   12.226  1.00 34.36 ? 94   GLN A NE2 1 
ATOM   487 N N   . LYS A 1 66 ? -4.067  2.339   12.481  1.00 22.27 ? 95   LYS A N   1 
ATOM   488 C CA  . LYS A 1 66 ? -4.062  1.108   13.294  1.00 21.37 ? 95   LYS A CA  1 
ATOM   489 C C   . LYS A 1 66 ? -3.358  -0.023  12.553  1.00 20.34 ? 95   LYS A C   1 
ATOM   490 O O   . LYS A 1 66 ? -2.558  -0.768  13.118  1.00 20.12 ? 95   LYS A O   1 
ATOM   491 C CB  . LYS A 1 66 ? -5.498  0.680   13.705  1.00 23.26 ? 95   LYS A CB  1 
ATOM   492 C CG  . LYS A 1 66 ? -5.532  -0.567  14.559  1.00 26.81 ? 95   LYS A CG  1 
ATOM   493 C CD  . LYS A 1 66 ? -6.955  -0.887  15.027  1.00 33.49 ? 95   LYS A CD  1 
ATOM   494 C CE  . LYS A 1 66 ? -6.951  -2.166  15.873  1.00 37.52 ? 95   LYS A CE  1 
ATOM   495 N NZ  . LYS A 1 66 ? -8.300  -2.544  16.368  1.00 42.12 ? 95   LYS A NZ  1 
ATOM   496 N N   . ILE A 1 67 ? -3.644  -0.147  11.267  1.00 18.17 ? 96   ILE A N   1 
ATOM   497 C CA  . ILE A 1 67 ? -2.960  -1.154  10.454  1.00 17.36 ? 96   ILE A CA  1 
ATOM   498 C C   . ILE A 1 67 ? -1.436  -0.895  10.436  1.00 16.00 ? 96   ILE A C   1 
ATOM   499 O O   . ILE A 1 67 ? -0.625  -1.792  10.690  1.00 16.79 ? 96   ILE A O   1 
ATOM   500 C CB  . ILE A 1 67 ? -3.523  -1.123  9.020   1.00 16.80 ? 96   ILE A CB  1 
ATOM   501 C CG1 . ILE A 1 67 ? -5.041  -1.374  9.062   1.00 20.75 ? 96   ILE A CG1 1 
ATOM   502 C CG2 . ILE A 1 67 ? -2.763  -2.141  8.128   1.00 17.06 ? 96   ILE A CG2 1 
ATOM   503 C CD1 . ILE A 1 67 ? -5.686  -1.197  7.690   1.00 20.98 ? 96   ILE A CD1 1 
ATOM   504 N N   . VAL A 1 68 ? -1.056  0.358   10.183  1.00 15.51 ? 97   VAL A N   1 
ATOM   505 C CA  . VAL A 1 68 ? 0.370   0.727   10.155  1.00 14.91 ? 97   VAL A CA  1 
ATOM   506 C C   . VAL A 1 68 ? 1.059   0.377   11.477  1.00 14.80 ? 97   VAL A C   1 
ATOM   507 O O   . VAL A 1 68 ? 2.138   -0.236  11.493  1.00 14.93 ? 97   VAL A O   1 
ATOM   508 C CB  . VAL A 1 68 ? 0.545   2.239   9.784   1.00 15.43 ? 97   VAL A CB  1 
ATOM   509 C CG1 . VAL A 1 68 ? 1.942   2.774   10.079  1.00 17.68 ? 97   VAL A CG1 1 
ATOM   510 C CG2 . VAL A 1 68 ? 0.176   2.461   8.303   1.00 17.00 ? 97   VAL A CG2 1 
ATOM   511 N N   . GLU A 1 69 ? 0.404   0.734   12.592  1.00 15.27 ? 98   GLU A N   1 
ATOM   512 C CA  . GLU A 1 69 ? 0.980   0.532   13.916  1.00 17.99 ? 98   GLU A CA  1 
ATOM   513 C C   . GLU A 1 69 ? 1.014   -0.936  14.339  1.00 18.18 ? 98   GLU A C   1 
ATOM   514 O O   . GLU A 1 69 ? 1.712   -1.281  15.275  1.00 21.05 ? 98   GLU A O   1 
ATOM   515 C CB  . GLU A 1 69 ? 0.223   1.377   14.929  1.00 21.78 ? 98   GLU A CB  1 
ATOM   516 C CG  . GLU A 1 69 ? 0.592   2.845   14.756  1.00 26.13 ? 98   GLU A CG  1 
ATOM   517 C CD  . GLU A 1 69 ? -0.229  3.807   15.590  1.00 35.80 ? 98   GLU A CD  1 
ATOM   518 O OE1 . GLU A 1 69 ? -0.977  3.378   16.507  1.00 38.73 ? 98   GLU A OE1 1 
ATOM   519 O OE2 . GLU A 1 69 ? -0.091  5.017   15.322  1.00 39.53 ? 98   GLU A OE2 1 
ATOM   520 N N   . SER A 1 70 ? 0.308   -1.803  13.612  1.00 16.51 ? 99   SER A N   1 
ATOM   521 C CA  . SER A 1 70 ? 0.290   -3.224  13.954  1.00 18.96 ? 99   SER A CA  1 
ATOM   522 C C   . SER A 1 70 ? 1.502   -3.978  13.394  1.00 16.99 ? 99   SER A C   1 
ATOM   523 O O   . SER A 1 70 ? 1.676   -5.158  13.659  1.00 17.98 ? 99   SER A O   1 
ATOM   524 C CB  . SER A 1 70 ? -1.016  -3.915  13.522  1.00 19.29 ? 99   SER A CB  1 
ATOM   525 O OG  . SER A 1 70 ? -1.044  -4.043  12.077  1.00 19.71 ? 99   SER A OG  1 
ATOM   526 N N   . GLN A 1 71 ? 2.346   -3.307  12.600  1.00 15.65 ? 100  GLN A N   1 
ATOM   527 C CA  . GLN A 1 71 ? 3.514   -3.994  12.042  1.00 14.49 ? 100  GLN A CA  1 
ATOM   528 C C   . GLN A 1 71 ? 4.517   -4.203  13.173  1.00 15.53 ? 100  GLN A C   1 
ATOM   529 O O   . GLN A 1 71 ? 4.777   -3.284  13.973  1.00 18.00 ? 100  GLN A O   1 
ATOM   530 C CB  . GLN A 1 71 ? 4.177   -3.130  10.974  1.00 13.22 ? 100  GLN A CB  1 
ATOM   531 C CG  . GLN A 1 71 ? 3.303   -2.966  9.764   1.00 12.93 ? 100  GLN A CG  1 
ATOM   532 C CD  . GLN A 1 71 ? 3.925   -1.955  8.801   1.00 12.00 ? 100  GLN A CD  1 
ATOM   533 O OE1 . GLN A 1 71 ? 4.529   -2.323  7.795   1.00 13.96 ? 100  GLN A OE1 1 
ATOM   534 N NE2 . GLN A 1 71 ? 3.780   -0.670  9.118   1.00 14.32 ? 100  GLN A NE2 1 
ATOM   535 N N   . ILE A 1 72 ? 5.077   -5.417  13.222  1.00 15.54 ? 101  ILE A N   1 
ATOM   536 C CA  . ILE A 1 72 ? 6.084   -5.740  14.234  1.00 18.46 ? 101  ILE A CA  1 
ATOM   537 C C   . ILE A 1 72 ? 7.384   -6.223  13.614  1.00 19.28 ? 101  ILE A C   1 
ATOM   538 O O   . ILE A 1 72 ? 8.407   -6.303  14.301  1.00 22.30 ? 101  ILE A O   1 
ATOM   539 C CB  . ILE A 1 72 ? 5.565   -6.770  15.277  1.00 20.04 ? 101  ILE A CB  1 
ATOM   540 C CG1 . ILE A 1 72 ? 5.185   -8.116  14.607  1.00 18.00 ? 101  ILE A CG1 1 
ATOM   541 C CG2 . ILE A 1 72 ? 4.385   -6.161  16.067  1.00 21.18 ? 101  ILE A CG2 1 
ATOM   542 C CD1 . ILE A 1 72 ? 4.902   -9.287  15.597  1.00 21.13 ? 101  ILE A CD1 1 
ATOM   543 N N   . ASN A 1 73 ? 7.337   -6.624  12.349  1.00 18.70 ? 102  ASN A N   1 
ATOM   544 C CA  . ASN A 1 73 ? 8.512   -7.167  11.690  1.00 20.38 ? 102  ASN A CA  1 
ATOM   545 C C   . ASN A 1 73 ? 8.859   -6.266  10.504  1.00 20.54 ? 102  ASN A C   1 
ATOM   546 O O   . ASN A 1 73 ? 8.089   -6.141  9.564   1.00 18.42 ? 102  ASN A O   1 
ATOM   547 C CB  . ASN A 1 73 ? 8.240   -8.619  11.246  1.00 20.97 ? 102  ASN A CB  1 
ATOM   548 C CG  . ASN A 1 73 ? 9.462   -9.294  10.582  1.00 24.17 ? 102  ASN A CG  1 
ATOM   549 O OD1 . ASN A 1 73 ? 10.325  -8.626  9.998   1.00 25.68 ? 102  ASN A OD1 1 
ATOM   550 N ND2 . ASN A 1 73 ? 9.501   -10.622 10.636  1.00 25.52 ? 102  ASN A ND2 1 
ATOM   551 N N   . PHE A 1 74 ? 10.046  -5.656  10.579  1.00 22.47 ? 103  PHE A N   1 
ATOM   552 C CA  . PHE A 1 74 ? 10.501  -4.732  9.555   1.00 25.01 ? 103  PHE A CA  1 
ATOM   553 C C   . PHE A 1 74 ? 11.730  -5.243  8.804   1.00 27.82 ? 103  PHE A C   1 
ATOM   554 O O   . PHE A 1 74 ? 12.476  -4.446  8.226   1.00 30.51 ? 103  PHE A O   1 
ATOM   555 C CB  . PHE A 1 74 ? 10.742  -3.363  10.204  1.00 26.24 ? 103  PHE A CB  1 
ATOM   556 C CG  . PHE A 1 74 ? 9.466   -2.564  10.377  1.00 25.88 ? 103  PHE A CG  1 
ATOM   557 C CD1 . PHE A 1 74 ? 8.947   -1.827  9.313   1.00 26.86 ? 103  PHE A CD1 1 
ATOM   558 C CD2 . PHE A 1 74 ? 8.797   -2.559  11.587  1.00 28.22 ? 103  PHE A CD2 1 
ATOM   559 C CE1 . PHE A 1 74 ? 7.753   -1.093  9.448   1.00 29.32 ? 103  PHE A CE1 1 
ATOM   560 C CE2 . PHE A 1 74 ? 7.613   -1.831  11.750  1.00 25.58 ? 103  PHE A CE2 1 
ATOM   561 C CZ  . PHE A 1 74 ? 7.093   -1.099  10.678  1.00 27.00 ? 103  PHE A CZ  1 
ATOM   562 N N   . HIS A 1 75 ? 11.921  -6.569  8.809   1.00 29.66 ? 104  HIS A N   1 
ATOM   563 C CA  . HIS A 1 75 ? 12.969  -7.244  8.016   1.00 33.66 ? 104  HIS A CA  1 
ATOM   564 C C   . HIS A 1 75 ? 12.801  -6.818  6.563   1.00 34.30 ? 104  HIS A C   1 
ATOM   565 O O   . HIS A 1 75 ? 11.713  -6.398  6.149   1.00 33.07 ? 104  HIS A O   1 
ATOM   566 C CB  . HIS A 1 75 ? 12.848  -8.772  8.143   0.50 33.90 ? 104  HIS A CB  1 
ATOM   567 C CG  . HIS A 1 75 ? 13.851  -9.543  7.333   0.50 38.56 ? 104  HIS A CG  1 
ATOM   568 N ND1 . HIS A 1 75 ? 13.653  -9.867  6.006   0.50 38.85 ? 104  HIS A ND1 1 
ATOM   569 C CD2 . HIS A 1 75 ? 15.054  -10.070 7.672   0.50 42.03 ? 104  HIS A CD2 1 
ATOM   570 C CE1 . HIS A 1 75 ? 14.693  -10.553 5.562   0.50 43.39 ? 104  HIS A CE1 1 
ATOM   571 N NE2 . HIS A 1 75 ? 15.557  -10.690 6.553   0.50 44.09 ? 104  HIS A NE2 1 
ATOM   572 N N   . GLY A 1 76 ? 13.876  -6.929  5.787   1.00 37.99 ? 105  GLY A N   1 
ATOM   573 C CA  . GLY A 1 76 ? 13.903  -6.388  4.434   1.00 39.69 ? 105  GLY A CA  1 
ATOM   574 C C   . GLY A 1 76 ? 12.793  -6.845  3.506   1.00 37.75 ? 105  GLY A C   1 
ATOM   575 O O   . GLY A 1 76 ? 12.277  -6.036  2.725   1.00 37.12 ? 105  GLY A O   1 
ATOM   576 N N   . LYS A 1 77 ? 12.435  -8.126  3.566   1.00 36.58 ? 106  LYS A N   1 
ATOM   577 C CA  . LYS A 1 77 ? 11.430  -8.651  2.640   1.00 35.97 ? 106  LYS A CA  1 
ATOM   578 C C   . LYS A 1 77 ? 9.984   -8.173  2.908   1.00 30.27 ? 106  LYS A C   1 
ATOM   579 O O   . LYS A 1 77 ? 9.153   -8.180  1.992   1.00 30.57 ? 106  LYS A O   1 
ATOM   580 C CB  . LYS A 1 77 ? 11.473  -10.174 2.600   1.00 38.99 ? 106  LYS A CB  1 
ATOM   581 C CG  . LYS A 1 77 ? 10.979  -10.811 3.899   1.00 40.38 ? 106  LYS A CG  1 
ATOM   582 C CD  . LYS A 1 77 ? 10.890  -12.313 3.817   1.00 46.79 ? 106  LYS A CD  1 
ATOM   583 C CE  . LYS A 1 77 ? 10.430  -12.849 5.152   1.00 47.78 ? 106  LYS A CE  1 
ATOM   584 N NZ  . LYS A 1 77 ? 11.388  -12.469 6.241   1.00 50.57 ? 106  LYS A NZ  1 
ATOM   585 N N   . LYS A 1 78 ? 9.698   -7.735  4.135   1.00 24.88 ? 107  LYS A N   1 
ATOM   586 C CA  . LYS A 1 78 ? 8.343   -7.347  4.526   1.00 20.55 ? 107  LYS A CA  1 
ATOM   587 C C   . LYS A 1 78 ? 7.948   -6.033  3.922   1.00 18.98 ? 107  LYS A C   1 
ATOM   588 O O   . LYS A 1 78 ? 8.789   -5.109  3.816   1.00 20.56 ? 107  LYS A O   1 
ATOM   589 C CB  . LYS A 1 78 ? 8.214   -7.212  6.045   1.00 18.23 ? 107  LYS A CB  1 
ATOM   590 C CG  . LYS A 1 78 ? 8.473   -8.516  6.819   1.00 19.32 ? 107  LYS A CG  1 
ATOM   591 C CD  . LYS A 1 78 ? 7.489   -9.631  6.468   1.00 17.96 ? 107  LYS A CD  1 
ATOM   592 C CE  . LYS A 1 78 ? 7.788   -10.903 7.330   1.00 18.82 ? 107  LYS A CE  1 
ATOM   593 N NZ  . LYS A 1 78 ? 6.852   -12.057 7.037   1.00 17.56 ? 107  LYS A NZ  1 
ATOM   594 N N   . LEU A 1 79 ? 6.678   -5.921  3.532   1.00 17.02 ? 108  LEU A N   1 
ATOM   595 C CA  . LEU A 1 79 ? 6.162   -4.640  3.043   1.00 15.24 ? 108  LEU A CA  1 
ATOM   596 C C   . LEU A 1 79 ? 6.109   -3.645  4.175   1.00 15.28 ? 108  LEU A C   1 
ATOM   597 O O   . LEU A 1 79 ? 5.665   -3.990  5.288   1.00 15.19 ? 108  LEU A O   1 
ATOM   598 C CB  . LEU A 1 79 ? 4.778   -4.804  2.400   1.00 15.10 ? 108  LEU A CB  1 
ATOM   599 C CG  . LEU A 1 79 ? 4.789   -5.747  1.187   1.00 16.66 ? 108  LEU A CG  1 
ATOM   600 C CD1 . LEU A 1 79 ? 3.364   -5.903  0.717   1.00 20.68 ? 108  LEU A CD1 1 
ATOM   601 C CD2 . LEU A 1 79 ? 5.645   -5.202  0.011   1.00 22.17 ? 108  LEU A CD2 1 
ATOM   602 N N   . LYS A 1 80 ? 6.530   -2.421  3.885   1.00 13.61 ? 109  LYS A N   1 
ATOM   603 C CA  . LYS A 1 80 ? 6.559   -1.341  4.886   1.00 13.60 ? 109  LYS A CA  1 
ATOM   604 C C   . LYS A 1 80 ? 5.382   -0.432  4.687   1.00 12.88 ? 109  LYS A C   1 
ATOM   605 O O   . LYS A 1 80 ? 5.378   0.410   3.745   1.00 14.30 ? 109  LYS A O   1 
ATOM   606 C CB  . LYS A 1 80 ? 7.843   -0.534  4.755   1.00 14.88 ? 109  LYS A CB  1 
ATOM   607 C CG  . LYS A 1 80 ? 9.104   -1.387  4.571   1.00 21.21 ? 109  LYS A CG  1 
ATOM   608 C CD  . LYS A 1 80 ? 9.338   -2.243  5.781   1.00 23.66 ? 109  LYS A CD  1 
ATOM   609 C CE  . LYS A 1 80 ? 10.805  -2.732  5.822   1.00 29.72 ? 109  LYS A CE  1 
ATOM   610 N NZ  . LYS A 1 80 ? 11.153  -3.685  4.737   1.00 30.76 ? 109  LYS A NZ  1 
ATOM   611 N N   . LEU A 1 81 ? 4.427   -0.529  5.598   1.00 12.17 ? 110  LEU A N   1 
ATOM   612 C CA  . LEU A 1 81 ? 3.214   0.259   5.495   1.00 12.34 ? 110  LEU A CA  1 
ATOM   613 C C   . LEU A 1 81 ? 3.405   1.578   6.237   1.00 13.05 ? 110  LEU A C   1 
ATOM   614 O O   . LEU A 1 81 ? 4.065   1.642   7.287   1.00 13.98 ? 110  LEU A O   1 
ATOM   615 C CB  . LEU A 1 81 ? 2.011   -0.497  6.081   1.00 10.98 ? 110  LEU A CB  1 
ATOM   616 C CG  . LEU A 1 81 ? 1.849   -1.957  5.614   1.00 13.20 ? 110  LEU A CG  1 
ATOM   617 C CD1 . LEU A 1 81 ? 0.596   -2.511  6.222   1.00 14.79 ? 110  LEU A CD1 1 
ATOM   618 C CD2 . LEU A 1 81 ? 1.750   -2.027  4.092   1.00 16.29 ? 110  LEU A CD2 1 
ATOM   619 N N   . GLY A 1 82 ? 2.778   2.625   5.720   1.00 14.31 ? 111  GLY A N   1 
ATOM   620 C CA  . GLY A 1 82 ? 2.832   3.915   6.396   1.00 14.29 ? 111  GLY A CA  1 
ATOM   621 C C   . GLY A 1 82 ? 1.628   4.743   5.976   1.00 13.82 ? 111  GLY A C   1 
ATOM   622 O O   . GLY A 1 82 ? 0.830   4.335   5.104   1.00 12.73 ? 111  GLY A O   1 
ATOM   623 N N   . PRO A 1 83 ? 1.465   5.909   6.589   1.00 15.17 ? 112  PRO A N   1 
ATOM   624 C CA  . PRO A 1 83 ? 0.398   6.775   6.180   1.00 16.56 ? 112  PRO A CA  1 
ATOM   625 C C   . PRO A 1 83 ? 0.786   7.395   4.841   1.00 18.54 ? 112  PRO A C   1 
ATOM   626 O O   . PRO A 1 83 ? 1.980   7.428   4.484   1.00 17.41 ? 112  PRO A O   1 
ATOM   627 C CB  . PRO A 1 83 ? 0.376   7.854   7.253   1.00 19.44 ? 112  PRO A CB  1 
ATOM   628 C CG  . PRO A 1 83 ? 1.809   7.909   7.788   1.00 18.81 ? 112  PRO A CG  1 
ATOM   629 C CD  . PRO A 1 83 ? 2.312   6.482   7.667   1.00 15.75 ? 112  PRO A CD  1 
ATOM   630 N N   . ALA A 1 84 ? -0.221  7.829   4.111   1.00 19.98 ? 113  ALA A N   1 
ATOM   631 C CA  . ALA A 1 84 ? 0.003   8.480   2.839   1.00 22.26 ? 113  ALA A CA  1 
ATOM   632 C C   . ALA A 1 84 ? -0.267  9.979   3.023   1.00 26.17 ? 113  ALA A C   1 
ATOM   633 O O   . ALA A 1 84 ? -1.346  10.407  3.421   1.00 25.96 ? 113  ALA A O   1 
ATOM   634 C CB  . ALA A 1 84 ? -0.858  7.835   1.745   1.00 22.98 ? 113  ALA A CB  1 
ATOM   635 N N   . ILE A 1 85 ? 0.759   10.777  2.786   1.00 29.66 ? 114  ILE A N   1 
ATOM   636 C CA  . ILE A 1 85 ? 0.666   12.224  2.993   1.00 34.70 ? 114  ILE A CA  1 
ATOM   637 C C   . ILE A 1 85 ? 1.000   12.918  1.688   1.00 39.24 ? 114  ILE A C   1 
ATOM   638 O O   . ILE A 1 85 ? 2.035   12.633  1.077   1.00 39.51 ? 114  ILE A O   1 
ATOM   639 C CB  . ILE A 1 85 ? 1.591   12.721  4.154   1.00 35.72 ? 114  ILE A CB  1 
ATOM   640 C CG1 . ILE A 1 85 ? 1.138   12.099  5.477   1.00 35.09 ? 114  ILE A CG1 1 
ATOM   641 C CG2 . ILE A 1 85 ? 1.580   14.246  4.246   1.00 40.25 ? 114  ILE A CG2 1 
ATOM   642 C CD1 . ILE A 1 85 ? 2.192   12.014  6.535   1.00 35.81 ? 114  ILE A CD1 1 
ATOM   643 N N   . ARG A 1 86 ? 0.110   13.821  1.271   1.00 43.26 ? 115  ARG A N   1 
ATOM   644 C CA  . ARG A 1 86 ? 0.245   14.598  0.022   1.00 48.08 ? 115  ARG A CA  1 
ATOM   645 C C   . ARG A 1 86 ? 1.563   15.384  -0.102  1.00 50.51 ? 115  ARG A C   1 
ATOM   646 O O   . ARG A 1 86 ? 1.956   16.134  0.803   1.00 52.04 ? 115  ARG A O   1 
ATOM   647 C CB  . ARG A 1 86 ? -0.946  15.556  -0.142  1.00 51.34 ? 115  ARG A CB  1 
ATOM   648 C CG  . ARG A 1 86 ? -2.291  14.847  -0.186  1.00 53.18 ? 115  ARG A CG  1 
ATOM   649 C CD  . ARG A 1 86 ? -3.427  15.749  -0.652  1.00 61.72 ? 115  ARG A CD  1 
ATOM   650 N NE  . ARG A 1 86 ? -4.632  14.951  -0.913  1.00 65.30 ? 115  ARG A NE  1 
ATOM   651 C CZ  . ARG A 1 86 ? -5.602  14.723  -0.025  1.00 66.78 ? 115  ARG A CZ  1 
ATOM   652 N NH1 . ARG A 1 86 ? -5.537  15.248  1.197   1.00 67.31 ? 115  ARG A NH1 1 
ATOM   653 N NH2 . ARG A 1 86 ? -6.646  13.969  -0.363  1.00 67.01 ? 115  ARG A NH2 1 
HETATM 654 C C1  . GOL B 2 .  ? -8.212  -7.721  9.071   1.00 48.62 ? 1116 GOL A C1  1 
HETATM 655 O O1  . GOL B 2 .  ? -7.750  -8.984  8.599   1.00 48.13 ? 1116 GOL A O1  1 
HETATM 656 C C2  . GOL B 2 .  ? -7.754  -7.422  10.504  1.00 49.45 ? 1116 GOL A C2  1 
HETATM 657 O O2  . GOL B 2 .  ? -6.467  -7.965  10.714  1.00 47.70 ? 1116 GOL A O2  1 
HETATM 658 C C3  . GOL B 2 .  ? -7.684  -5.914  10.747  1.00 50.70 ? 1116 GOL A C3  1 
HETATM 659 O O3  . GOL B 2 .  ? -8.697  -5.476  11.618  1.00 52.27 ? 1116 GOL A O3  1 
HETATM 660 C C1  . GOL C 2 .  ? 6.965   -15.112 9.558   1.00 36.32 ? 1117 GOL A C1  1 
HETATM 661 O O1  . GOL C 2 .  ? 7.051   -16.006 8.485   1.00 42.20 ? 1117 GOL A O1  1 
HETATM 662 C C2  . GOL C 2 .  ? 8.362   -14.580 9.642   1.00 37.72 ? 1117 GOL A C2  1 
HETATM 663 O O2  . GOL C 2 .  ? 8.624   -13.870 8.463   1.00 36.87 ? 1117 GOL A O2  1 
HETATM 664 C C3  . GOL C 2 .  ? 8.645   -13.803 10.928  1.00 39.46 ? 1117 GOL A C3  1 
HETATM 665 O O3  . GOL C 2 .  ? 7.680   -12.835 11.311  1.00 34.50 ? 1117 GOL A O3  1 
HETATM 666 S S   . SO4 D 3 .  ? 12.019  8.748   -12.892 1.00 31.25 ? 1118 SO4 A S   1 
HETATM 667 O O1  . SO4 D 3 .  ? 10.612  8.941   -12.606 1.00 32.12 ? 1118 SO4 A O1  1 
HETATM 668 O O2  . SO4 D 3 .  ? 12.134  8.110   -14.202 1.00 25.43 ? 1118 SO4 A O2  1 
HETATM 669 O O3  . SO4 D 3 .  ? 12.652  10.067  -12.926 1.00 34.28 ? 1118 SO4 A O3  1 
HETATM 670 O O4  . SO4 D 3 .  ? 12.790  7.943   -11.982 1.00 33.34 ? 1118 SO4 A O4  1 
HETATM 671 O O   . HOH E 4 .  ? -4.673  -4.641  15.148  1.00 47.92 ? 2001 HOH A O   1 
HETATM 672 O O   . HOH E 4 .  ? 2.395   17.218  7.382   1.00 52.08 ? 2002 HOH A O   1 
HETATM 673 O O   . HOH E 4 .  ? -7.027  12.366  7.357   1.00 51.14 ? 2003 HOH A O   1 
HETATM 674 O O   . HOH E 4 .  ? -12.315 6.740   1.208   1.00 44.35 ? 2004 HOH A O   1 
HETATM 675 O O   . HOH E 4 .  ? -11.577 7.010   7.644   1.00 58.15 ? 2005 HOH A O   1 
HETATM 676 O O   . HOH E 4 .  ? -7.758  6.905   6.894   1.00 63.02 ? 2006 HOH A O   1 
HETATM 677 O O   . HOH E 4 .  ? -2.880  7.598   5.212   1.00 23.09 ? 2007 HOH A O   1 
HETATM 678 O O   . HOH E 4 .  ? 8.971   -7.489  -0.702  1.00 45.39 ? 2008 HOH A O   1 
HETATM 679 O O   . HOH E 4 .  ? 11.315  -3.079  -3.564  1.00 27.71 ? 2009 HOH A O   1 
HETATM 680 O O   . HOH E 4 .  ? 7.243   -5.147  -10.639 1.00 30.37 ? 2010 HOH A O   1 
HETATM 681 O O   . HOH E 4 .  ? 5.104   -7.575  -11.365 1.00 41.30 ? 2011 HOH A O   1 
HETATM 682 O O   . HOH E 4 .  ? 12.358  -6.036  -6.306  1.00 42.98 ? 2012 HOH A O   1 
HETATM 683 O O   . HOH E 4 .  ? 4.408   -5.494  -10.410 1.00 34.99 ? 2013 HOH A O   1 
HETATM 684 O O   . HOH E 4 .  ? 6.047   -4.694  -8.347  1.00 35.32 ? 2014 HOH A O   1 
HETATM 685 O O   . HOH E 4 .  ? -1.877  -11.615 -11.914 1.00 33.25 ? 2015 HOH A O   1 
HETATM 686 O O   . HOH E 4 .  ? -1.069  -11.958 -8.714  1.00 35.99 ? 2016 HOH A O   1 
HETATM 687 O O   . HOH E 4 .  ? 1.610   -9.541  -13.490 1.00 47.09 ? 2017 HOH A O   1 
HETATM 688 O O   . HOH E 4 .  ? -1.581  -2.731  -12.683 1.00 37.73 ? 2018 HOH A O   1 
HETATM 689 O O   . HOH E 4 .  ? 1.719   -4.775  -11.665 1.00 32.15 ? 2019 HOH A O   1 
HETATM 690 O O   . HOH E 4 .  ? -3.918  0.763   -11.464 1.00 36.41 ? 2020 HOH A O   1 
HETATM 691 O O   . HOH E 4 .  ? 12.896  -1.699  -6.410  1.00 58.24 ? 2021 HOH A O   1 
HETATM 692 O O   . HOH E 4 .  ? -1.604  -7.547  -11.782 1.00 32.77 ? 2022 HOH A O   1 
HETATM 693 O O   . HOH E 4 .  ? -3.967  -9.837  -12.607 1.00 47.97 ? 2023 HOH A O   1 
HETATM 694 O O   . HOH E 4 .  ? 2.102   -11.461 -7.812  1.00 36.46 ? 2024 HOH A O   1 
HETATM 695 O O   . HOH E 4 .  ? -2.427  -11.732 -2.471  1.00 33.91 ? 2025 HOH A O   1 
HETATM 696 O O   . HOH E 4 .  ? 5.200   -11.653 -5.480  1.00 49.37 ? 2026 HOH A O   1 
HETATM 697 O O   . HOH E 4 .  ? -6.354  0.195   -9.220  1.00 28.34 ? 2027 HOH A O   1 
HETATM 698 O O   . HOH E 4 .  ? -9.311  -6.413  -4.215  0.50 18.84 ? 2028 HOH A O   1 
HETATM 699 O O   . HOH E 4 .  ? -6.312  -11.460 1.145   1.00 36.64 ? 2029 HOH A O   1 
HETATM 700 O O   . HOH E 4 .  ? -12.892 -7.280  0.642   1.00 34.46 ? 2030 HOH A O   1 
HETATM 701 O O   . HOH E 4 .  ? -2.312  -13.968 6.499   1.00 43.58 ? 2031 HOH A O   1 
HETATM 702 O O   . HOH E 4 .  ? -12.500 -5.872  6.629   1.00 48.02 ? 2032 HOH A O   1 
HETATM 703 O O   . HOH E 4 .  ? -3.885  -12.607 -0.347  1.00 45.93 ? 2033 HOH A O   1 
HETATM 704 O O   . HOH E 4 .  ? 13.765  3.591   -9.099  1.00 38.79 ? 2034 HOH A O   1 
HETATM 705 O O   . HOH E 4 .  ? -9.642  -2.911  8.232   1.00 32.75 ? 2035 HOH A O   1 
HETATM 706 O O   . HOH E 4 .  ? -1.282  -6.783  7.189   1.00 20.46 ? 2036 HOH A O   1 
HETATM 707 O O   . HOH E 4 .  ? -12.970 -2.623  6.306   1.00 36.40 ? 2037 HOH A O   1 
HETATM 708 O O   . HOH E 4 .  ? 10.928  -3.631  -7.938  1.00 39.62 ? 2038 HOH A O   1 
HETATM 709 O O   . HOH E 4 .  ? -14.878 -5.934  1.005   1.00 39.06 ? 2039 HOH A O   1 
HETATM 710 O O   . HOH E 4 .  ? -11.356 -1.506  -7.005  1.00 24.13 ? 2040 HOH A O   1 
HETATM 711 O O   . HOH E 4 .  ? -11.515 -5.251  -2.513  1.00 22.52 ? 2041 HOH A O   1 
HETATM 712 O O   . HOH E 4 .  ? -12.098 0.671   -8.057  1.00 23.27 ? 2042 HOH A O   1 
HETATM 713 O O   . HOH E 4 .  ? -8.428  3.080   -9.468  1.00 52.15 ? 2043 HOH A O   1 
HETATM 714 O O   . HOH E 4 .  ? -18.143 1.101   5.241   1.00 47.69 ? 2044 HOH A O   1 
HETATM 715 O O   . HOH E 4 .  ? -3.768  -3.115  16.677  1.00 42.69 ? 2045 HOH A O   1 
HETATM 716 O O   . HOH E 4 .  ? -5.469  -3.470  12.249  1.00 48.05 ? 2046 HOH A O   1 
HETATM 717 O O   . HOH E 4 .  ? 2.080   0.984   -12.306 1.00 38.43 ? 2047 HOH A O   1 
HETATM 718 O O   . HOH E 4 .  ? -0.187  0.479   -10.565 1.00 34.28 ? 2048 HOH A O   1 
HETATM 719 O O   . HOH E 4 .  ? 6.585   -3.383  17.512  1.00 45.74 ? 2049 HOH A O   1 
HETATM 720 O O   . HOH E 4 .  ? 8.377   8.733   -13.541 1.00 51.34 ? 2050 HOH A O   1 
HETATM 721 O O   . HOH E 4 .  ? 14.621  3.118   -11.908 1.00 30.59 ? 2051 HOH A O   1 
HETATM 722 O O   . HOH E 4 .  ? 10.688  11.891  -15.078 1.00 51.80 ? 2052 HOH A O   1 
HETATM 723 O O   . HOH E 4 .  ? 11.368  -3.289  -10.515 1.00 38.08 ? 2053 HOH A O   1 
HETATM 724 O O   . HOH E 4 .  ? 13.108  1.768   -10.552 1.00 42.28 ? 2054 HOH A O   1 
HETATM 725 O O   . HOH E 4 .  ? 8.065   -3.592  -7.235  1.00 39.77 ? 2055 HOH A O   1 
HETATM 726 O O   . HOH E 4 .  ? 7.805   9.385   -8.251  1.00 44.44 ? 2056 HOH A O   1 
HETATM 727 O O   . HOH E 4 .  ? 13.301  3.272   -6.162  1.00 29.67 ? 2057 HOH A O   1 
HETATM 728 O O   . HOH E 4 .  ? 4.681   9.156   -5.150  1.00 40.60 ? 2058 HOH A O   1 
HETATM 729 O O   . HOH E 4 .  ? -3.954  4.325   -4.754  1.00 33.08 ? 2059 HOH A O   1 
HETATM 730 O O   . HOH E 4 .  ? -8.237  6.333   -4.810  1.00 46.14 ? 2060 HOH A O   1 
HETATM 731 O O   . HOH E 4 .  ? -15.183 3.703   -8.231  1.00 25.68 ? 2061 HOH A O   1 
HETATM 732 O O   . HOH E 4 .  ? -17.327 4.577   -0.488  1.00 41.23 ? 2062 HOH A O   1 
HETATM 733 O O   . HOH E 4 .  ? -17.811 3.753   4.702   1.00 50.66 ? 2063 HOH A O   1 
HETATM 734 O O   . HOH E 4 .  ? -15.812 -2.318  3.157   1.00 49.97 ? 2064 HOH A O   1 
HETATM 735 O O   . HOH E 4 .  ? -15.808 0.753   6.613   1.00 46.39 ? 2065 HOH A O   1 
HETATM 736 O O   . HOH E 4 .  ? -10.400 0.589   14.155  1.00 38.34 ? 2066 HOH A O   1 
HETATM 737 O O   . HOH E 4 .  ? -10.430 -0.448  9.578   1.00 38.50 ? 2067 HOH A O   1 
HETATM 738 O O   . HOH E 4 .  ? -3.245  7.253   8.064   1.00 41.64 ? 2068 HOH A O   1 
HETATM 739 O O   . HOH E 4 .  ? 0.547   9.759   10.980  1.00 43.93 ? 2069 HOH A O   1 
HETATM 740 O O   . HOH E 4 .  ? -2.156  -1.188  15.862  1.00 24.33 ? 2070 HOH A O   1 
HETATM 741 O O   . HOH E 4 .  ? -6.224  0.177   18.057  1.00 54.51 ? 2071 HOH A O   1 
HETATM 742 O O   . HOH E 4 .  ? -2.613  1.194   17.180  1.00 37.72 ? 2072 HOH A O   1 
HETATM 743 O O   . HOH E 4 .  ? 0.026   -2.353  17.710  1.00 46.00 ? 2073 HOH A O   1 
HETATM 744 O O   . HOH E 4 .  ? 3.674   -2.807  16.634  1.00 45.69 ? 2074 HOH A O   1 
HETATM 745 O O   . HOH E 4 .  ? 3.028   5.478   15.100  1.00 37.64 ? 2075 HOH A O   1 
HETATM 746 O O   . HOH E 4 .  ? 0.844   -7.367  14.794  1.00 21.12 ? 2076 HOH A O   1 
HETATM 747 O O   . HOH E 4 .  ? -3.501  -5.036  11.121  1.00 25.76 ? 2077 HOH A O   1 
HETATM 748 O O   . HOH E 4 .  ? 8.691   -4.796  16.515  1.00 34.83 ? 2078 HOH A O   1 
HETATM 749 O O   . HOH E 4 .  ? 7.041   -3.987  8.282   1.00 16.52 ? 2079 HOH A O   1 
HETATM 750 O O   . HOH E 4 .  ? 13.977  -2.787  6.694   1.00 47.76 ? 2080 HOH A O   1 
HETATM 751 O O   . HOH E 4 .  ? 11.804  -6.054  12.740  1.00 38.73 ? 2081 HOH A O   1 
HETATM 752 O O   . HOH E 4 .  ? 10.422  -4.994  1.476   1.00 36.36 ? 2082 HOH A O   1 
HETATM 753 O O   . HOH E 4 .  ? 10.935  -12.398 8.959   1.00 38.52 ? 2083 HOH A O   1 
HETATM 754 O O   . HOH E 4 .  ? 6.701   -9.510  1.912   1.00 45.47 ? 2084 HOH A O   1 
HETATM 755 O O   . HOH E 4 .  ? 6.518   -12.469 4.336   1.00 32.93 ? 2085 HOH A O   1 
HETATM 756 O O   . HOH E 4 .  ? 11.799  -2.170  2.406   1.00 32.57 ? 2086 HOH A O   1 
HETATM 757 O O   . HOH E 4 .  ? 4.224   7.719   2.737   1.00 27.25 ? 2087 HOH A O   1 
HETATM 758 O O   . HOH E 4 .  ? -7.740  -2.591  11.584  1.00 50.54 ? 2088 HOH A O   1 
HETATM 759 O O   . HOH E 4 .  ? -4.048  -6.886  12.934  1.00 51.88 ? 2089 HOH A O   1 
HETATM 760 O O   . HOH E 4 .  ? 4.649   -15.920 7.205   1.00 45.96 ? 2090 HOH A O   1 
# 
loop_
_atom_site_anisotrop.id 
_atom_site_anisotrop.type_symbol 
_atom_site_anisotrop.pdbx_label_atom_id 
_atom_site_anisotrop.pdbx_label_alt_id 
_atom_site_anisotrop.pdbx_label_comp_id 
_atom_site_anisotrop.pdbx_label_asym_id 
_atom_site_anisotrop.pdbx_label_seq_id 
_atom_site_anisotrop.pdbx_PDB_ins_code 
_atom_site_anisotrop.U[1][1] 
_atom_site_anisotrop.U[2][2] 
_atom_site_anisotrop.U[3][3] 
_atom_site_anisotrop.U[1][2] 
_atom_site_anisotrop.U[1][3] 
_atom_site_anisotrop.U[2][3] 
_atom_site_anisotrop.pdbx_auth_seq_id 
_atom_site_anisotrop.pdbx_auth_comp_id 
_atom_site_anisotrop.pdbx_auth_asym_id 
_atom_site_anisotrop.pdbx_auth_atom_id 
1   N N   . GLY A 6  ? 0.6870 0.4772 0.9787 -0.0307 -0.1618 -0.0933 35   GLY A N   
2   C CA  . GLY A 6  ? 0.6630 0.4674 0.9346 -0.0203 -0.1507 -0.0771 35   GLY A CA  
3   C C   . GLY A 6  ? 0.6454 0.4791 0.8999 -0.0030 -0.1386 -0.1081 35   GLY A C   
4   O O   . GLY A 6  ? 0.6507 0.5024 0.8987 -0.0002 -0.1346 -0.1392 35   GLY A O   
5   N N   . LYS A 7  ? 0.6250 0.4672 0.8723 0.0077  -0.1329 -0.0989 36   LYS A N   
6   C CA  . LYS A 7  ? 0.6006 0.4718 0.8378 0.0237  -0.1222 -0.1259 36   LYS A CA  
7   C C   . LYS A 7  ? 0.5554 0.4628 0.7525 0.0196  -0.1024 -0.1138 36   LYS A C   
8   O O   . LYS A 7  ? 0.5338 0.4407 0.7156 0.0124  -0.0982 -0.0830 36   LYS A O   
9   C CB  . LYS A 7  ? 0.6209 0.4798 0.8854 0.0404  -0.1312 -0.1303 36   LYS A CB  
10  N N   . ILE A 8  ? 0.5368 0.4761 0.7180 0.0245  -0.0910 -0.1389 37   ILE A N   
11  C CA  . ILE A 8  ? 0.5050 0.4777 0.6524 0.0208  -0.0737 -0.1292 37   ILE A CA  
12  C C   . ILE A 8  ? 0.4904 0.4714 0.6381 0.0293  -0.0690 -0.1204 37   ILE A C   
13  O O   . ILE A 8  ? 0.4998 0.4879 0.6661 0.0429  -0.0711 -0.1403 37   ILE A O   
14  C CB  . ILE A 8  ? 0.5029 0.5097 0.6336 0.0216  -0.0641 -0.1548 37   ILE A CB  
15  C CG1 . ILE A 8  ? 0.4861 0.5243 0.5862 0.0171  -0.0481 -0.1407 37   ILE A CG1 
16  C CG2 . ILE A 8  ? 0.5426 0.5608 0.6930 0.0368  -0.0667 -0.1914 37   ILE A CG2 
17  C CD1 . ILE A 8  ? 0.5077 0.5712 0.5844 0.0090  -0.0416 -0.1462 37   ILE A CD1 
18  N N   . MET A 9  ? 0.4622 0.4441 0.5915 0.0216  -0.0636 -0.0922 38   MET A N   
19  C CA  . MET A 9  ? 0.4535 0.4413 0.5836 0.0277  -0.0620 -0.0817 38   MET A CA  
20  C C   . MET A 9  ? 0.4212 0.4439 0.5367 0.0303  -0.0481 -0.0924 38   MET A C   
21  O O   . MET A 9  ? 0.3970 0.4341 0.4885 0.0211  -0.0382 -0.0835 38   MET A O   
22  C CB  . MET A 9  ? 0.4544 0.4325 0.5692 0.0184  -0.0619 -0.0508 38   MET A CB  
23  C CG  . MET A 9  ? 0.5060 0.4545 0.6338 0.0134  -0.0747 -0.0336 38   MET A CG  
24  S SD  . MET A 9  ? 0.5812 0.5322 0.6846 0.0024  -0.0707 -0.0005 38   MET A SD  
25  C CE  . MET A 9  ? 0.5852 0.5403 0.6938 0.0125  -0.0759 0.0057  38   MET A CE  
26  N N   . PRO A 10 ? 0.4177 0.4557 0.5504 0.0425  -0.0478 -0.1103 39   PRO A N   
27  C CA  . PRO A 10 ? 0.3895 0.4642 0.5086 0.0416  -0.0340 -0.1157 39   PRO A CA  
28  C C   . PRO A 10 ? 0.3452 0.4224 0.4504 0.0348  -0.0301 -0.0915 39   PRO A C   
29  O O   . PRO A 10 ? 0.3588 0.4171 0.4702 0.0360  -0.0387 -0.0761 39   PRO A O   
30  C CB  . PRO A 10 ? 0.4020 0.4959 0.5470 0.0567  -0.0346 -0.1405 39   PRO A CB  
31  C CG  . PRO A 10 ? 0.4423 0.5032 0.6155 0.0664  -0.0511 -0.1394 39   PRO A CG  
32  C CD  . PRO A 10 ? 0.4382 0.4643 0.6049 0.0572  -0.0596 -0.1260 39   PRO A CD  
33  N N   . ASN A 11 ? 0.3046 0.4061 0.3914 0.0271  -0.0182 -0.0884 40   ASN A N   
34  C CA  . ASN A 11 ? 0.2485 0.3565 0.3241 0.0202  -0.0138 -0.0710 40   ASN A CA  
35  C C   . ASN A 11 ? 0.2364 0.3203 0.2976 0.0129  -0.0175 -0.0507 40   ASN A C   
36  O O   . ASN A 11 ? 0.2195 0.3043 0.2754 0.0095  -0.0171 -0.0391 40   ASN A O   
37  C CB  . ASN A 11 ? 0.2541 0.3746 0.3484 0.0275  -0.0161 -0.0744 40   ASN A CB  
38  C CG  . ASN A 11 ? 0.2884 0.4395 0.3991 0.0357  -0.0104 -0.0967 40   ASN A CG  
39  O OD1 . ASN A 11 ? 0.3198 0.4918 0.4205 0.0322  -0.0012 -0.1061 40   ASN A OD1 
40  N ND2 . ASN A 11 ? 0.3069 0.4641 0.4428 0.0472  -0.0161 -0.1057 40   ASN A ND2 
41  N N   . THR A 12 ? 0.2160 0.2824 0.2717 0.0100  -0.0208 -0.0480 41   THR A N   
42  C CA  . THR A 12 ? 0.2007 0.2510 0.2429 0.0027  -0.0222 -0.0299 41   THR A CA  
43  C C   . THR A 12 ? 0.1820 0.2356 0.2111 -0.0043 -0.0170 -0.0287 41   THR A C   
44  O O   . THR A 12 ? 0.2006 0.2579 0.2332 -0.0038 -0.0174 -0.0405 41   THR A O   
45  C CB  . THR A 12 ? 0.2278 0.2546 0.2796 0.0045  -0.0329 -0.0220 41   THR A CB  
46  O OG1 . THR A 12 ? 0.2658 0.2908 0.3308 0.0119  -0.0397 -0.0213 41   THR A OG1 
47  C CG2 . THR A 12 ? 0.2529 0.2713 0.2900 -0.0035 -0.0324 -0.0033 41   THR A CG2 
48  N N   . VAL A 13 ? 0.1547 0.2086 0.1704 -0.0101 -0.0130 -0.0161 42   VAL A N   
49  C CA  A VAL A 13 ? 0.1554 0.2132 0.1617 -0.0157 -0.0096 -0.0132 42   VAL A CA  
50  C CA  B VAL A 13 ? 0.1573 0.2154 0.1630 -0.0159 -0.0093 -0.0127 42   VAL A CA  
51  C C   . VAL A 13 ? 0.1589 0.2047 0.1613 -0.0193 -0.0113 -0.0008 42   VAL A C   
52  O O   . VAL A 13 ? 0.1647 0.2069 0.1629 -0.0190 -0.0109 0.0076  42   VAL A O   
53  C CB  A VAL A 13 ? 0.1526 0.2269 0.1501 -0.0188 -0.0028 -0.0106 42   VAL A CB  
54  C CB  B VAL A 13 ? 0.1550 0.2267 0.1517 -0.0192 -0.0029 -0.0079 42   VAL A CB  
55  C CG1 A VAL A 13 ? 0.1261 0.1951 0.1204 -0.0199 -0.0017 -0.0005 42   VAL A CG1 
56  C CG1 B VAL A 13 ? 0.1548 0.2304 0.1435 -0.0240 -0.0013 -0.0017 42   VAL A CG1 
57  C CG2 A VAL A 13 ? 0.1683 0.2510 0.1583 -0.0234 -0.0012 -0.0087 42   VAL A CG2 
58  C CG2 B VAL A 13 ? 0.1612 0.2522 0.1610 -0.0182 0.0008  -0.0167 42   VAL A CG2 
59  N N   . PHE A 14 ? 0.1420 0.1852 0.1463 -0.0231 -0.0134 -0.0009 43   PHE A N   
60  C CA  . PHE A 14 ? 0.1527 0.1925 0.1546 -0.0276 -0.0131 0.0110  43   PHE A CA  
61  C C   . PHE A 14 ? 0.1492 0.2001 0.1423 -0.0283 -0.0071 0.0155  43   PHE A C   
62  O O   . PHE A 14 ? 0.1412 0.2015 0.1312 -0.0287 -0.0057 0.0117  43   PHE A O   
63  C CB  . PHE A 14 ? 0.1422 0.1786 0.1530 -0.0326 -0.0180 0.0087  43   PHE A CB  
64  C CG  . PHE A 14 ? 0.1670 0.2086 0.1776 -0.0385 -0.0161 0.0202  43   PHE A CG  
65  C CD1 . PHE A 14 ? 0.2122 0.2488 0.2269 -0.0424 -0.0172 0.0327  43   PHE A CD1 
66  C CD2 . PHE A 14 ? 0.1870 0.2421 0.1942 -0.0399 -0.0134 0.0195  43   PHE A CD2 
67  C CE1 . PHE A 14 ? 0.1833 0.2315 0.1998 -0.0480 -0.0137 0.0425  43   PHE A CE1 
68  C CE2 . PHE A 14 ? 0.2017 0.2656 0.2126 -0.0438 -0.0117 0.0285  43   PHE A CE2 
69  C CZ  . PHE A 14 ? 0.1868 0.2489 0.2026 -0.0477 -0.0109 0.0390  43   PHE A CZ  
70  N N   . VAL A 15 ? 0.1446 0.1959 0.1341 -0.0281 -0.0044 0.0235  44   VAL A N   
71  C CA  . VAL A 15 ? 0.1550 0.2139 0.1416 -0.0266 -0.0005 0.0261  44   VAL A CA  
72  C C   . VAL A 15 ? 0.1565 0.2224 0.1460 -0.0281 0.0016  0.0320  44   VAL A C   
73  O O   . VAL A 15 ? 0.1595 0.2276 0.1466 -0.0279 0.0038  0.0357  44   VAL A O   
74  C CB  . VAL A 15 ? 0.1467 0.2030 0.1291 -0.0227 0.0013  0.0246  44   VAL A CB  
75  C CG1 . VAL A 15 ? 0.1902 0.2496 0.1747 -0.0202 0.0032  0.0254  44   VAL A CG1 
76  C CG2 . VAL A 15 ? 0.1555 0.2091 0.1382 -0.0223 -0.0004 0.0197  44   VAL A CG2 
77  N N   . GLY A 16 ? 0.1491 0.2226 0.1441 -0.0302 0.0007  0.0331  45   GLY A N   
78  C CA  . GLY A 16 ? 0.1548 0.2406 0.1571 -0.0316 0.0028  0.0384  45   GLY A CA  
79  C C   . GLY A 16 ? 0.1647 0.2586 0.1703 -0.0248 0.0058  0.0379  45   GLY A C   
80  O O   . GLY A 16 ? 0.1592 0.2475 0.1635 -0.0212 0.0039  0.0362  45   GLY A O   
81  N N   . GLY A 17 ? 0.1634 0.2714 0.1755 -0.0228 0.0101  0.0397  46   GLY A N   
82  C CA  . GLY A 17 ? 0.1749 0.2922 0.1966 -0.0145 0.0117  0.0370  46   GLY A CA  
83  C C   . GLY A 17 ? 0.1962 0.3066 0.2141 -0.0064 0.0141  0.0291  46   GLY A C   
84  O O   . GLY A 17 ? 0.2188 0.3266 0.2467 0.0014  0.0120  0.0252  46   GLY A O   
85  N N   . ILE A 18 ? 0.1967 0.3038 0.2021 -0.0083 0.0168  0.0268  47   ILE A N   
86  C CA  . ILE A 18 ? 0.2218 0.3234 0.2221 -0.0018 0.0177  0.0169  47   ILE A CA  
87  C C   . ILE A 18 ? 0.2399 0.3603 0.2472 0.0068  0.0233  0.0077  47   ILE A C   
88  O O   . ILE A 18 ? 0.2243 0.3671 0.2294 0.0048  0.0297  0.0102  47   ILE A O   
89  C CB  . ILE A 18 ? 0.2098 0.3076 0.1946 -0.0060 0.0177  0.0174  47   ILE A CB  
90  C CG1 . ILE A 18 ? 0.2117 0.2941 0.1936 -0.0124 0.0126  0.0236  47   ILE A CG1 
91  C CG2 . ILE A 18 ? 0.2167 0.3122 0.1963 0.0003  0.0173  0.0049  47   ILE A CG2 
92  C CD1 . ILE A 18 ? 0.2360 0.3155 0.2072 -0.0158 0.0109  0.0265  47   ILE A CD1 
93  N N   . ASP A 19 ? 0.2515 0.3640 0.2697 0.0161  0.0204  -0.0029 48   ASP A N   
94  C CA  . ASP A 19 ? 0.2912 0.4206 0.3203 0.0274  0.0247  -0.0170 48   ASP A CA  
95  C C   . ASP A 19 ? 0.3039 0.4479 0.3167 0.0289  0.0304  -0.0285 48   ASP A C   
96  O O   . ASP A 19 ? 0.2920 0.4238 0.2896 0.0241  0.0273  -0.0287 48   ASP A O   
97  C CB  . ASP A 19 ? 0.3091 0.4189 0.3569 0.0370  0.0170  -0.0260 48   ASP A CB  
98  C CG  . ASP A 19 ? 0.3806 0.5060 0.4479 0.0513  0.0195  -0.0418 48   ASP A CG  
99  O OD1 . ASP A 19 ? 0.4529 0.5930 0.5363 0.0551  0.0207  -0.0365 48   ASP A OD1 
100 O OD2 . ASP A 19 ? 0.4486 0.5733 0.5174 0.0598  0.0196  -0.0617 48   ASP A OD2 
101 N N   . VAL A 20 ? 0.3250 0.4995 0.3407 0.0354  0.0389  -0.0378 49   VAL A N   
102 C CA  . VAL A 20 ? 0.3564 0.5538 0.3543 0.0374  0.0452  -0.0497 49   VAL A CA  
103 C C   . VAL A 20 ? 0.3737 0.5534 0.3688 0.0447  0.0386  -0.0701 49   VAL A C   
104 O O   . VAL A 20 ? 0.3900 0.5792 0.3647 0.0425  0.0393  -0.0764 49   VAL A O   
105 C CB  . VAL A 20 ? 0.3761 0.6167 0.3809 0.0445  0.0570  -0.0588 49   VAL A CB  
106 C CG1 . VAL A 20 ? 0.3791 0.6191 0.4119 0.0615  0.0553  -0.0794 49   VAL A CG1 
107 C CG2 . VAL A 20 ? 0.3969 0.6703 0.3774 0.0438  0.0651  -0.0673 49   VAL A CG2 
108 N N   . ARG A 21 ? 0.3792 0.5327 0.3963 0.0521  0.0305  -0.0785 50   ARG A N   
109 C CA  . ARG A 21 ? 0.4003 0.5319 0.4223 0.0574  0.0218  -0.0969 50   ARG A CA  
110 C C   . ARG A 21 ? 0.3920 0.4972 0.4032 0.0459  0.0138  -0.0856 50   ARG A C   
111 O O   . ARG A 21 ? 0.3965 0.4907 0.4058 0.0466  0.0073  -0.0997 50   ARG A O   
112 C CB  . ARG A 21 ? 0.4178 0.5307 0.4725 0.0693  0.0147  -0.1082 50   ARG A CB  
113 N N   . MET A 22 ? 0.3692 0.4662 0.3758 0.0355  0.0137  -0.0622 51   MET A N   
114 C CA  A MET A 22 ? 0.3596 0.4379 0.3587 0.0257  0.0076  -0.0522 51   MET A CA  
115 C CA  B MET A 22 ? 0.3642 0.4423 0.3632 0.0256  0.0076  -0.0521 51   MET A CA  
116 C C   . MET A 22 ? 0.3697 0.4616 0.3453 0.0207  0.0095  -0.0517 51   MET A C   
117 O O   . MET A 22 ? 0.3817 0.4937 0.3444 0.0181  0.0160  -0.0431 51   MET A O   
118 C CB  A MET A 22 ? 0.3446 0.4140 0.3467 0.0180  0.0073  -0.0314 51   MET A CB  
119 C CB  B MET A 22 ? 0.3515 0.4205 0.3535 0.0180  0.0072  -0.0312 51   MET A CB  
120 C CG  A MET A 22 ? 0.3291 0.3809 0.3300 0.0100  0.0015  -0.0236 51   MET A CG  
121 C CG  B MET A 22 ? 0.3642 0.4235 0.3867 0.0214  0.0041  -0.0266 51   MET A CG  
122 S SD  A MET A 22 ? 0.3516 0.3994 0.3565 0.0034  0.0016  -0.0045 51   MET A SD  
123 S SD  B MET A 22 ? 0.3967 0.4526 0.4156 0.0111  0.0035  -0.0046 51   MET A SD  
124 C CE  A MET A 22 ? 0.3646 0.4208 0.3836 0.0111  0.0036  -0.0043 51   MET A CE  
125 C CE  B MET A 22 ? 0.3817 0.4288 0.3871 0.0027  0.0014  -0.0029 51   MET A CE  
126 N N   . ASP A 23 ? 0.3519 0.4339 0.3238 0.0186  0.0026  -0.0593 52   ASP A N   
127 C CA  . ASP A 23 ? 0.3449 0.4408 0.2956 0.0145  0.0021  -0.0572 52   ASP A CA  
128 C C   . ASP A 23 ? 0.3267 0.4082 0.2770 0.0064  -0.0038 -0.0441 52   ASP A C   
129 O O   . ASP A 23 ? 0.3007 0.3646 0.2657 0.0032  -0.0061 -0.0377 52   ASP A O   
130 C CB  . ASP A 23 ? 0.3630 0.4716 0.3049 0.0200  -0.0008 -0.0800 52   ASP A CB  
131 C CG  . ASP A 23 ? 0.3865 0.4731 0.3445 0.0210  -0.0110 -0.0958 52   ASP A CG  
132 O OD1 . ASP A 23 ? 0.3563 0.4205 0.3291 0.0151  -0.0159 -0.0854 52   ASP A OD1 
133 O OD2 . ASP A 23 ? 0.4077 0.5019 0.3639 0.0270  -0.0145 -0.1196 52   ASP A OD2 
134 N N   . GLU A 24 ? 0.3111 0.4035 0.2455 0.0032  -0.0064 -0.0394 53   GLU A N   
135 C CA  . GLU A 24 ? 0.2993 0.3824 0.2359 -0.0025 -0.0120 -0.0280 53   GLU A CA  
136 C C   . GLU A 24 ? 0.2939 0.3623 0.2459 -0.0041 -0.0185 -0.0366 53   GLU A C   
137 O O   . GLU A 24 ? 0.2942 0.3531 0.2570 -0.0084 -0.0195 -0.0280 53   GLU A O   
138 C CB  . GLU A 24 ? 0.3075 0.4050 0.2272 -0.0041 -0.0167 -0.0221 53   GLU A CB  
139 C CG  . GLU A 24 ? 0.3305 0.4186 0.2588 -0.0072 -0.0244 -0.0148 53   GLU A CG  
140 C CD  . GLU A 24 ? 0.3197 0.4170 0.2377 -0.0085 -0.0301 -0.0010 53   GLU A CD  
141 O OE1 . GLU A 24 ? 0.3301 0.4227 0.2575 -0.0089 -0.0376 0.0023  53   GLU A OE1 
142 O OE2 . GLU A 24 ? 0.3818 0.4925 0.2840 -0.0092 -0.0276 0.0076  53   GLU A OE2 
143 N N   . THR A 25 ? 0.3029 0.3713 0.2572 -0.0015 -0.0228 -0.0543 54   THR A N   
144 C CA  . THR A 25 ? 0.3154 0.3696 0.2876 -0.0054 -0.0304 -0.0615 54   THR A CA  
145 C C   . THR A 25 ? 0.2895 0.3264 0.2814 -0.0077 -0.0282 -0.0545 54   THR A C   
146 O O   . THR A 25 ? 0.2844 0.3136 0.2896 -0.0148 -0.0312 -0.0471 54   THR A O   
147 C CB  . THR A 25 ? 0.3451 0.4007 0.3186 -0.0022 -0.0375 -0.0847 54   THR A CB  
148 O OG1 . THR A 25 ? 0.4077 0.4807 0.3646 -0.0032 -0.0431 -0.0886 54   THR A OG1 
149 C CG2 . THR A 25 ? 0.3876 0.4236 0.3866 -0.0076 -0.0456 -0.0907 54   THR A CG2 
150 N N   . GLU A 26 ? 0.2872 0.3211 0.2814 -0.0020 -0.0232 -0.0561 55   GLU A N   
151 C CA  . GLU A 26 ? 0.2727 0.2914 0.2850 -0.0040 -0.0228 -0.0466 55   GLU A CA  
152 C C   . GLU A 26 ? 0.2423 0.2644 0.2508 -0.0100 -0.0182 -0.0274 55   GLU A C   
153 O O   . GLU A 26 ? 0.2280 0.2427 0.2489 -0.0162 -0.0197 -0.0172 55   GLU A O   
154 C CB  . GLU A 26 ? 0.2797 0.2979 0.2970 0.0048  -0.0192 -0.0516 55   GLU A CB  
155 C CG  . GLU A 26 ? 0.3326 0.3369 0.3681 0.0031  -0.0206 -0.0380 55   GLU A CG  
156 C CD  . GLU A 26 ? 0.4150 0.4220 0.4579 0.0132  -0.0178 -0.0417 55   GLU A CD  
157 O OE1 . GLU A 26 ? 0.4645 0.4796 0.5069 0.0226  -0.0163 -0.0604 55   GLU A OE1 
158 O OE2 . GLU A 26 ? 0.4708 0.4753 0.5212 0.0119  -0.0172 -0.0265 55   GLU A OE2 
159 N N   . ILE A 27 ? 0.2137 0.2482 0.2064 -0.0085 -0.0131 -0.0223 56   ILE A N   
160 C CA  . ILE A 27 ? 0.1993 0.2368 0.1897 -0.0129 -0.0099 -0.0088 56   ILE A CA  
161 C C   . ILE A 27 ? 0.1972 0.2359 0.1921 -0.0182 -0.0133 -0.0070 56   ILE A C   
162 O O   . ILE A 27 ? 0.1922 0.2318 0.1942 -0.0229 -0.0117 0.0005  56   ILE A O   
163 C CB  . ILE A 27 ? 0.2042 0.2512 0.1811 -0.0109 -0.0060 -0.0043 56   ILE A CB  
164 C CG1 . ILE A 27 ? 0.2471 0.2981 0.2233 -0.0071 -0.0013 -0.0040 56   ILE A CG1 
165 C CG2 . ILE A 27 ? 0.2119 0.2594 0.1893 -0.0144 -0.0050 0.0048  56   ILE A CG2 
166 C CD1 . ILE A 27 ? 0.2844 0.3482 0.2482 -0.0067 0.0023  0.0003  56   ILE A CD1 
167 N N   . ARG A 28 ? 0.2067 0.2497 0.1977 -0.0174 -0.0179 -0.0141 57   ARG A N   
168 C CA  A ARG A 28 ? 0.2076 0.2552 0.2072 -0.0218 -0.0222 -0.0141 57   ARG A CA  
169 C CA  B ARG A 28 ? 0.2113 0.2589 0.2109 -0.0218 -0.0221 -0.0140 57   ARG A CA  
170 C C   . ARG A 28 ? 0.2185 0.2608 0.2356 -0.0288 -0.0237 -0.0128 57   ARG A C   
171 O O   . ARG A 28 ? 0.2260 0.2761 0.2518 -0.0340 -0.0218 -0.0061 57   ARG A O   
172 C CB  A ARG A 28 ? 0.2323 0.2862 0.2256 -0.0198 -0.0293 -0.0228 57   ARG A CB  
173 C CB  B ARG A 28 ? 0.2376 0.2917 0.2313 -0.0199 -0.0293 -0.0223 57   ARG A CB  
174 C CG  A ARG A 28 ? 0.2151 0.2775 0.1946 -0.0157 -0.0300 -0.0173 57   ARG A CG  
175 C CG  B ARG A 28 ? 0.2395 0.3008 0.2465 -0.0244 -0.0349 -0.0234 57   ARG A CG  
176 C CD  A ARG A 28 ? 0.2252 0.2975 0.1965 -0.0143 -0.0385 -0.0235 57   ARG A CD  
177 C CD  B ARG A 28 ? 0.2713 0.3416 0.2714 -0.0221 -0.0438 -0.0306 57   ARG A CD  
178 N NE  A ARG A 28 ? 0.2414 0.3206 0.2050 -0.0116 -0.0417 -0.0129 57   ARG A NE  
179 N NE  B ARG A 28 ? 0.2893 0.3662 0.2760 -0.0167 -0.0441 -0.0227 57   ARG A NE  
180 C CZ  A ARG A 28 ? 0.2479 0.3296 0.2237 -0.0110 -0.0463 -0.0080 57   ARG A CZ  
181 C CZ  B ARG A 28 ? 0.2750 0.3563 0.2701 -0.0153 -0.0451 -0.0153 57   ARG A CZ  
182 N NH1 A ARG A 28 ? 0.2528 0.3358 0.2472 -0.0138 -0.0466 -0.0131 57   ARG A NH1 
183 N NH1 B ARG A 28 ? 0.2928 0.3784 0.3070 -0.0184 -0.0440 -0.0165 57   ARG A NH1 
184 N NH2 A ARG A 28 ? 0.2484 0.3325 0.2203 -0.0076 -0.0510 0.0025  57   ARG A NH2 
185 N NH2 B ARG A 28 ? 0.2924 0.3752 0.2791 -0.0106 -0.0476 -0.0066 57   ARG A NH2 
186 N N   . SER A 29 ? 0.2098 0.2403 0.2335 -0.0289 -0.0273 -0.0192 58   SER A N   
187 C CA  . SER A 29 ? 0.2238 0.2455 0.2679 -0.0371 -0.0313 -0.0156 58   SER A CA  
188 C C   . SER A 29 ? 0.2115 0.2337 0.2598 -0.0416 -0.0259 0.0009  58   SER A C   
189 O O   . SER A 29 ? 0.2290 0.2575 0.2896 -0.0515 -0.0259 0.0110  58   SER A O   
190 C CB  . SER A 29 ? 0.2363 0.2410 0.2898 -0.0343 -0.0381 -0.0278 58   SER A CB  
191 O OG  . SER A 29 ? 0.2671 0.2758 0.3164 -0.0320 -0.0444 -0.0449 58   SER A OG  
192 N N   . PHE A 30 ? 0.1951 0.2154 0.2331 -0.0354 -0.0213 0.0043  59   PHE A N   
193 C CA  . PHE A 30 ? 0.2031 0.2272 0.2424 -0.0394 -0.0174 0.0193  59   PHE A CA  
194 C C   . PHE A 30 ? 0.1882 0.2319 0.2215 -0.0437 -0.0118 0.0248  59   PHE A C   
195 O O   . PHE A 30 ? 0.1994 0.2534 0.2392 -0.0522 -0.0099 0.0361  59   PHE A O   
196 C CB  . PHE A 30 ? 0.1920 0.2128 0.2231 -0.0317 -0.0148 0.0205  59   PHE A CB  
197 C CG  . PHE A 30 ? 0.2389 0.2662 0.2699 -0.0359 -0.0126 0.0356  59   PHE A CG  
198 C CD1 . PHE A 30 ? 0.2577 0.2758 0.3026 -0.0399 -0.0177 0.0477  59   PHE A CD1 
199 C CD2 . PHE A 30 ? 0.2221 0.2654 0.2402 -0.0366 -0.0070 0.0380  59   PHE A CD2 
200 C CE1 . PHE A 30 ? 0.2695 0.2982 0.3117 -0.0449 -0.0168 0.0645  59   PHE A CE1 
201 C CE2 . PHE A 30 ? 0.2706 0.3247 0.2859 -0.0412 -0.0056 0.0503  59   PHE A CE2 
202 C CZ  . PHE A 30 ? 0.2525 0.3012 0.2778 -0.0454 -0.0103 0.0645  59   PHE A CZ  
203 N N   . PHE A 31 ? 0.1907 0.2411 0.2128 -0.0378 -0.0093 0.0170  60   PHE A N   
204 C CA  . PHE A 31 ? 0.1881 0.2554 0.2071 -0.0386 -0.0046 0.0181  60   PHE A CA  
205 C C   . PHE A 31 ? 0.1944 0.2761 0.2250 -0.0437 -0.0048 0.0167  60   PHE A C   
206 O O   . PHE A 31 ? 0.1968 0.2974 0.2288 -0.0446 0.0002  0.0167  60   PHE A O   
207 C CB  . PHE A 31 ? 0.1694 0.2354 0.1775 -0.0308 -0.0038 0.0119  60   PHE A CB  
208 C CG  . PHE A 31 ? 0.1696 0.2318 0.1696 -0.0289 -0.0013 0.0157  60   PHE A CG  
209 C CD1 . PHE A 31 ? 0.2035 0.2769 0.2012 -0.0313 0.0021  0.0187  60   PHE A CD1 
210 C CD2 . PHE A 31 ? 0.1971 0.2488 0.1926 -0.0253 -0.0025 0.0154  60   PHE A CD2 
211 C CE1 . PHE A 31 ? 0.2221 0.2937 0.2138 -0.0304 0.0027  0.0220  60   PHE A CE1 
212 C CE2 . PHE A 31 ? 0.2036 0.2551 0.1952 -0.0240 -0.0006 0.0193  60   PHE A CE2 
213 C CZ  . PHE A 31 ? 0.2112 0.2715 0.2013 -0.0269 0.0011  0.0231  60   PHE A CZ  
214 N N   . ALA A 32 ? 0.1950 0.2703 0.2360 -0.0474 -0.0104 0.0145  61   ALA A N   
215 C CA  . ALA A 32 ? 0.1893 0.2803 0.2459 -0.0543 -0.0115 0.0145  61   ALA A CA  
216 C C   . ALA A 32 ? 0.1856 0.2937 0.2500 -0.0646 -0.0056 0.0274  61   ALA A C   
217 O O   . ALA A 32 ? 0.2025 0.3340 0.2789 -0.0703 -0.0027 0.0284  61   ALA A O   
218 C CB  . ALA A 32 ? 0.2049 0.2840 0.2726 -0.0581 -0.0203 0.0095  61   ALA A CB  
219 N N   . ARG A 33 ? 0.2011 0.3010 0.2596 -0.0674 -0.0041 0.0383  62   ARG A N   
220 C CA  . ARG A 33 ? 0.2182 0.3376 0.2813 -0.0787 0.0009  0.0544  62   ARG A CA  
221 C C   . ARG A 33 ? 0.2223 0.3730 0.2757 -0.0762 0.0104  0.0506  62   ARG A C   
222 O O   . ARG A 33 ? 0.2303 0.4088 0.2868 -0.0857 0.0164  0.0610  62   ARG A O   
223 C CB  . ARG A 33 ? 0.2433 0.3472 0.3032 -0.0818 -0.0021 0.0693  62   ARG A CB  
224 C CG  . ARG A 33 ? 0.2298 0.3311 0.2706 -0.0722 0.0005  0.0662  62   ARG A CG  
225 C CD  . ARG A 33 ? 0.2597 0.3436 0.3019 -0.0729 -0.0050 0.0792  62   ARG A CD  
226 N NE  . ARG A 33 ? 0.2656 0.3207 0.3217 -0.0698 -0.0132 0.0739  62   ARG A NE  
227 C CZ  . ARG A 33 ? 0.3355 0.3703 0.4043 -0.0707 -0.0209 0.0835  62   ARG A CZ  
228 N NH1 . ARG A 33 ? 0.3390 0.3788 0.4079 -0.0757 -0.0225 0.1035  62   ARG A NH1 
229 N NH2 . ARG A 33 ? 0.3377 0.3483 0.4202 -0.0663 -0.0282 0.0726  62   ARG A NH2 
230 N N   . TYR A 34 ? 0.2075 0.3546 0.2504 -0.0639 0.0113  0.0357  63   TYR A N   
231 C CA  . TYR A 34 ? 0.2163 0.3882 0.2527 -0.0590 0.0185  0.0268  63   TYR A CA  
232 C C   . TYR A 34 ? 0.2202 0.4066 0.2689 -0.0527 0.0193  0.0125  63   TYR A C   
233 O O   . TYR A 34 ? 0.2405 0.4514 0.2902 -0.0479 0.0251  0.0021  63   TYR A O   
234 C CB  . TYR A 34 ? 0.2028 0.3595 0.2240 -0.0500 0.0171  0.0203  63   TYR A CB  
235 C CG  . TYR A 34 ? 0.2024 0.3565 0.2123 -0.0547 0.0174  0.0325  63   TYR A CG  
236 C CD1 . TYR A 34 ? 0.2473 0.4302 0.2512 -0.0620 0.0230  0.0401  63   TYR A CD1 
237 C CD2 . TYR A 34 ? 0.2257 0.3530 0.2318 -0.0522 0.0118  0.0374  63   TYR A CD2 
238 C CE1 . TYR A 34 ? 0.2748 0.4572 0.2682 -0.0664 0.0213  0.0536  63   TYR A CE1 
239 C CE2 . TYR A 34 ? 0.2259 0.3521 0.2249 -0.0554 0.0105  0.0492  63   TYR A CE2 
240 C CZ  . TYR A 34 ? 0.2232 0.3763 0.2157 -0.0627 0.0144  0.0582  63   TYR A CZ  
241 O OH  . TYR A 34 ? 0.2374 0.3923 0.2227 -0.0660 0.0113  0.0721  63   TYR A OH  
242 N N   . GLY A 35 ? 0.2047 0.3780 0.2642 -0.0519 0.0126  0.0104  64   GLY A N   
243 C CA  . GLY A 35 ? 0.1960 0.3833 0.2693 -0.0451 0.0110  -0.0015 64   GLY A CA  
244 C C   . GLY A 35 ? 0.1849 0.3498 0.2607 -0.0408 0.0006  -0.0046 64   GLY A C   
245 O O   . GLY A 35 ? 0.1862 0.3270 0.2524 -0.0428 -0.0040 0.0000  64   GLY A O   
246 N N   . SER A 36 ? 0.1665 0.3427 0.2558 -0.0342 -0.0035 -0.0133 65   SER A N   
247 C CA  . SER A 36 ? 0.1597 0.3214 0.2503 -0.0305 -0.0147 -0.0156 65   SER A CA  
248 C C   . SER A 36 ? 0.1624 0.3006 0.2357 -0.0209 -0.0185 -0.0164 65   SER A C   
249 O O   . SER A 36 ? 0.1773 0.3172 0.2530 -0.0120 -0.0184 -0.0210 65   SER A O   
250 C CB  . SER A 36 ? 0.1662 0.3508 0.2788 -0.0258 -0.0189 -0.0226 65   SER A CB  
251 O OG  . SER A 36 ? 0.1841 0.3921 0.3146 -0.0372 -0.0159 -0.0200 65   SER A OG  
252 N N   . VAL A 37 ? 0.1570 0.2749 0.2155 -0.0231 -0.0223 -0.0124 66   VAL A N   
253 C CA  . VAL A 37 ? 0.1447 0.2446 0.1864 -0.0168 -0.0243 -0.0103 66   VAL A CA  
254 C C   . VAL A 37 ? 0.1509 0.2497 0.1930 -0.0101 -0.0345 -0.0107 66   VAL A C   
255 O O   . VAL A 37 ? 0.1664 0.2702 0.2106 -0.0117 -0.0416 -0.0125 66   VAL A O   
256 C CB  . VAL A 37 ? 0.1611 0.2462 0.1884 -0.0210 -0.0232 -0.0073 66   VAL A CB  
257 C CG1 . VAL A 37 ? 0.1629 0.2362 0.1740 -0.0158 -0.0251 -0.0042 66   VAL A CG1 
258 C CG2 . VAL A 37 ? 0.1775 0.2619 0.2053 -0.0268 -0.0154 -0.0034 66   VAL A CG2 
259 N N   . LYS A 38 ? 0.1498 0.2424 0.1914 -0.0030 -0.0368 -0.0082 67   LYS A N   
260 C CA  . LYS A 38 ? 0.1749 0.2652 0.2184 0.0033  -0.0478 -0.0038 67   LYS A CA  
261 C C   . LYS A 38 ? 0.1875 0.2655 0.2093 0.0016  -0.0507 0.0058  67   LYS A C   
262 O O   . LYS A 38 ? 0.2061 0.2888 0.2191 0.0014  -0.0582 0.0091  67   LYS A O   
263 C CB  . LYS A 38 ? 0.1845 0.2727 0.2447 0.0118  -0.0502 -0.0058 67   LYS A CB  
264 C CG  . LYS A 38 ? 0.2220 0.3059 0.2902 0.0191  -0.0641 0.0015  67   LYS A CG  
265 C CD  . LYS A 38 ? 0.2795 0.3598 0.3722 0.0294  -0.0681 -0.0041 67   LYS A CD  
266 C CE  . LYS A 38 ? 0.3726 0.4457 0.4762 0.0369  -0.0847 0.0070  67   LYS A CE  
267 N NZ  . LYS A 38 ? 0.4249 0.4912 0.5587 0.0491  -0.0913 -0.0004 67   LYS A NZ  
268 N N   . GLU A 39 ? 0.1963 0.2627 0.2095 0.0003  -0.0448 0.0101  68   GLU A N   
269 C CA  . GLU A 39 ? 0.2243 0.2851 0.2189 -0.0021 -0.0457 0.0202  68   GLU A CA  
270 C C   . GLU A 39 ? 0.2136 0.2699 0.1989 -0.0065 -0.0353 0.0186  68   GLU A C   
271 O O   . GLU A 39 ? 0.1972 0.2496 0.1901 -0.0070 -0.0297 0.0149  68   GLU A O   
272 C CB  . GLU A 39 ? 0.2474 0.2988 0.2465 0.0006  -0.0529 0.0326  68   GLU A CB  
273 C CG  . GLU A 39 ? 0.3463 0.3970 0.3266 -0.0043 -0.0529 0.0470  68   GLU A CG  
274 C CD  . GLU A 39 ? 0.4630 0.5037 0.4502 -0.0040 -0.0625 0.0642  68   GLU A CD  
275 O OE1 . GLU A 39 ? 0.5030 0.5335 0.5120 0.0018  -0.0699 0.0624  68   GLU A OE1 
276 O OE2 . GLU A 39 ? 0.5113 0.5559 0.4842 -0.0097 -0.0627 0.0798  68   GLU A OE2 
277 N N   . VAL A 40 ? 0.2152 0.2753 0.1843 -0.0088 -0.0330 0.0204  69   VAL A N   
278 C CA  . VAL A 40 ? 0.2135 0.2715 0.1754 -0.0114 -0.0245 0.0210  69   VAL A CA  
279 C C   . VAL A 40 ? 0.2285 0.2914 0.1781 -0.0131 -0.0251 0.0328  69   VAL A C   
280 O O   . VAL A 40 ? 0.2430 0.3173 0.1796 -0.0129 -0.0285 0.0352  69   VAL A O   
281 C CB  . VAL A 40 ? 0.2102 0.2716 0.1686 -0.0117 -0.0204 0.0103  69   VAL A CB  
282 C CG1 . VAL A 40 ? 0.1995 0.2613 0.1532 -0.0121 -0.0127 0.0108  69   VAL A CG1 
283 C CG2 . VAL A 40 ? 0.2290 0.2864 0.2016 -0.0130 -0.0199 0.0037  69   VAL A CG2 
284 N N   . LYS A 41 ? 0.2165 0.2738 0.1699 -0.0159 -0.0222 0.0410  70   LYS A N   
285 C CA  . LYS A 41 ? 0.2530 0.3184 0.1968 -0.0202 -0.0213 0.0551  70   LYS A CA  
286 C C   . LYS A 41 ? 0.2480 0.3193 0.1908 -0.0229 -0.0118 0.0538  70   LYS A C   
287 O O   . LYS A 41 ? 0.2567 0.3184 0.2113 -0.0241 -0.0100 0.0519  70   LYS A O   
288 C CB  . LYS A 41 ? 0.2724 0.3258 0.2269 -0.0228 -0.0295 0.0696  70   LYS A CB  
289 C CG  . LYS A 41 ? 0.3394 0.4005 0.2881 -0.0305 -0.0291 0.0890  70   LYS A CG  
290 C CD  . LYS A 41 ? 0.4524 0.5009 0.4115 -0.0334 -0.0413 0.1074  70   LYS A CD  
291 C CE  . LYS A 41 ? 0.5276 0.5943 0.4718 -0.0418 -0.0414 0.1305  70   LYS A CE  
292 N NZ  . LYS A 41 ? 0.5916 0.6461 0.5498 -0.0506 -0.0507 0.1561  70   LYS A NZ  
293 N N   . ILE A 42 ? 0.2337 0.3241 0.1636 -0.0229 -0.0058 0.0527  71   ILE A N   
294 C CA  . ILE A 42 ? 0.2017 0.3031 0.1336 -0.0246 0.0032  0.0524  71   ILE A CA  
295 C C   . ILE A 42 ? 0.2010 0.3148 0.1291 -0.0327 0.0037  0.0719  71   ILE A C   
296 O O   . ILE A 42 ? 0.2129 0.3422 0.1262 -0.0348 0.0022  0.0808  71   ILE A O   
297 C CB  . ILE A 42 ? 0.2127 0.3300 0.1373 -0.0183 0.0099  0.0368  71   ILE A CB  
298 C CG1 . ILE A 42 ? 0.2385 0.3400 0.1704 -0.0124 0.0069  0.0210  71   ILE A CG1 
299 C CG2 . ILE A 42 ? 0.1847 0.3179 0.1152 -0.0185 0.0188  0.0369  71   ILE A CG2 
300 C CD1 . ILE A 42 ? 0.2837 0.3950 0.2128 -0.0054 0.0101  0.0033  71   ILE A CD1 
301 N N   . ILE A 43 ? 0.2111 0.2644 0.1308 -0.0384 0.0000  0.0094  72   ILE A N   
302 C CA  . ILE A 43 ? 0.2209 0.2648 0.1289 -0.0437 0.0002  0.0113  72   ILE A CA  
303 C C   . ILE A 43 ? 0.2176 0.2674 0.1249 -0.0469 0.0050  0.0134  72   ILE A C   
304 O O   . ILE A 43 ? 0.2013 0.2653 0.1182 -0.0471 0.0081  0.0135  72   ILE A O   
305 C CB  . ILE A 43 ? 0.2271 0.2709 0.1347 -0.0486 -0.0002 0.0119  72   ILE A CB  
306 C CG1 . ILE A 43 ? 0.2496 0.2872 0.1567 -0.0441 -0.0047 0.0096  72   ILE A CG1 
307 C CG2 . ILE A 43 ? 0.2647 0.2989 0.1599 -0.0564 0.0010  0.0143  72   ILE A CG2 
308 C CD1 . ILE A 43 ? 0.2991 0.3207 0.1943 -0.0402 -0.0096 0.0079  72   ILE A CD1 
309 N N   . THR A 44 ? 0.2202 0.2586 0.1146 -0.0486 0.0055  0.0146  73   THR A N   
310 C CA  . THR A 44 ? 0.2138 0.2582 0.1065 -0.0513 0.0110  0.0163  73   THR A CA  
311 C C   . THR A 44 ? 0.2202 0.2565 0.1008 -0.0601 0.0140  0.0189  73   THR A C   
312 O O   . THR A 44 ? 0.2483 0.2684 0.1173 -0.0627 0.0107  0.0193  73   THR A O   
313 C CB  . THR A 44 ? 0.2227 0.2606 0.1091 -0.0452 0.0102  0.0156  73   THR A CB  
314 O OG1 . THR A 44 ? 0.2381 0.2560 0.1094 -0.0436 0.0059  0.0154  73   THR A OG1 
315 C CG2 . THR A 44 ? 0.2058 0.2515 0.1040 -0.0379 0.0074  0.0132  73   THR A CG2 
316 N N   . ASP A 45 ? 0.2062 0.2542 0.0896 -0.0645 0.0204  0.0201  74   ASP A N   
317 C CA  . ASP A 45 ? 0.2161 0.2580 0.0880 -0.0743 0.0253  0.0228  74   ASP A CA  
318 C C   . ASP A 45 ? 0.2333 0.2550 0.0852 -0.0729 0.0256  0.0243  74   ASP A C   
319 O O   . ASP A 45 ? 0.2452 0.2581 0.0928 -0.0640 0.0211  0.0229  74   ASP A O   
320 C CB  . ASP A 45 ? 0.2296 0.2943 0.1134 -0.0799 0.0326  0.0230  74   ASP A CB  
321 C CG  . ASP A 45 ? 0.2161 0.2913 0.1027 -0.0737 0.0367  0.0222  74   ASP A CG  
322 O OD1 . ASP A 45 ? 0.2459 0.3073 0.1208 -0.0678 0.0354  0.0226  74   ASP A OD1 
323 O OD2 . ASP A 45 ? 0.2582 0.3555 0.1584 -0.0740 0.0409  0.0208  74   ASP A OD2 
324 N N   . ARG A 46 ? 0.2484 0.2623 0.0870 -0.0823 0.0309  0.0271  75   ARG A N   
325 C CA  . ARG A 46 ? 0.2699 0.2603 0.0850 -0.0816 0.0312  0.0288  75   ARG A CA  
326 C C   . ARG A 46 ? 0.2812 0.2754 0.0949 -0.0738 0.0338  0.0282  75   ARG A C   
327 O O   . ARG A 46 ? 0.3040 0.2773 0.0978 -0.0704 0.0324  0.0289  75   ARG A O   
328 C CB  . ARG A 46 ? 0.3036 0.2834 0.1030 -0.0951 0.0374  0.0324  75   ARG A CB  
329 C CG  . ARG A 46 ? 0.3237 0.3255 0.1323 -0.1027 0.0483  0.0335  75   ARG A CG  
330 C CD  . ARG A 46 ? 0.3819 0.3772 0.1795 -0.1190 0.0546  0.0367  75   ARG A CD  
331 N NE  . ARG A 46 ? 0.3848 0.3853 0.1932 -0.1253 0.0506  0.0360  75   ARG A NE  
332 C CZ  . ARG A 46 ? 0.4611 0.4591 0.2650 -0.1403 0.0543  0.0379  75   ARG A CZ  
333 N NH1 . ARG A 46 ? 0.4849 0.4754 0.2738 -0.1516 0.0631  0.0412  75   ARG A NH1 
334 N NH2 . ARG A 46 ? 0.4851 0.4875 0.2991 -0.1443 0.0493  0.0367  75   ARG A NH2 
335 N N   . THR A 47 ? 0.2508 0.2700 0.0838 -0.0704 0.0370  0.0266  76   THR A N   
336 C CA  . THR A 47 ? 0.2477 0.2703 0.0793 -0.0620 0.0385  0.0255  76   THR A CA  
337 C C   . THR A 47 ? 0.2320 0.2556 0.0734 -0.0510 0.0305  0.0224  76   THR A C   
338 O O   . THR A 47 ? 0.2310 0.2555 0.0713 -0.0434 0.0301  0.0212  76   THR A O   
339 C CB  . THR A 47 ? 0.2406 0.2880 0.0840 -0.0636 0.0471  0.0253  76   THR A CB  
340 O OG1 . THR A 47 ? 0.2186 0.2867 0.0837 -0.0609 0.0451  0.0229  76   THR A OG1 
341 C CG2 . THR A 47 ? 0.2705 0.3224 0.1090 -0.0762 0.0561  0.0279  76   THR A CG2 
342 N N   . GLY A 48 ? 0.2223 0.2445 0.0716 -0.0504 0.0244  0.0211  77   GLY A N   
343 C CA  . GLY A 48 ? 0.2087 0.2323 0.0677 -0.0415 0.0174  0.0181  77   GLY A CA  
344 C C   . GLY A 48 ? 0.2049 0.2498 0.0822 -0.0394 0.0193  0.0169  77   GLY A C   
345 O O   . GLY A 48 ? 0.1960 0.2424 0.0798 -0.0327 0.0151  0.0148  77   GLY A O   
346 N N   . VAL A 49 ? 0.1984 0.2589 0.0833 -0.0450 0.0249  0.0179  78   VAL A N   
347 C CA  . VAL A 49 ? 0.1978 0.2772 0.0988 -0.0422 0.0256  0.0162  78   VAL A CA  
348 C C   . VAL A 49 ? 0.1933 0.2756 0.1033 -0.0448 0.0222  0.0157  78   VAL A C   
349 O O   . VAL A 49 ? 0.2015 0.2794 0.1086 -0.0516 0.0225  0.0169  78   VAL A O   
350 C CB  . VAL A 49 ? 0.1850 0.2817 0.0905 -0.0453 0.0326  0.0163  78   VAL A CB  
351 C CG1 . VAL A 49 ? 0.1850 0.3004 0.1059 -0.0421 0.0321  0.0142  78   VAL A CG1 
352 C CG2 . VAL A 49 ? 0.1878 0.2824 0.0837 -0.0409 0.0363  0.0165  78   VAL A CG2 
353 N N   . SER A 50 ? 0.1811 0.2684 0.1004 -0.0395 0.0190  0.0139  79   SER A N   
354 C CA  . SER A 50 ? 0.1843 0.2741 0.1112 -0.0411 0.0164  0.0134  79   SER A CA  
355 C C   . SER A 50 ? 0.1658 0.2666 0.0981 -0.0475 0.0189  0.0138  79   SER A C   
356 O O   . SER A 50 ? 0.1822 0.2973 0.1197 -0.0482 0.0226  0.0132  79   SER A O   
357 C CB  . SER A 50 ? 0.1757 0.2707 0.1104 -0.0350 0.0142  0.0117  79   SER A CB  
358 O OG  . SER A 50 ? 0.1766 0.2728 0.1165 -0.0365 0.0124  0.0113  79   SER A OG  
359 N N   . LYS A 51 ? 0.1718 0.2662 0.1025 -0.0518 0.0165  0.0142  80   LYS A N   
360 C CA  . LYS A 51 ? 0.1830 0.2861 0.1192 -0.0577 0.0173  0.0141  80   LYS A CA  
361 C C   . LYS A 51 ? 0.1739 0.2854 0.1197 -0.0534 0.0148  0.0123  80   LYS A C   
362 O O   . LYS A 51 ? 0.1954 0.3142 0.1463 -0.0570 0.0142  0.0115  80   LYS A O   
363 C CB  . LYS A 51 ? 0.2016 0.2910 0.1292 -0.0640 0.0151  0.0153  80   LYS A CB  
364 C CG  . LYS A 51 ? 0.2367 0.3160 0.1518 -0.0698 0.0180  0.0174  80   LYS A CG  
365 C CD  . LYS A 51 ? 0.3265 0.3928 0.2325 -0.0771 0.0155  0.0185  80   LYS A CD  
366 C CE  . LYS A 51 ? 0.3531 0.4024 0.2421 -0.0825 0.0170  0.0208  80   LYS A CE  
367 N NZ  . LYS A 51 ? 0.3695 0.4090 0.2509 -0.0920 0.0154  0.0219  80   LYS A NZ  
368 N N   . GLY A 52 ? 0.1712 0.2802 0.1181 -0.0462 0.0133  0.0115  81   GLY A N   
369 C CA  . GLY A 52 ? 0.1563 0.2705 0.1093 -0.0418 0.0115  0.0101  81   GLY A CA  
370 C C   . GLY A 52 ? 0.1666 0.2721 0.1181 -0.0413 0.0087  0.0099  81   GLY A C   
371 O O   . GLY A 52 ? 0.1742 0.2824 0.1286 -0.0385 0.0077  0.0091  81   GLY A O   
372 N N   . TYR A 53 ? 0.1609 0.2558 0.1071 -0.0431 0.0074  0.0105  82   TYR A N   
373 C CA  . TYR A 53 ? 0.1622 0.2501 0.1071 -0.0415 0.0050  0.0097  82   TYR A CA  
374 C C   . TYR A 53 ? 0.1785 0.2566 0.1189 -0.0397 0.0034  0.0092  82   TYR A C   
375 O O   . TYR A 53 ? 0.1727 0.2468 0.1090 -0.0404 0.0035  0.0098  82   TYR A O   
376 C CB  . TYR A 53 ? 0.1597 0.2459 0.1025 -0.0453 0.0032  0.0097  82   TYR A CB  
377 C CG  . TYR A 53 ? 0.1847 0.2633 0.1202 -0.0510 0.0023  0.0108  82   TYR A CG  
378 C CD1 . TYR A 53 ? 0.2213 0.2864 0.1486 -0.0503 -0.0008 0.0103  82   TYR A CD1 
379 C CD2 . TYR A 53 ? 0.2017 0.2862 0.1377 -0.0568 0.0045  0.0118  82   TYR A CD2 
380 C CE1 . TYR A 53 ? 0.2641 0.3180 0.1808 -0.0557 -0.0022 0.0114  82   TYR A CE1 
381 C CE2 . TYR A 53 ? 0.2318 0.3069 0.1588 -0.0637 0.0043  0.0132  82   TYR A CE2 
382 C CZ  . TYR A 53 ? 0.2392 0.2974 0.1554 -0.0629 0.0007  0.0132  82   TYR A CZ  
383 O OH  . TYR A 53 ? 0.3250 0.3704 0.2289 -0.0696 -0.0001 0.0147  82   TYR A OH  
384 N N   . GLY A 54 ? 0.1707 0.2451 0.1118 -0.0369 0.0018  0.0077  83   GLY A N   
385 C CA  . GLY A 54 ? 0.1805 0.2482 0.1194 -0.0339 -0.0006 0.0060  83   GLY A CA  
386 C C   . GLY A 54 ? 0.1738 0.2411 0.1148 -0.0309 -0.0015 0.0038  83   GLY A C   
387 O O   . GLY A 54 ? 0.1686 0.2379 0.1101 -0.0316 -0.0006 0.0042  83   GLY A O   
388 N N   . PHE A 55 ? 0.1582 0.2235 0.1005 -0.0272 -0.0035 0.0012  84   PHE A N   
389 C CA  . PHE A 55 ? 0.1892 0.2554 0.1337 -0.0237 -0.0043 -0.0017 84   PHE A CA  
390 C C   . PHE A 55 ? 0.1700 0.2431 0.1238 -0.0210 -0.0036 -0.0046 84   PHE A C   
391 O O   . PHE A 55 ? 0.2026 0.2747 0.1575 -0.0203 -0.0055 -0.0053 84   PHE A O   
392 C CB  . PHE A 55 ? 0.1971 0.2527 0.1321 -0.0212 -0.0093 -0.0035 84   PHE A CB  
393 C CG  . PHE A 55 ? 0.2343 0.2813 0.1592 -0.0252 -0.0105 -0.0008 84   PHE A CG  
394 C CD1 . PHE A 55 ? 0.2834 0.3289 0.2056 -0.0252 -0.0108 -0.0010 84   PHE A CD1 
395 C CD2 . PHE A 55 ? 0.2468 0.2873 0.1646 -0.0297 -0.0111 0.0017  84   PHE A CD2 
396 C CE1 . PHE A 55 ? 0.2725 0.3103 0.1861 -0.0300 -0.0125 0.0011  84   PHE A CE1 
397 C CE2 . PHE A 55 ? 0.2892 0.3233 0.1991 -0.0353 -0.0117 0.0040  84   PHE A CE2 
398 C CZ  . PHE A 55 ? 0.3092 0.3417 0.2172 -0.0356 -0.0129 0.0035  84   PHE A CZ  
399 N N   . VAL A 56 ? 0.1704 0.2502 0.1302 -0.0198 -0.0007 -0.0063 85   VAL A N   
400 C CA  . VAL A 56 ? 0.1519 0.2403 0.1223 -0.0185 0.0006  -0.0096 85   VAL A CA  
401 C C   . VAL A 56 ? 0.1624 0.2546 0.1351 -0.0140 -0.0001 -0.0139 85   VAL A C   
402 O O   . VAL A 56 ? 0.1763 0.2682 0.1456 -0.0134 0.0023  -0.0133 85   VAL A O   
403 C CB  . VAL A 56 ? 0.1479 0.2421 0.1237 -0.0225 0.0065  -0.0076 85   VAL A CB  
404 C CG1 . VAL A 56 ? 0.1582 0.2619 0.1455 -0.0230 0.0085  -0.0112 85   VAL A CG1 
405 C CG2 . VAL A 56 ? 0.1903 0.2805 0.1627 -0.0254 0.0066  -0.0039 85   VAL A CG2 
406 N N   . SER A 57 ? 0.1638 0.2594 0.1416 -0.0099 -0.0040 -0.0186 86   SER A N   
407 C CA  . SER A 57 ? 0.1760 0.2779 0.1575 -0.0044 -0.0048 -0.0237 86   SER A CA  
408 C C   . SER A 57 ? 0.1721 0.2905 0.1701 -0.0049 -0.0014 -0.0279 86   SER A C   
409 O O   . SER A 57 ? 0.1679 0.2896 0.1727 -0.0081 -0.0017 -0.0280 86   SER A O   
410 C CB  . SER A 57 ? 0.2134 0.3071 0.1874 0.0026  -0.0130 -0.0274 86   SER A CB  
411 O OG  . SER A 57 ? 0.2506 0.3466 0.2301 0.0043  -0.0172 -0.0304 86   SER A OG  
412 N N   . PHE A 58 ? 0.1659 0.2944 0.1695 -0.0021 0.0019  -0.0315 87   PHE A N   
413 C CA  . PHE A 58 ? 0.1616 0.3086 0.1823 -0.0039 0.0065  -0.0361 87   PHE A CA  
414 C C   . PHE A 58 ? 0.1875 0.3449 0.2158 0.0046  0.0019  -0.0442 87   PHE A C   
415 O O   . PHE A 58 ? 0.1969 0.3474 0.2155 0.0125  -0.0028 -0.0463 87   PHE A O   
416 C CB  . PHE A 58 ? 0.1707 0.3232 0.1924 -0.0081 0.0162  -0.0338 87   PHE A CB  
417 C CG  . PHE A 58 ? 0.1680 0.3105 0.1822 -0.0156 0.0204  -0.0266 87   PHE A CG  
418 C CD1 . PHE A 58 ? 0.1936 0.3404 0.2151 -0.0232 0.0247  -0.0251 87   PHE A CD1 
419 C CD2 . PHE A 58 ? 0.2200 0.3487 0.2196 -0.0149 0.0194  -0.0218 87   PHE A CD2 
420 C CE1 . PHE A 58 ? 0.1986 0.3345 0.2111 -0.0285 0.0275  -0.0190 87   PHE A CE1 
421 C CE2 . PHE A 58 ? 0.2079 0.3286 0.2008 -0.0203 0.0222  -0.0162 87   PHE A CE2 
422 C CZ  . PHE A 58 ? 0.1920 0.3156 0.1906 -0.0265 0.0262  -0.0147 87   PHE A CZ  
423 N N   . TYR A 59 ? 0.1779 0.3523 0.2236 0.0032  0.0030  -0.0494 88   TYR A N   
424 C CA  . TYR A 59 ? 0.1839 0.3724 0.2399 0.0120  -0.0016 -0.0587 88   TYR A CA  
425 C C   . TYR A 59 ? 0.2375 0.4381 0.2969 0.0155  0.0047  -0.0618 88   TYR A C   
426 O O   . TYR A 59 ? 0.2477 0.4510 0.3050 0.0263  -0.0003 -0.0678 88   TYR A O   
427 C CB  . TYR A 59 ? 0.1746 0.3809 0.2508 0.0080  -0.0016 -0.0637 88   TYR A CB  
428 C CG  . TYR A 59 ? 0.1553 0.3531 0.2299 0.0103  -0.0115 -0.0651 88   TYR A CG  
429 C CD1 . TYR A 59 ? 0.1462 0.3374 0.2208 0.0016  -0.0107 -0.0603 88   TYR A CD1 
430 C CD2 . TYR A 59 ? 0.1407 0.3359 0.2121 0.0216  -0.0220 -0.0715 88   TYR A CD2 
431 C CE1 . TYR A 59 ? 0.1207 0.3034 0.1926 0.0042  -0.0197 -0.0618 88   TYR A CE1 
432 C CE2 . TYR A 59 ? 0.1488 0.3338 0.2160 0.0243  -0.0314 -0.0728 88   TYR A CE2 
433 C CZ  . TYR A 59 ? 0.1534 0.3329 0.2214 0.0154  -0.0298 -0.0678 88   TYR A CZ  
434 O OH  . TYR A 59 ? 0.1737 0.3428 0.2363 0.0187  -0.0389 -0.0694 88   TYR A OH  
435 N N   . ASN A 60 ? 0.2492 0.4551 0.3118 0.0070  0.0154  -0.0578 89   ASN A N   
436 C CA  A ASN A 60 ? 0.2692 0.4882 0.3362 0.0079  0.0241  -0.0601 89   ASN A CA  
437 C CA  B ASN A 60 ? 0.2761 0.4946 0.3420 0.0101  0.0226  -0.0609 89   ASN A CA  
438 C C   . ASN A 60 ? 0.2879 0.4900 0.3351 0.0099  0.0264  -0.0543 89   ASN A C   
439 O O   . ASN A 60 ? 0.2842 0.4666 0.3172 0.0073  0.0231  -0.0477 89   ASN A O   
440 C CB  A ASN A 60 ? 0.2580 0.4913 0.3388 -0.0041 0.0349  -0.0589 89   ASN A CB  
441 C CB  B ASN A 60 ? 0.2746 0.5163 0.3606 0.0021  0.0324  -0.0640 89   ASN A CB  
442 C CG  A ASN A 60 ? 0.2483 0.4646 0.3191 -0.0144 0.0378  -0.0498 89   ASN A CG  
443 C CG  B ASN A 60 ? 0.2741 0.5334 0.3800 0.0027  0.0271  -0.0716 89   ASN A CG  
444 O OD1 A ASN A 60 ? 0.1245 0.3265 0.1882 -0.0148 0.0306  -0.0463 89   ASN A OD1 
445 O OD1 B ASN A 60 ? 0.2734 0.5423 0.3857 0.0135  0.0198  -0.0798 89   ASN A OD1 
446 N ND2 A ASN A 60 ? 0.2281 0.4459 0.2977 -0.0227 0.0487  -0.0461 89   ASN A ND2 
447 N ND2 B ASN A 60 ? 0.2625 0.5252 0.3777 -0.0085 0.0302  -0.0694 89   ASN A ND2 
448 N N   . ASP A 61 ? 0.3169 0.5273 0.3638 0.0140  0.0324  -0.0571 90   ASP A N   
449 C CA  . ASP A 61 ? 0.3372 0.5320 0.3654 0.0156  0.0348  -0.0521 90   ASP A CA  
450 C C   . ASP A 61 ? 0.3323 0.5204 0.3564 0.0044  0.0430  -0.0445 90   ASP A C   
451 O O   . ASP A 61 ? 0.3454 0.5458 0.3785 -0.0023 0.0529  -0.0447 90   ASP A O   
452 C CB  . ASP A 61 ? 0.3670 0.5727 0.3952 0.0238  0.0394  -0.0576 90   ASP A CB  
453 C CG  . ASP A 61 ? 0.4173 0.6222 0.4421 0.0376  0.0292  -0.0645 90   ASP A CG  
454 O OD1 . ASP A 61 ? 0.4777 0.6664 0.4934 0.0403  0.0186  -0.0631 90   ASP A OD1 
455 O OD2 . ASP A 61 ? 0.4745 0.6942 0.5045 0.0460  0.0317  -0.0715 90   ASP A OD2 
456 N N   . VAL A 62 ? 0.3189 0.4871 0.3290 0.0021  0.0385  -0.0381 91   VAL A N   
457 C CA  . VAL A 62 ? 0.3087 0.4672 0.3115 -0.0065 0.0441  -0.0311 91   VAL A CA  
458 C C   . VAL A 62 ? 0.3087 0.4518 0.2935 -0.0022 0.0425  -0.0280 91   VAL A C   
459 O O   . VAL A 62 ? 0.3179 0.4524 0.2951 0.0043  0.0344  -0.0290 91   VAL A O   
460 C CB  . VAL A 62 ? 0.3017 0.4529 0.3059 -0.0122 0.0393  -0.0273 91   VAL A CB  
461 C CG1 . VAL A 62 ? 0.3220 0.4610 0.3161 -0.0187 0.0431  -0.0206 91   VAL A CG1 
462 C CG2 . VAL A 62 ? 0.2895 0.4556 0.3113 -0.0163 0.0404  -0.0310 91   VAL A CG2 
463 N N   . ASP A 63 ? 0.3008 0.4391 0.2775 -0.0057 0.0501  -0.0245 92   ASP A N   
464 C CA  . ASP A 63 ? 0.2983 0.4220 0.2576 -0.0018 0.0488  -0.0218 92   ASP A CA  
465 C C   . ASP A 63 ? 0.2972 0.4057 0.2478 -0.0053 0.0431  -0.0163 92   ASP A C   
466 O O   . ASP A 63 ? 0.2815 0.3826 0.2254 -0.0100 0.0466  -0.0120 92   ASP A O   
467 C CB  . ASP A 63 ? 0.3174 0.4417 0.2704 -0.0033 0.0592  -0.0208 92   ASP A CB  
468 C CG  . ASP A 63 ? 0.3484 0.4574 0.2823 0.0024  0.0574  -0.0191 92   ASP A CG  
469 O OD1 . ASP A 63 ? 0.3070 0.4040 0.2327 0.0055  0.0482  -0.0177 92   ASP A OD1 
470 O OD2 . ASP A 63 ? 0.3431 0.4523 0.2699 0.0033  0.0657  -0.0192 92   ASP A OD2 
471 N N   . VAL A 64 ? 0.2997 0.4037 0.2499 -0.0026 0.0341  -0.0169 93   VAL A N   
472 C CA  . VAL A 64 ? 0.3042 0.3976 0.2492 -0.0063 0.0287  -0.0126 93   VAL A CA  
473 C C   . VAL A 64 ? 0.2958 0.3771 0.2268 -0.0057 0.0282  -0.0094 93   VAL A C   
474 O O   . VAL A 64 ? 0.2747 0.3509 0.2027 -0.0098 0.0283  -0.0057 93   VAL A O   
475 C CB  . VAL A 64 ? 0.3065 0.3967 0.2525 -0.0040 0.0199  -0.0140 93   VAL A CB  
476 C CG1 . VAL A 64 ? 0.3520 0.4319 0.2913 -0.0078 0.0151  -0.0097 93   VAL A CG1 
477 C CG2 . VAL A 64 ? 0.3185 0.4192 0.2777 -0.0051 0.0197  -0.0166 93   VAL A CG2 
478 N N   . GLN A 65 ? 0.3106 0.3866 0.2324 0.0000  0.0269  -0.0113 94   GLN A N   
479 C CA  . GLN A 65 ? 0.3198 0.3834 0.2276 0.0009  0.0253  -0.0088 94   GLN A CA  
480 C C   . GLN A 65 ? 0.3010 0.3630 0.2046 -0.0019 0.0326  -0.0061 94   GLN A C   
481 O O   . GLN A 65 ? 0.2819 0.3350 0.1777 -0.0035 0.0302  -0.0033 94   GLN A O   
482 C CB  . GLN A 65 ? 0.3666 0.4225 0.2631 0.0079  0.0217  -0.0114 94   GLN A CB  
483 C CG  . GLN A 65 ? 0.4219 0.4631 0.3051 0.0081  0.0151  -0.0093 94   GLN A CG  
484 C CD  . GLN A 65 ? 0.4728 0.5112 0.3593 0.0026  0.0079  -0.0071 94   GLN A CD  
485 O OE1 . GLN A 65 ? 0.5048 0.5465 0.3980 0.0008  0.0048  -0.0077 94   GLN A OE1 
486 N NE2 . GLN A 65 ? 0.4639 0.4964 0.3450 0.0004  0.0054  -0.0049 94   GLN A NE2 
487 N N   . LYS A 66 ? 0.2891 0.3596 0.1975 -0.0030 0.0415  -0.0073 95   LYS A N   
488 C CA  . LYS A 66 ? 0.2814 0.3475 0.1831 -0.0066 0.0492  -0.0044 95   LYS A CA  
489 C C   . LYS A 66 ? 0.2680 0.3317 0.1730 -0.0125 0.0478  -0.0011 95   LYS A C   
490 O O   . LYS A 66 ? 0.2726 0.3253 0.1664 -0.0135 0.0480  0.0019  95   LYS A O   
491 C CB  . LYS A 66 ? 0.2997 0.3767 0.2071 -0.0083 0.0599  -0.0066 95   LYS A CB  
492 C CG  . LYS A 66 ? 0.3504 0.4201 0.2479 -0.0132 0.0686  -0.0032 95   LYS A CG  
493 C CD  . LYS A 66 ? 0.4291 0.5108 0.3325 -0.0161 0.0803  -0.0055 95   LYS A CD  
494 C CE  . LYS A 66 ? 0.4883 0.5589 0.3784 -0.0224 0.0893  -0.0014 95   LYS A CE  
495 N NZ  . LYS A 66 ? 0.5407 0.6232 0.4361 -0.0271 0.1022  -0.0033 95   LYS A NZ  
496 N N   . ILE A 67 ? 0.2327 0.3059 0.1516 -0.0155 0.0457  -0.0021 96   ILE A N   
497 C CA  . ILE A 67 ? 0.2223 0.2933 0.1439 -0.0201 0.0436  0.0007  96   ILE A CA  
498 C C   . ILE A 67 ? 0.2106 0.2727 0.1246 -0.0180 0.0359  0.0026  96   ILE A C   
499 O O   . ILE A 67 ? 0.2255 0.2800 0.1322 -0.0190 0.0355  0.0051  96   ILE A O   
500 C CB  . ILE A 67 ? 0.2063 0.2884 0.1434 -0.0224 0.0414  -0.0012 96   ILE A CB  
501 C CG1 . ILE A 67 ? 0.2492 0.3430 0.1963 -0.0245 0.0484  -0.0042 96   ILE A CG1 
502 C CG2 . ILE A 67 ? 0.2101 0.2891 0.1487 -0.0261 0.0388  0.0014  96   ILE A CG2 
503 C CD1 . ILE A 67 ? 0.2432 0.3483 0.2055 -0.0252 0.0449  -0.0072 96   ILE A CD1 
504 N N   . VAL A 68 ? 0.2039 0.2664 0.1188 -0.0149 0.0298  0.0011  97   VAL A N   
505 C CA  . VAL A 68 ? 0.2002 0.2566 0.1097 -0.0141 0.0226  0.0023  97   VAL A CA  
506 C C   . VAL A 68 ? 0.2067 0.2529 0.1027 -0.0116 0.0228  0.0035  97   VAL A C   
507 O O   . VAL A 68 ? 0.2106 0.2532 0.1033 -0.0119 0.0197  0.0048  97   VAL A O   
508 C CB  . VAL A 68 ? 0.2064 0.2627 0.1169 -0.0123 0.0165  0.0004  97   VAL A CB  
509 C CG1 . VAL A 68 ? 0.2391 0.2891 0.1432 -0.0123 0.0098  0.0011  97   VAL A CG1 
510 C CG2 . VAL A 68 ? 0.2204 0.2837 0.1416 -0.0147 0.0148  -0.0003 97   VAL A CG2 
511 N N   . GLU A 69 ? 0.2279 0.2472 0.1049 -0.0001 0.0193  -0.0284 98   GLU A N   
512 C CA  . GLU A 69 ? 0.2898 0.2820 0.1118 0.0044  0.0141  -0.0351 98   GLU A CA  
513 C C   . GLU A 69 ? 0.2915 0.2964 0.1027 -0.0065 0.0213  -0.0173 98   GLU A C   
514 O O   . GLU A 69 ? 0.3507 0.3308 0.1182 -0.0066 0.0088  -0.0177 98   GLU A O   
515 C CB  . GLU A 69 ? 0.3593 0.3333 0.1347 0.0296  0.0311  -0.0502 98   GLU A CB  
516 C CG  . GLU A 69 ? 0.4283 0.3651 0.1991 0.0397  0.0110  -0.0721 98   GLU A CG  
517 C CD  . GLU A 69 ? 0.5757 0.4848 0.2994 0.0713  0.0300  -0.0921 98   GLU A CD  
518 O OE1 . GLU A 69 ? 0.6246 0.5408 0.3059 0.0884  0.0630  -0.0896 98   GLU A OE1 
519 O OE2 . GLU A 69 ? 0.6328 0.5087 0.3604 0.0806  0.0137  -0.1091 98   GLU A OE2 
520 N N   . SER A 70 ? 0.2463 0.2835 0.0975 -0.0173 0.0346  -0.0006 99   SER A N   
521 C CA  . SER A 70 ? 0.2773 0.3198 0.1232 -0.0298 0.0389  0.0184  99   SER A CA  
522 C C   . SER A 70 ? 0.2544 0.2799 0.1112 -0.0417 0.0162  0.0208  99   SER A C   
523 O O   . SER A 70 ? 0.2706 0.2900 0.1222 -0.0502 0.0144  0.0351  99   SER A O   
524 C CB  . SER A 70 ? 0.2562 0.3334 0.1432 -0.0394 0.0574  0.0371  99   SER A CB  
525 O OG  . SER A 70 ? 0.2463 0.3280 0.1744 -0.0509 0.0415  0.0356  99   SER A OG  
526 N N   . GLN A 71 ? 0.2334 0.2512 0.1099 -0.0406 0.0018  0.0099  100  GLN A N   
527 C CA  . GLN A 71 ? 0.2158 0.2233 0.1111 -0.0461 -0.0104 0.0148  100  GLN A CA  
528 C C   . GLN A 71 ? 0.2407 0.2319 0.1171 -0.0437 -0.0290 0.0179  100  GLN A C   
529 O O   . GLN A 71 ? 0.2841 0.2627 0.1369 -0.0385 -0.0428 0.0082  100  GLN A O   
530 C CB  . GLN A 71 ? 0.1896 0.1982 0.1144 -0.0442 -0.0139 0.0085  100  GLN A CB  
531 C CG  . GLN A 71 ? 0.1806 0.1966 0.1139 -0.0463 -0.0027 0.0076  100  GLN A CG  
532 C CD  . GLN A 71 ? 0.1636 0.1766 0.1154 -0.0437 -0.0033 0.0056  100  GLN A CD  
533 O OE1 . GLN A 71 ? 0.1883 0.1948 0.1471 -0.0432 0.0042  0.0111  100  GLN A OE1 
534 N NE2 . GLN A 71 ? 0.1919 0.2044 0.1477 -0.0402 -0.0097 -0.0009 100  GLN A NE2 
535 N N   . ILE A 72 ? 0.2406 0.2249 0.1247 -0.0467 -0.0342 0.0307  101  ILE A N   
536 C CA  . ILE A 72 ? 0.2866 0.2551 0.1595 -0.0444 -0.0589 0.0383  101  ILE A CA  
537 C C   . ILE A 72 ? 0.2778 0.2495 0.2050 -0.0413 -0.0693 0.0463  101  ILE A C   
538 O O   . ILE A 72 ? 0.3134 0.2794 0.2543 -0.0392 -0.0966 0.0544  101  ILE A O   
539 C CB  . ILE A 72 ? 0.3271 0.2804 0.1537 -0.0469 -0.0576 0.0532  101  ILE A CB  
540 C CG1 . ILE A 72 ? 0.2946 0.2468 0.1423 -0.0532 -0.0439 0.0663  101  ILE A CG1 
541 C CG2 . ILE A 72 ? 0.3593 0.3131 0.1323 -0.0445 -0.0400 0.0485  101  ILE A CG2 
542 C CD1 . ILE A 72 ? 0.3522 0.2845 0.1659 -0.0585 -0.0467 0.0890  101  ILE A CD1 
543 N N   . ASN A 73 ? 0.2586 0.2371 0.2147 -0.0388 -0.0480 0.0456  102  ASN A N   
544 C CA  . ASN A 73 ? 0.2628 0.2437 0.2678 -0.0288 -0.0455 0.0537  102  ASN A CA  
545 C C   . ASN A 73 ? 0.2481 0.2460 0.2861 -0.0252 -0.0274 0.0487  102  ASN A C   
546 O O   . ASN A 73 ? 0.2309 0.2229 0.2460 -0.0260 -0.0078 0.0399  102  ASN A O   
547 C CB  . ASN A 73 ? 0.2823 0.2396 0.2748 -0.0237 -0.0332 0.0576  102  ASN A CB  
548 C CG  . ASN A 73 ? 0.3086 0.2622 0.3475 -0.0047 -0.0237 0.0647  102  ASN A CG  
549 O OD1 . ASN A 73 ? 0.3044 0.2815 0.3897 0.0042  -0.0127 0.0671  102  ASN A OD1 
550 N ND2 . ASN A 73 ? 0.3390 0.2619 0.3686 0.0029  -0.0244 0.0700  102  ASN A ND2 
551 N N   . PHE A 74 ? 0.2469 0.2647 0.3419 -0.0225 -0.0375 0.0582  103  PHE A N   
552 C CA  . PHE A 74 ? 0.2598 0.2962 0.3941 -0.0211 -0.0190 0.0614  103  PHE A CA  
553 C C   . PHE A 74 ? 0.2677 0.3223 0.4669 -0.0049 0.0041  0.0789  103  PHE A C   
554 O O   . PHE A 74 ? 0.2745 0.3547 0.5300 -0.0046 0.0170  0.0923  103  PHE A O   
555 C CB  . PHE A 74 ? 0.2655 0.3108 0.4205 -0.0349 -0.0475 0.0610  103  PHE A CB  
556 C CG  . PHE A 74 ? 0.2869 0.3148 0.3814 -0.0423 -0.0502 0.0423  103  PHE A CG  
557 C CD1 . PHE A 74 ? 0.3005 0.3298 0.3900 -0.0429 -0.0288 0.0389  103  PHE A CD1 
558 C CD2 . PHE A 74 ? 0.3402 0.3493 0.3824 -0.0455 -0.0712 0.0306  103  PHE A CD2 
559 C CE1 . PHE A 74 ? 0.3505 0.3670 0.3964 -0.0459 -0.0315 0.0239  103  PHE A CE1 
560 C CE2 . PHE A 74 ? 0.3261 0.3240 0.3218 -0.0461 -0.0663 0.0151  103  PHE A CE2 
561 C CZ  . PHE A 74 ? 0.3391 0.3429 0.3438 -0.0460 -0.0480 0.0118  103  PHE A CZ  
562 N N   . HIS A 75 ? 0.2975 0.3378 0.4915 0.0102  0.0122  0.0810  104  HIS A N   
563 C CA  . HIS A 75 ? 0.3275 0.3777 0.5736 0.0352  0.0442  0.0945  104  HIS A CA  
564 C C   . HIS A 75 ? 0.3455 0.3903 0.5675 0.0442  0.0888  0.0904  104  HIS A C   
565 O O   . HIS A 75 ? 0.3601 0.3824 0.5138 0.0324  0.0894  0.0744  104  HIS A O   
566 C CB  . HIS A 75 ? 0.3522 0.3667 0.5688 0.0516  0.0464  0.0895  104  HIS A CB  
567 C CG  . HIS A 75 ? 0.3966 0.4111 0.6571 0.0849  0.0838  0.0991  104  HIS A CG  
568 N ND1 . HIS A 75 ? 0.4275 0.4099 0.6384 0.1050  0.1288  0.0866  104  HIS A ND1 
569 C CD2 . HIS A 75 ? 0.4037 0.4430 0.7501 0.1055  0.0836  0.1202  104  HIS A CD2 
570 C CE1 . HIS A 75 ? 0.4679 0.4533 0.7271 0.1397  0.1617  0.0975  104  HIS A CE1 
571 N NE2 . HIS A 75 ? 0.4328 0.4579 0.7844 0.1408  0.1356  0.1197  104  HIS A NE2 
572 N N   . GLY A 76 ? 0.3664 0.4319 0.6448 0.0669  0.1274  0.1077  105  GLY A N   
573 C CA  . GLY A 76 ? 0.3970 0.4589 0.6519 0.0770  0.1738  0.1108  105  GLY A CA  
574 C C   . GLY A 76 ? 0.4326 0.4336 0.5683 0.0831  0.1892  0.0850  105  GLY A C   
575 O O   . GLY A 76 ? 0.4430 0.4338 0.5335 0.0753  0.2007  0.0828  105  GLY A O   
576 N N   . LYS A 77 ? 0.4495 0.4051 0.5354 0.0957  0.1844  0.0672  106  LYS A N   
577 C CA  . LYS A 77 ? 0.5010 0.3900 0.4756 0.0999  0.1907  0.0425  106  LYS A CA  
578 C C   . LYS A 77 ? 0.4494 0.3269 0.3736 0.0671  0.1509  0.0289  106  LYS A C   
579 O O   . LYS A 77 ? 0.4943 0.3283 0.3388 0.0651  0.1514  0.0145  106  LYS A O   
580 C CB  . LYS A 77 ? 0.5693 0.4036 0.5083 0.1213  0.1925  0.0278  106  LYS A CB  
581 C CG  . LYS A 77 ? 0.5805 0.4147 0.5388 0.1009  0.1460  0.0260  106  LYS A CG  
582 C CD  . LYS A 77 ? 0.6968 0.4658 0.6153 0.1177  0.1423  0.0125  106  LYS A CD  
583 C CE  . LYS A 77 ? 0.6999 0.4739 0.6414 0.0947  0.0989  0.0192  106  LYS A CE  
584 N NZ  . LYS A 77 ? 0.6843 0.5204 0.7167 0.0955  0.0897  0.0436  106  LYS A NZ  
585 N N   . LYS A 78 ? 0.3539 0.2684 0.3228 0.0441  0.1172  0.0343  107  LYS A N   
586 C CA  . LYS A 78 ? 0.3116 0.2228 0.2462 0.0187  0.0863  0.0242  107  LYS A CA  
587 C C   . LYS A 78 ? 0.2906 0.2152 0.2151 0.0101  0.0902  0.0261  107  LYS A C   
588 O O   . LYS A 78 ? 0.2852 0.2403 0.2553 0.0131  0.1046  0.0406  107  LYS A O   
589 C CB  . LYS A 78 ? 0.2595 0.2006 0.2325 0.0030  0.0572  0.0297  107  LYS A CB  
590 C CG  . LYS A 78 ? 0.2765 0.2015 0.2559 0.0078  0.0461  0.0325  107  LYS A CG  
591 C CD  . LYS A 78 ? 0.2936 0.1708 0.2179 0.0032  0.0396  0.0213  107  LYS A CD  
592 C CE  . LYS A 78 ? 0.3076 0.1648 0.2426 0.0066  0.0263  0.0290  107  LYS A CE  
593 N NZ  . LYS A 78 ? 0.3249 0.1285 0.2138 -0.0024 0.0147  0.0211  107  LYS A NZ  
594 N N   . LEU A 79 ? 0.2898 0.1930 0.1637 -0.0021 0.0739  0.0152  108  LEU A N   
595 C CA  . LEU A 79 ? 0.2660 0.1804 0.1327 -0.0102 0.0708  0.0186  108  LEU A CA  
596 C C   . LEU A 79 ? 0.2351 0.1905 0.1547 -0.0219 0.0551  0.0237  108  LEU A C   
597 O O   . LEU A 79 ? 0.2263 0.1930 0.1577 -0.0297 0.0375  0.0189  108  LEU A O   
598 C CB  . LEU A 79 ? 0.2926 0.1770 0.1039 -0.0198 0.0500  0.0083  108  LEU A CB  
599 C CG  . LEU A 79 ? 0.3575 0.1813 0.0940 -0.0083 0.0572  -0.0016 108  LEU A CG  
600 C CD1 . LEU A 79 ? 0.4315 0.2279 0.1262 -0.0242 0.0215  -0.0098 108  LEU A CD1 
601 C CD2 . LEU A 79 ? 0.4458 0.2509 0.1455 0.0108  0.0919  0.0062  108  LEU A CD2 
602 N N   . LYS A 80 ? 0.2014 0.1712 0.1445 -0.0227 0.0617  0.0337  109  LYS A N   
603 C CA  . LYS A 80 ? 0.1792 0.1731 0.1643 -0.0322 0.0433  0.0353  109  LYS A CA  
604 C C   . LYS A 80 ? 0.1786 0.1672 0.1435 -0.0374 0.0302  0.0297  109  LYS A C   
605 O O   . LYS A 80 ? 0.2019 0.1813 0.1600 -0.0369 0.0366  0.0391  109  LYS A O   
606 C CB  . LYS A 80 ? 0.1721 0.1821 0.2107 -0.0324 0.0527  0.0528  109  LYS A CB  
607 C CG  . LYS A 80 ? 0.2369 0.2589 0.3100 -0.0216 0.0750  0.0657  109  LYS A CG  
608 C CD  . LYS A 80 ? 0.2592 0.2890 0.3505 -0.0218 0.0551  0.0589  109  LYS A CD  
609 C CE  . LYS A 80 ? 0.3057 0.3588 0.4645 -0.0116 0.0687  0.0778  109  LYS A CE  
610 N NZ  . LYS A 80 ? 0.3295 0.3697 0.4692 0.0106  0.1094  0.0816  109  LYS A NZ  
611 N N   . LEU A 81 ? 0.1689 0.1646 0.1288 -0.0407 0.0144  0.0184  110  LEU A N   
612 C CA  . LEU A 81 ? 0.1728 0.1698 0.1262 -0.0410 0.0043  0.0145  110  LEU A CA  
613 C C   . LEU A 81 ? 0.1736 0.1722 0.1499 -0.0388 -0.0048 0.0109  110  LEU A C   
614 O O   . LEU A 81 ? 0.1814 0.1809 0.1687 -0.0396 -0.0114 0.0057  110  LEU A O   
615 C CB  . LEU A 81 ? 0.1539 0.1628 0.1003 -0.0432 -0.0014 0.0084  110  LEU A CB  
616 C CG  . LEU A 81 ? 0.1927 0.1904 0.1182 -0.0493 -0.0008 0.0099  110  LEU A CG  
617 C CD1 . LEU A 81 ? 0.2033 0.2185 0.1397 -0.0561 -0.0079 0.0111  110  LEU A CD1 
618 C CD2 . LEU A 81 ? 0.2516 0.2221 0.1452 -0.0494 -0.0036 0.0125  110  LEU A CD2 
619 N N   . GLY A 82 ? 0.1911 0.1826 0.1698 -0.0355 -0.0105 0.0129  111  GLY A N   
620 C CA  . GLY A 82 ? 0.1894 0.1694 0.1840 -0.0310 -0.0220 0.0061  111  GLY A CA  
621 C C   . GLY A 82 ? 0.1844 0.1605 0.1802 -0.0213 -0.0275 0.0059  111  GLY A C   
622 O O   . GLY A 82 ? 0.1697 0.1548 0.1588 -0.0214 -0.0269 0.0141  111  GLY A O   
623 N N   . PRO A 83 ? 0.2046 0.1622 0.2093 -0.0116 -0.0372 -0.0038 112  PRO A N   
624 C CA  . PRO A 83 ? 0.2206 0.1725 0.2359 0.0018  -0.0427 -0.0021 112  PRO A CA  
625 C C   . PRO A 83 ? 0.2504 0.1838 0.2701 -0.0069 -0.0505 0.0195  112  PRO A C   
626 O O   . PRO A 83 ? 0.2393 0.1618 0.2601 -0.0211 -0.0474 0.0308  112  PRO A O   
627 C CB  . PRO A 83 ? 0.2673 0.1895 0.2815 0.0170  -0.0502 -0.0215 112  PRO A CB  
628 C CG  . PRO A 83 ? 0.2692 0.1686 0.2766 0.0017  -0.0613 -0.0258 112  PRO A CG  
629 C CD  . PRO A 83 ? 0.2208 0.1534 0.2239 -0.0121 -0.0488 -0.0173 112  PRO A CD  
630 N N   . ALA A 84 ? 0.2671 0.1997 0.2924 0.0019  -0.0589 0.0288  113  ALA A N   
631 C CA  . ALA A 84 ? 0.3068 0.2148 0.3240 -0.0040 -0.0679 0.0524  113  ALA A CA  
632 C C   . ALA A 84 ? 0.3587 0.2355 0.4000 0.0085  -0.0833 0.0529  113  ALA A C   
633 O O   . ALA A 84 ? 0.3480 0.2292 0.4092 0.0289  -0.0906 0.0431  113  ALA A O   
634 C CB  . ALA A 84 ? 0.3199 0.2381 0.3152 -0.0050 -0.0760 0.0657  113  ALA A CB  
635 N N   . ILE A 85 ? 0.4122 0.2563 0.4582 -0.0032 -0.0869 0.0656  114  ILE A N   
636 C CA  . ILE A 85 ? 0.4834 0.2838 0.5512 0.0055  -0.1057 0.0658  114  ILE A CA  
637 C C   . ILE A 85 ? 0.5510 0.3240 0.6156 -0.0060 -0.1120 0.1029  114  ILE A C   
638 O O   . ILE A 85 ? 0.5564 0.3321 0.6127 -0.0264 -0.0972 0.1252  114  ILE A O   
639 C CB  . ILE A 85 ? 0.5011 0.2736 0.5824 -0.0008 -0.1138 0.0462  114  ILE A CB  
640 C CG1 . ILE A 85 ? 0.4925 0.2825 0.5583 0.0153  -0.1070 0.0105  114  ILE A CG1 
641 C CG2 . ILE A 85 ? 0.5727 0.2845 0.6718 0.0054  -0.1387 0.0471  114  ILE A CG2 
642 C CD1 . ILE A 85 ? 0.5094 0.2820 0.5691 0.0034  -0.1159 -0.0068 114  ILE A CD1 
643 N N   . ARG A 86 ? 0.6082 0.3552 0.6801 0.0097  -0.1312 0.1119  115  ARG A N   
644 C CA  . ARG A 86 ? 0.6842 0.3966 0.7457 0.0020  -0.1415 0.1512  115  ARG A CA  
645 C C   . ARG A 86 ? 0.7211 0.3979 0.8002 -0.0212 -0.1390 0.1739  115  ARG A C   
646 O O   . ARG A 86 ? 0.7386 0.3861 0.8525 -0.0230 -0.1531 0.1581  115  ARG A O   
647 C CB  . ARG A 86 ? 0.7285 0.4142 0.8079 0.0268  -0.1688 0.1544  115  ARG A CB  
648 C CG  . ARG A 86 ? 0.7368 0.4649 0.8188 0.0471  -0.1746 0.1432  115  ARG A CG  
649 C CD  . ARG A 86 ? 0.8428 0.5510 0.9512 0.0710  -0.2039 0.1585  115  ARG A CD  
650 N NE  . ARG A 86 ? 0.8674 0.6247 0.9887 0.0827  -0.2143 0.1583  115  ARG A NE  
651 C CZ  . ARG A 86 ? 0.8546 0.6542 1.0286 0.1070  -0.2088 0.1355  115  ARG A CZ  
652 N NH1 . ARG A 86 ? 0.8556 0.6458 1.0559 0.1274  -0.1905 0.1064  115  ARG A NH1 
653 N NH2 . ARG A 86 ? 0.8330 0.6814 1.0316 0.1110  -0.2220 0.1433  115  ARG A NH2 
671 O O   . HOH E .  ? 0.6372 0.6749 0.5086 -0.0309 0.0803  0.0083  2001 HOH A O   
672 O O   . HOH E .  ? 0.6235 0.5021 0.8531 -0.0215 -0.1342 -0.1679 2002 HOH A O   
673 O O   . HOH E .  ? 0.5425 0.6337 0.7668 0.0978  -0.0540 -0.2240 2003 HOH A O   
674 O O   . HOH E .  ? 0.4717 0.5934 0.6197 0.0504  -0.0382 -0.0757 2004 HOH A O   
675 O O   . HOH E .  ? 0.6166 0.8507 0.7420 0.0501  0.0098  -0.1578 2005 HOH A O   
676 O O   . HOH E .  ? 0.7231 0.8709 0.8005 0.0273  -0.0049 -0.1202 2006 HOH A O   
677 O O   . HOH E .  ? 0.2573 0.3101 0.3098 0.0017  -0.0267 -0.0735 2007 HOH A O   
678 O O   . HOH E .  ? 0.5268 0.6170 0.5805 0.0186  0.0038  0.0164  2008 HOH A O   
679 O O   . HOH E .  ? 0.2832 0.4559 0.3137 -0.0033 0.0323  0.0271  2009 HOH A O   
680 O O   . HOH E .  ? 0.3355 0.5466 0.2718 0.0188  0.0443  -0.0364 2010 HOH A O   
681 O O   . HOH E .  ? 0.4853 0.6623 0.4214 0.0339  0.0271  -0.0848 2011 HOH A O   
682 O O   . HOH E .  ? 0.4550 0.6780 0.5001 0.0332  0.0494  -0.0202 2012 HOH A O   
683 O O   . HOH E .  ? 0.4146 0.5744 0.3404 0.0149  0.0241  -0.0414 2013 HOH A O   
684 O O   . HOH E .  ? 0.4132 0.5624 0.3664 0.0097  0.0297  -0.0166 2014 HOH A O   
685 O O   . HOH E .  ? 0.4068 0.4774 0.3788 0.0216  -0.0392 -0.1521 2015 HOH A O   
686 O O   . HOH E .  ? 0.4427 0.4643 0.4605 0.0155  -0.0339 -0.1101 2016 HOH A O   
687 O O   . HOH E .  ? 0.5714 0.7305 0.4873 0.0370  -0.0024 -0.1413 2017 HOH A O   
688 O O   . HOH E .  ? 0.4707 0.6187 0.3438 -0.0058 -0.0188 -0.0084 2018 HOH A O   
689 O O   . HOH E .  ? 0.3907 0.5445 0.2863 0.0065  0.0075  -0.0373 2019 HOH A O   
690 O O   . HOH E .  ? 0.4573 0.5667 0.3591 -0.0127 -0.0424 0.0422  2020 HOH A O   
691 O O   . HOH E .  ? 0.6979 0.8511 0.6638 -0.0406 0.0184  0.0069  2021 HOH A O   
692 O O   . HOH E .  ? 0.4048 0.5165 0.3237 0.0097  -0.0212 -0.0848 2022 HOH A O   
693 O O   . HOH E .  ? 0.5961 0.6893 0.5371 0.0070  -0.0477 -0.1293 2023 HOH A O   
694 O O   . HOH E .  ? 0.4415 0.4800 0.4636 0.0312  -0.0146 -0.0958 2024 HOH A O   
695 O O   . HOH E .  ? 0.4142 0.3958 0.4782 -0.0232 -0.0330 -0.0120 2025 HOH A O   
696 O O   . HOH E .  ? 0.5925 0.6310 0.6521 0.0429  -0.0072 -0.0677 2026 HOH A O   
697 O O   . HOH E .  ? 0.3484 0.4313 0.2969 -0.0072 -0.0490 0.0209  2027 HOH A O   
698 O O   . HOH E .  ? 0.2021 0.2730 0.2407 -0.0360 -0.0353 -0.0189 2028 HOH A O   
699 O O   . HOH E .  ? 0.4284 0.4500 0.5137 -0.0686 -0.0277 0.0432  2029 HOH A O   
700 O O   . HOH E .  ? 0.3502 0.5006 0.4584 -0.0727 -0.0135 0.0126  2030 HOH A O   
701 O O   . HOH E .  ? 0.5479 0.6467 0.4613 -0.1010 0.0329  0.0209  2031 HOH A O   
702 O O   . HOH E .  ? 0.4934 0.7567 0.5741 -0.0846 0.0331  0.0382  2032 HOH A O   
703 O O   . HOH E .  ? 0.5592 0.5372 0.6487 -0.0467 -0.0378 0.0221  2033 HOH A O   
704 O O   . HOH E .  ? 0.4677 0.5976 0.4084 -0.0806 0.0298  0.0155  2034 HOH A O   
705 O O   . HOH E .  ? 0.3208 0.5773 0.3460 -0.0554 0.0389  0.0066  2035 HOH A O   
706 O O   . HOH E .  ? 0.2253 0.3339 0.2178 -0.0555 0.0002  0.0752  2036 HOH A O   
707 O O   . HOH E .  ? 0.3409 0.6194 0.4225 -0.0485 0.0359  -0.0114 2037 HOH A O   
708 O O   . HOH E .  ? 0.4269 0.6590 0.4195 0.0070  0.0553  0.0036  2038 HOH A O   
709 O O   . HOH E .  ? 0.3829 0.5864 0.5145 -0.0680 -0.0082 0.0026  2039 HOH A O   
710 O O   . HOH E .  ? 0.2618 0.3668 0.2879 -0.0087 -0.0603 -0.0114 2040 HOH A O   
711 O O   . HOH E .  ? 0.2258 0.3359 0.2937 -0.0406 -0.0293 -0.0117 2041 HOH A O   
712 O O   . HOH E .  ? 0.2474 0.3577 0.2787 0.0041  -0.0774 0.0026  2042 HOH A O   
713 O O   . HOH E .  ? 0.6413 0.7184 0.6215 0.0026  -0.0752 0.0453  2043 HOH A O   
714 O O   . HOH E .  ? 0.4646 0.7613 0.5860 -0.0044 0.0554  -0.0753 2044 HOH A O   
715 O O   . HOH E .  ? 0.5821 0.6069 0.4331 -0.0178 0.0747  0.0072  2045 HOH A O   
716 O O   . HOH E .  ? 0.6114 0.6856 0.5285 -0.0316 0.0698  0.0016  2046 HOH A O   
717 O O   . HOH E .  ? 0.4726 0.6413 0.3462 -0.0268 0.0017  0.0648  2047 HOH A O   
718 O O   . HOH E .  ? 0.4287 0.5453 0.3284 -0.0183 -0.0129 0.0454  2048 HOH A O   
719 O O   . HOH E .  ? 0.7069 0.6009 0.4301 -0.0327 -0.1244 0.0101  2049 HOH A O   
720 O O   . HOH E .  ? 0.7158 0.6938 0.5407 -0.0814 0.0133  0.0252  2050 HOH A O   
721 O O   . HOH E .  ? 0.3663 0.5008 0.2951 -0.0830 0.0429  0.0177  2051 HOH A O   
722 O O   . HOH E .  ? 0.7530 0.6884 0.5265 -0.1183 0.0254  0.0351  2052 HOH A O   
723 O O   . HOH E .  ? 0.3945 0.6935 0.3588 0.0054  0.0727  -0.0002 2053 HOH A O   
724 O O   . HOH E .  ? 0.5135 0.6428 0.4501 -0.0664 0.0322  0.0151  2054 HOH A O   
725 O O   . HOH E .  ? 0.4576 0.6233 0.4299 0.0027  0.0371  0.0047  2055 HOH A O   
726 O O   . HOH E .  ? 0.3862 0.7355 0.5669 -0.0084 0.0432  -0.0955 2056 HOH A O   
727 O O   . HOH E .  ? 0.3458 0.4803 0.3010 -0.0731 0.0189  0.0118  2057 HOH A O   
728 O O   . HOH E .  ? 0.5528 0.5577 0.4318 -0.0529 -0.0137 0.0099  2058 HOH A O   
729 O O   . HOH E .  ? 0.4098 0.4385 0.4085 -0.0079 -0.0381 0.0370  2059 HOH A O   
730 O O   . HOH E .  ? 0.5552 0.5843 0.6136 0.0179  -0.0678 0.0243  2060 HOH A O   
731 O O   . HOH E .  ? 0.2582 0.4128 0.3046 0.0411  -0.0584 -0.0801 2061 HOH A O   
732 O O   . HOH E .  ? 0.4098 0.6534 0.5033 0.0382  -0.0100 -0.0879 2062 HOH A O   
733 O O   . HOH E .  ? 0.5147 0.7942 0.6157 0.0238  0.0352  -0.0819 2063 HOH A O   
734 O O   . HOH E .  ? 0.4944 0.7697 0.6345 -0.0366 0.0136  -0.0268 2064 HOH A O   
735 O O   . HOH E .  ? 0.4773 0.7283 0.5570 -0.0111 0.0620  -0.0572 2065 HOH A O   
736 O O   . HOH E .  ? 0.4572 0.5947 0.4048 -0.0108 0.0890  -0.0210 2066 HOH A O   
737 O O   . HOH E .  ? 0.4379 0.5940 0.4306 -0.0222 0.0687  -0.0233 2067 HOH A O   
738 O O   . HOH E .  ? 0.4782 0.5892 0.5147 0.0032  -0.0148 -0.1096 2068 HOH A O   
739 O O   . HOH E .  ? 0.5078 0.6168 0.5442 -0.0109 -0.0420 -0.1623 2069 HOH A O   
740 O O   . HOH E .  ? 0.3461 0.3734 0.2047 -0.0081 0.0546  0.0044  2070 HOH A O   
741 O O   . HOH E .  ? 0.7199 0.7720 0.5791 -0.0022 0.0835  -0.0042 2071 HOH A O   
742 O O   . HOH E .  ? 0.5751 0.5819 0.2761 0.0857  0.1362  -0.0390 2072 HOH A O   
743 O O   . HOH E .  ? 0.7038 0.6838 0.3600 0.0145  0.0693  0.0060  2073 HOH A O   
744 O O   . HOH E .  ? 0.6943 0.6320 0.4094 -0.0202 -0.0369 -0.0013 2074 HOH A O   
745 O O   . HOH E .  ? 0.5230 0.5315 0.3753 0.0051  -0.0025 -0.0036 2075 HOH A O   
746 O O   . HOH E .  ? 0.3179 0.3344 0.1501 -0.0675 0.0293  0.0759  2076 HOH A O   
747 O O   . HOH E .  ? 0.2661 0.4905 0.2220 -0.0734 0.0207  0.0703  2077 HOH A O   
748 O O   . HOH E .  ? 0.5132 0.4396 0.3705 -0.0427 -0.1548 0.0419  2078 HOH A O   
749 O O   . HOH E .  ? 0.2074 0.2114 0.2087 -0.0341 0.0066  0.0269  2079 HOH A O   
750 O O   . HOH E .  ? 0.4335 0.5692 0.8119 -0.0055 0.0605  0.1315  2080 HOH A O   
751 O O   . HOH E .  ? 0.4325 0.4552 0.5835 -0.0241 -0.1083 0.0828  2081 HOH A O   
752 O O   . HOH E .  ? 0.4052 0.5228 0.4533 -0.0006 0.0006  0.0404  2082 HOH A O   
753 O O   . HOH E .  ? 0.5065 0.3824 0.5745 0.0530  0.0158  0.0688  2083 HOH A O   
754 O O   . HOH E .  ? 0.6886 0.6038 0.4348 -0.0777 0.0248  0.0321  2084 HOH A O   
755 O O   . HOH E .  ? 0.5855 0.2944 0.3709 0.0187  0.0361  -0.0143 2085 HOH A O   
756 O O   . HOH E .  ? 0.3486 0.4920 0.3967 -0.0211 -0.0018 0.0482  2086 HOH A O   
757 O O   . HOH E .  ? 0.3258 0.3393 0.3702 -0.0453 -0.0364 0.0030  2087 HOH A O   
758 O O   . HOH E .  ? 0.6222 0.7293 0.5685 -0.0322 0.0756  -0.0066 2088 HOH A O   
759 O O   . HOH E .  ? 0.6181 0.7841 0.5690 -0.0323 0.0341  0.0071  2089 HOH A O   
760 O O   . HOH E .  ? 0.6347 0.6264 0.4849 -0.0687 0.0024  0.0195  2090 HOH A O   
# 
loop_
_pdbx_poly_seq_scheme.asym_id 
_pdbx_poly_seq_scheme.entity_id 
_pdbx_poly_seq_scheme.seq_id 
_pdbx_poly_seq_scheme.mon_id 
_pdbx_poly_seq_scheme.ndb_seq_num 
_pdbx_poly_seq_scheme.pdb_seq_num 
_pdbx_poly_seq_scheme.auth_seq_num 
_pdbx_poly_seq_scheme.pdb_mon_id 
_pdbx_poly_seq_scheme.auth_mon_id 
_pdbx_poly_seq_scheme.pdb_strand_id 
_pdbx_poly_seq_scheme.pdb_ins_code 
_pdbx_poly_seq_scheme.hetero 
A 1 1  GLY 1  30  ?   ?   ?   A . n 
A 1 2  PRO 2  31  ?   ?   ?   A . n 
A 1 3  LEU 3  32  ?   ?   ?   A . n 
A 1 4  GLY 4  33  ?   ?   ?   A . n 
A 1 5  SER 5  34  ?   ?   ?   A . n 
A 1 6  GLY 6  35  35  GLY GLY A . n 
A 1 7  LYS 7  36  36  LYS LYS A . n 
A 1 8  ILE 8  37  37  ILE ILE A . n 
A 1 9  MET 9  38  38  MET MET A . n 
A 1 10 PRO 10 39  39  PRO PRO A . n 
A 1 11 ASN 11 40  40  ASN ASN A . n 
A 1 12 THR 12 41  41  THR THR A . n 
A 1 13 VAL 13 42  42  VAL VAL A . n 
A 1 14 PHE 14 43  43  PHE PHE A . n 
A 1 15 VAL 15 44  44  VAL VAL A . n 
A 1 16 GLY 16 45  45  GLY GLY A . n 
A 1 17 GLY 17 46  46  GLY GLY A . n 
A 1 18 ILE 18 47  47  ILE ILE A . n 
A 1 19 ASP 19 48  48  ASP ASP A . n 
A 1 20 VAL 20 49  49  VAL VAL A . n 
A 1 21 ARG 21 50  50  ARG ARG A . n 
A 1 22 MET 22 51  51  MET MET A . n 
A 1 23 ASP 23 52  52  ASP ASP A . n 
A 1 24 GLU 24 53  53  GLU GLU A . n 
A 1 25 THR 25 54  54  THR THR A . n 
A 1 26 GLU 26 55  55  GLU GLU A . n 
A 1 27 ILE 27 56  56  ILE ILE A . n 
A 1 28 ARG 28 57  57  ARG ARG A . n 
A 1 29 SER 29 58  58  SER SER A . n 
A 1 30 PHE 30 59  59  PHE PHE A . n 
A 1 31 PHE 31 60  60  PHE PHE A . n 
A 1 32 ALA 32 61  61  ALA ALA A . n 
A 1 33 ARG 33 62  62  ARG ARG A . n 
A 1 34 TYR 34 63  63  TYR TYR A . n 
A 1 35 GLY 35 64  64  GLY GLY A . n 
A 1 36 SER 36 65  65  SER SER A . n 
A 1 37 VAL 37 66  66  VAL VAL A . n 
A 1 38 LYS 38 67  67  LYS LYS A . n 
A 1 39 GLU 39 68  68  GLU GLU A . n 
A 1 40 VAL 40 69  69  VAL VAL A . n 
A 1 41 LYS 41 70  70  LYS LYS A . n 
A 1 42 ILE 42 71  71  ILE ILE A . n 
A 1 43 ILE 43 72  72  ILE ILE A . n 
A 1 44 THR 44 73  73  THR THR A . n 
A 1 45 ASP 45 74  74  ASP ASP A . n 
A 1 46 ARG 46 75  75  ARG ARG A . n 
A 1 47 THR 47 76  76  THR THR A . n 
A 1 48 GLY 48 77  77  GLY GLY A . n 
A 1 49 VAL 49 78  78  VAL VAL A . n 
A 1 50 SER 50 79  79  SER SER A . n 
A 1 51 LYS 51 80  80  LYS LYS A . n 
A 1 52 GLY 52 81  81  GLY GLY A . n 
A 1 53 TYR 53 82  82  TYR TYR A . n 
A 1 54 GLY 54 83  83  GLY GLY A . n 
A 1 55 PHE 55 84  84  PHE PHE A . n 
A 1 56 VAL 56 85  85  VAL VAL A . n 
A 1 57 SER 57 86  86  SER SER A . n 
A 1 58 PHE 58 87  87  PHE PHE A . n 
A 1 59 TYR 59 88  88  TYR TYR A . n 
A 1 60 ASN 60 89  89  ASN ASN A . n 
A 1 61 ASP 61 90  90  ASP ASP A . n 
A 1 62 VAL 62 91  91  VAL VAL A . n 
A 1 63 ASP 63 92  92  ASP ASP A . n 
A 1 64 VAL 64 93  93  VAL VAL A . n 
A 1 65 GLN 65 94  94  GLN GLN A . n 
A 1 66 LYS 66 95  95  LYS LYS A . n 
A 1 67 ILE 67 96  96  ILE ILE A . n 
A 1 68 VAL 68 97  97  VAL VAL A . n 
A 1 69 GLU 69 98  98  GLU GLU A . n 
A 1 70 SER 70 99  99  SER SER A . n 
A 1 71 GLN 71 100 100 GLN GLN A . n 
A 1 72 ILE 72 101 101 ILE ILE A . n 
A 1 73 ASN 73 102 102 ASN ASN A . n 
A 1 74 PHE 74 103 103 PHE PHE A . n 
A 1 75 HIS 75 104 104 HIS HIS A . n 
A 1 76 GLY 76 105 105 GLY GLY A . n 
A 1 77 LYS 77 106 106 LYS LYS A . n 
A 1 78 LYS 78 107 107 LYS LYS A . n 
A 1 79 LEU 79 108 108 LEU LEU A . n 
A 1 80 LYS 80 109 109 LYS LYS A . n 
A 1 81 LEU 81 110 110 LEU LEU A . n 
A 1 82 GLY 82 111 111 GLY GLY A . n 
A 1 83 PRO 83 112 112 PRO PRO A . n 
A 1 84 ALA 84 113 113 ALA ALA A . n 
A 1 85 ILE 85 114 114 ILE ILE A . n 
A 1 86 ARG 86 115 115 ARG ARG A . n 
A 1 87 LYS 87 116 ?   ?   ?   A . n 
A 1 88 GLN 88 117 ?   ?   ?   A . n 
A 1 89 ASN 89 118 ?   ?   ?   A . n 
# 
loop_
_pdbx_nonpoly_scheme.asym_id 
_pdbx_nonpoly_scheme.entity_id 
_pdbx_nonpoly_scheme.mon_id 
_pdbx_nonpoly_scheme.ndb_seq_num 
_pdbx_nonpoly_scheme.pdb_seq_num 
_pdbx_nonpoly_scheme.auth_seq_num 
_pdbx_nonpoly_scheme.pdb_mon_id 
_pdbx_nonpoly_scheme.auth_mon_id 
_pdbx_nonpoly_scheme.pdb_strand_id 
_pdbx_nonpoly_scheme.pdb_ins_code 
B 2 GOL 1  1116 1116 GOL GOL A . 
C 2 GOL 1  1117 1117 GOL GOL A . 
D 3 SO4 1  1118 1118 SO4 SO4 A . 
E 4 HOH 1  2001 2001 HOH HOH A . 
E 4 HOH 2  2002 2002 HOH HOH A . 
E 4 HOH 3  2003 2003 HOH HOH A . 
E 4 HOH 4  2004 2004 HOH HOH A . 
E 4 HOH 5  2005 2005 HOH HOH A . 
E 4 HOH 6  2006 2006 HOH HOH A . 
E 4 HOH 7  2007 2007 HOH HOH A . 
E 4 HOH 8  2008 2008 HOH HOH A . 
E 4 HOH 9  2009 2009 HOH HOH A . 
E 4 HOH 10 2010 2010 HOH HOH A . 
E 4 HOH 11 2011 2011 HOH HOH A . 
E 4 HOH 12 2012 2012 HOH HOH A . 
E 4 HOH 13 2013 2013 HOH HOH A . 
E 4 HOH 14 2014 2014 HOH HOH A . 
E 4 HOH 15 2015 2015 HOH HOH A . 
E 4 HOH 16 2016 2016 HOH HOH A . 
E 4 HOH 17 2017 2017 HOH HOH A . 
E 4 HOH 18 2018 2018 HOH HOH A . 
E 4 HOH 19 2019 2019 HOH HOH A . 
E 4 HOH 20 2020 2020 HOH HOH A . 
E 4 HOH 21 2021 2021 HOH HOH A . 
E 4 HOH 22 2022 2022 HOH HOH A . 
E 4 HOH 23 2023 2023 HOH HOH A . 
E 4 HOH 24 2024 2024 HOH HOH A . 
E 4 HOH 25 2025 2025 HOH HOH A . 
E 4 HOH 26 2026 2026 HOH HOH A . 
E 4 HOH 27 2027 2027 HOH HOH A . 
E 4 HOH 28 2028 2028 HOH HOH A . 
E 4 HOH 29 2029 2029 HOH HOH A . 
E 4 HOH 30 2030 2030 HOH HOH A . 
E 4 HOH 31 2031 2031 HOH HOH A . 
E 4 HOH 32 2032 2032 HOH HOH A . 
E 4 HOH 33 2033 2033 HOH HOH A . 
E 4 HOH 34 2034 2034 HOH HOH A . 
E 4 HOH 35 2035 2035 HOH HOH A . 
E 4 HOH 36 2036 2036 HOH HOH A . 
E 4 HOH 37 2037 2037 HOH HOH A . 
E 4 HOH 38 2038 2038 HOH HOH A . 
E 4 HOH 39 2039 2039 HOH HOH A . 
E 4 HOH 40 2040 2040 HOH HOH A . 
E 4 HOH 41 2041 2041 HOH HOH A . 
E 4 HOH 42 2042 2042 HOH HOH A . 
E 4 HOH 43 2043 2043 HOH HOH A . 
E 4 HOH 44 2044 2044 HOH HOH A . 
E 4 HOH 45 2045 2045 HOH HOH A . 
E 4 HOH 46 2046 2046 HOH HOH A . 
E 4 HOH 47 2047 2047 HOH HOH A . 
E 4 HOH 48 2048 2048 HOH HOH A . 
E 4 HOH 49 2049 2049 HOH HOH A . 
E 4 HOH 50 2050 2050 HOH HOH A . 
E 4 HOH 51 2051 2051 HOH HOH A . 
E 4 HOH 52 2052 2052 HOH HOH A . 
E 4 HOH 53 2053 2053 HOH HOH A . 
E 4 HOH 54 2054 2054 HOH HOH A . 
E 4 HOH 55 2055 2055 HOH HOH A . 
E 4 HOH 56 2056 2056 HOH HOH A . 
E 4 HOH 57 2057 2057 HOH HOH A . 
E 4 HOH 58 2058 2058 HOH HOH A . 
E 4 HOH 59 2059 2059 HOH HOH A . 
E 4 HOH 60 2060 2060 HOH HOH A . 
E 4 HOH 61 2061 2061 HOH HOH A . 
E 4 HOH 62 2062 2062 HOH HOH A . 
E 4 HOH 63 2063 2063 HOH HOH A . 
E 4 HOH 64 2064 2064 HOH HOH A . 
E 4 HOH 65 2065 2065 HOH HOH A . 
E 4 HOH 66 2066 2066 HOH HOH A . 
E 4 HOH 67 2067 2067 HOH HOH A . 
E 4 HOH 68 2068 2068 HOH HOH A . 
E 4 HOH 69 2069 2069 HOH HOH A . 
E 4 HOH 70 2070 2070 HOH HOH A . 
E 4 HOH 71 2071 2071 HOH HOH A . 
E 4 HOH 72 2072 2072 HOH HOH A . 
E 4 HOH 73 2073 2073 HOH HOH A . 
E 4 HOH 74 2074 2074 HOH HOH A . 
E 4 HOH 75 2075 2075 HOH HOH A . 
E 4 HOH 76 2076 2076 HOH HOH A . 
E 4 HOH 77 2077 2077 HOH HOH A . 
E 4 HOH 78 2078 2078 HOH HOH A . 
E 4 HOH 79 2079 2079 HOH HOH A . 
E 4 HOH 80 2080 2080 HOH HOH A . 
E 4 HOH 81 2081 2081 HOH HOH A . 
E 4 HOH 82 2082 2082 HOH HOH A . 
E 4 HOH 83 2083 2083 HOH HOH A . 
E 4 HOH 84 2084 2084 HOH HOH A . 
E 4 HOH 85 2085 2085 HOH HOH A . 
E 4 HOH 86 2086 2086 HOH HOH A . 
E 4 HOH 87 2087 2087 HOH HOH A . 
E 4 HOH 88 2088 2088 HOH HOH A . 
E 4 HOH 89 2089 2089 HOH HOH A . 
E 4 HOH 90 2090 2090 HOH HOH A . 
# 
_pdbx_struct_assembly.id                   1 
_pdbx_struct_assembly.details              author_and_software_defined_assembly 
_pdbx_struct_assembly.method_details       PISA 
_pdbx_struct_assembly.oligomeric_details   monomeric 
_pdbx_struct_assembly.oligomeric_count     1 
# 
_pdbx_struct_assembly_gen.assembly_id       1 
_pdbx_struct_assembly_gen.oper_expression   1 
_pdbx_struct_assembly_gen.asym_id_list      A,B,C,D,E 
# 
_pdbx_struct_oper_list.id                   1 
_pdbx_struct_oper_list.type                 'identity operation' 
_pdbx_struct_oper_list.name                 1_555 
_pdbx_struct_oper_list.symmetry_operation   x,y,z 
_pdbx_struct_oper_list.matrix[1][1]         1.0000000000 
_pdbx_struct_oper_list.matrix[1][2]         0.0000000000 
_pdbx_struct_oper_list.matrix[1][3]         0.0000000000 
_pdbx_struct_oper_list.vector[1]            0.0000000000 
_pdbx_struct_oper_list.matrix[2][1]         0.0000000000 
_pdbx_struct_oper_list.matrix[2][2]         1.0000000000 
_pdbx_struct_oper_list.matrix[2][3]         0.0000000000 
_pdbx_struct_oper_list.vector[2]            0.0000000000 
_pdbx_struct_oper_list.matrix[3][1]         0.0000000000 
_pdbx_struct_oper_list.matrix[3][2]         0.0000000000 
_pdbx_struct_oper_list.matrix[3][3]         1.0000000000 
_pdbx_struct_oper_list.vector[3]            0.0000000000 
# 
loop_
_pdbx_audit_revision_history.ordinal 
_pdbx_audit_revision_history.data_content_type 
_pdbx_audit_revision_history.major_revision 
_pdbx_audit_revision_history.minor_revision 
_pdbx_audit_revision_history.revision_date 
1 'Structure model' 1 0 2011-10-05 
2 'Structure model' 1 1 2011-11-02 
3 'Structure model' 1 2 2011-11-23 
4 'Structure model' 1 3 2023-12-20 
# 
_pdbx_audit_revision_details.ordinal             1 
_pdbx_audit_revision_details.revision_ordinal    1 
_pdbx_audit_revision_details.data_content_type   'Structure model' 
_pdbx_audit_revision_details.provider            repository 
_pdbx_audit_revision_details.type                'Initial release' 
_pdbx_audit_revision_details.description         ? 
_pdbx_audit_revision_details.details             ? 
# 
loop_
_pdbx_audit_revision_group.ordinal 
_pdbx_audit_revision_group.revision_ordinal 
_pdbx_audit_revision_group.data_content_type 
_pdbx_audit_revision_group.group 
1 2 'Structure model' 'Database references'    
2 2 'Structure model' 'Source and taxonomy'    
3 3 'Structure model' 'Database references'    
4 4 'Structure model' 'Data collection'        
5 4 'Structure model' 'Database references'    
6 4 'Structure model' 'Derived calculations'   
7 4 'Structure model' Other                    
8 4 'Structure model' 'Refinement description' 
# 
loop_
_pdbx_audit_revision_category.ordinal 
_pdbx_audit_revision_category.revision_ordinal 
_pdbx_audit_revision_category.data_content_type 
_pdbx_audit_revision_category.category 
1 4 'Structure model' chem_comp_atom                
2 4 'Structure model' chem_comp_bond                
3 4 'Structure model' database_2                    
4 4 'Structure model' pdbx_database_status          
5 4 'Structure model' pdbx_initial_refinement_model 
6 4 'Structure model' struct_site                   
# 
loop_
_pdbx_audit_revision_item.ordinal 
_pdbx_audit_revision_item.revision_ordinal 
_pdbx_audit_revision_item.data_content_type 
_pdbx_audit_revision_item.item 
1 4 'Structure model' '_database_2.pdbx_DOI'                 
2 4 'Structure model' '_database_2.pdbx_database_accession'  
3 4 'Structure model' '_pdbx_database_status.status_code_sf' 
4 4 'Structure model' '_struct_site.pdbx_auth_asym_id'       
5 4 'Structure model' '_struct_site.pdbx_auth_comp_id'       
6 4 'Structure model' '_struct_site.pdbx_auth_seq_id'        
# 
loop_
_pdbx_refine_tls.pdbx_refine_id 
_pdbx_refine_tls.id 
_pdbx_refine_tls.details 
_pdbx_refine_tls.method 
_pdbx_refine_tls.origin_x 
_pdbx_refine_tls.origin_y 
_pdbx_refine_tls.origin_z 
_pdbx_refine_tls.T[1][1] 
_pdbx_refine_tls.T[2][2] 
_pdbx_refine_tls.T[3][3] 
_pdbx_refine_tls.T[1][2] 
_pdbx_refine_tls.T[1][3] 
_pdbx_refine_tls.T[2][3] 
_pdbx_refine_tls.L[1][1] 
_pdbx_refine_tls.L[2][2] 
_pdbx_refine_tls.L[3][3] 
_pdbx_refine_tls.L[1][2] 
_pdbx_refine_tls.L[1][3] 
_pdbx_refine_tls.L[2][3] 
_pdbx_refine_tls.S[1][1] 
_pdbx_refine_tls.S[1][2] 
_pdbx_refine_tls.S[1][3] 
_pdbx_refine_tls.S[2][1] 
_pdbx_refine_tls.S[2][2] 
_pdbx_refine_tls.S[2][3] 
_pdbx_refine_tls.S[3][1] 
_pdbx_refine_tls.S[3][2] 
_pdbx_refine_tls.S[3][3] 
'X-RAY DIFFRACTION' 1 ? refined -2.1983 -1.6321 -2.0386 0.0348 0.0849 0.0162 -0.0171 -0.0060 0.0116  4.8028 1.8129  2.2646 0.2610  1.1834 0.0942  0.0097  0.0989  -0.0100 -0.1242 -0.0799 0.1047  -0.0046 -0.0376 0.0703 
'X-RAY DIFFRACTION' 2 ? refined -0.2814 2.7244  -1.5727 0.0996 0.1712 0.0481 -0.0242 -0.0013 -0.0013 0.2277 1.1752  1.6613 -0.2872 0.3545 0.4698  -0.0547 -0.0365 0.0003  -0.0241 -0.0431 0.0960  -0.1577 -0.0511 0.0978 
'X-RAY DIFFRACTION' 3 ? refined 5.1956  -1.1580 7.5512  0.0618 0.0700 0.0427 -0.0422 0.0024  0.0135  5.0880 10.6646 5.2119 -1.2062 1.7586 -2.9237 -0.0738 -0.0596 0.2482  -0.0415 -0.1294 -0.5857 0.0290  0.0313  0.2034 
# 
loop_
_pdbx_refine_tls_group.pdbx_refine_id 
_pdbx_refine_tls_group.id 
_pdbx_refine_tls_group.refine_tls_id 
_pdbx_refine_tls_group.beg_auth_asym_id 
_pdbx_refine_tls_group.beg_auth_seq_id 
_pdbx_refine_tls_group.beg_label_asym_id 
_pdbx_refine_tls_group.beg_label_seq_id 
_pdbx_refine_tls_group.end_auth_asym_id 
_pdbx_refine_tls_group.end_auth_seq_id 
_pdbx_refine_tls_group.end_label_asym_id 
_pdbx_refine_tls_group.end_label_seq_id 
_pdbx_refine_tls_group.selection 
_pdbx_refine_tls_group.selection_details 
'X-RAY DIFFRACTION' 1 1 A 35 ? ? A 71  ? ? ? ? 
'X-RAY DIFFRACTION' 2 2 A 72 ? ? A 97  ? ? ? ? 
'X-RAY DIFFRACTION' 3 3 A 98 ? ? A 115 ? ? ? ? 
# 
loop_
_software.name 
_software.classification 
_software.version 
_software.citation_id 
_software.pdbx_ordinal 
REFMAC refinement       5.5.0102 ? 1 
MOSFLM 'data reduction' .        ? 2 
SCALA  'data scaling'   .        ? 3 
PHASER phasing          .        ? 4 
# 
loop_
_pdbx_unobs_or_zero_occ_atoms.id 
_pdbx_unobs_or_zero_occ_atoms.PDB_model_num 
_pdbx_unobs_or_zero_occ_atoms.polymer_flag 
_pdbx_unobs_or_zero_occ_atoms.occupancy_flag 
_pdbx_unobs_or_zero_occ_atoms.auth_asym_id 
_pdbx_unobs_or_zero_occ_atoms.auth_comp_id 
_pdbx_unobs_or_zero_occ_atoms.auth_seq_id 
_pdbx_unobs_or_zero_occ_atoms.PDB_ins_code 
_pdbx_unobs_or_zero_occ_atoms.auth_atom_id 
_pdbx_unobs_or_zero_occ_atoms.label_alt_id 
_pdbx_unobs_or_zero_occ_atoms.label_asym_id 
_pdbx_unobs_or_zero_occ_atoms.label_comp_id 
_pdbx_unobs_or_zero_occ_atoms.label_seq_id 
_pdbx_unobs_or_zero_occ_atoms.label_atom_id 
1  1 Y 1 A LYS 36 ? CG  ? A LYS 7  CG  
2  1 Y 1 A LYS 36 ? CD  ? A LYS 7  CD  
3  1 Y 1 A LYS 36 ? CE  ? A LYS 7  CE  
4  1 Y 1 A LYS 36 ? NZ  ? A LYS 7  NZ  
5  1 Y 1 A ARG 50 ? CG  ? A ARG 21 CG  
6  1 Y 1 A ARG 50 ? CD  ? A ARG 21 CD  
7  1 Y 1 A ARG 50 ? NE  ? A ARG 21 NE  
8  1 Y 1 A ARG 50 ? CZ  ? A ARG 21 CZ  
9  1 Y 1 A ARG 50 ? NH1 ? A ARG 21 NH1 
10 1 Y 1 A ARG 50 ? NH2 ? A ARG 21 NH2 
# 
loop_
_pdbx_unobs_or_zero_occ_residues.id 
_pdbx_unobs_or_zero_occ_residues.PDB_model_num 
_pdbx_unobs_or_zero_occ_residues.polymer_flag 
_pdbx_unobs_or_zero_occ_residues.occupancy_flag 
_pdbx_unobs_or_zero_occ_residues.auth_asym_id 
_pdbx_unobs_or_zero_occ_residues.auth_comp_id 
_pdbx_unobs_or_zero_occ_residues.auth_seq_id 
_pdbx_unobs_or_zero_occ_residues.PDB_ins_code 
_pdbx_unobs_or_zero_occ_residues.label_asym_id 
_pdbx_unobs_or_zero_occ_residues.label_comp_id 
_pdbx_unobs_or_zero_occ_residues.label_seq_id 
1 1 Y 1 A GLY 30  ? A GLY 1  
2 1 Y 1 A PRO 31  ? A PRO 2  
3 1 Y 1 A LEU 32  ? A LEU 3  
4 1 Y 1 A GLY 33  ? A GLY 4  
5 1 Y 1 A SER 34  ? A SER 5  
6 1 Y 1 A LYS 116 ? A LYS 87 
7 1 Y 1 A GLN 117 ? A GLN 88 
8 1 Y 1 A ASN 118 ? A ASN 89 
# 
loop_
_chem_comp_atom.comp_id 
_chem_comp_atom.atom_id 
_chem_comp_atom.type_symbol 
_chem_comp_atom.pdbx_aromatic_flag 
_chem_comp_atom.pdbx_stereo_config 
_chem_comp_atom.pdbx_ordinal 
ALA N    N N N 1   
ALA CA   C N S 2   
ALA C    C N N 3   
ALA O    O N N 4   
ALA CB   C N N 5   
ALA OXT  O N N 6   
ALA H    H N N 7   
ALA H2   H N N 8   
ALA HA   H N N 9   
ALA HB1  H N N 10  
ALA HB2  H N N 11  
ALA HB3  H N N 12  
ALA HXT  H N N 13  
ARG N    N N N 14  
ARG CA   C N S 15  
ARG C    C N N 16  
ARG O    O N N 17  
ARG CB   C N N 18  
ARG CG   C N N 19  
ARG CD   C N N 20  
ARG NE   N N N 21  
ARG CZ   C N N 22  
ARG NH1  N N N 23  
ARG NH2  N N N 24  
ARG OXT  O N N 25  
ARG H    H N N 26  
ARG H2   H N N 27  
ARG HA   H N N 28  
ARG HB2  H N N 29  
ARG HB3  H N N 30  
ARG HG2  H N N 31  
ARG HG3  H N N 32  
ARG HD2  H N N 33  
ARG HD3  H N N 34  
ARG HE   H N N 35  
ARG HH11 H N N 36  
ARG HH12 H N N 37  
ARG HH21 H N N 38  
ARG HH22 H N N 39  
ARG HXT  H N N 40  
ASN N    N N N 41  
ASN CA   C N S 42  
ASN C    C N N 43  
ASN O    O N N 44  
ASN CB   C N N 45  
ASN CG   C N N 46  
ASN OD1  O N N 47  
ASN ND2  N N N 48  
ASN OXT  O N N 49  
ASN H    H N N 50  
ASN H2   H N N 51  
ASN HA   H N N 52  
ASN HB2  H N N 53  
ASN HB3  H N N 54  
ASN HD21 H N N 55  
ASN HD22 H N N 56  
ASN HXT  H N N 57  
ASP N    N N N 58  
ASP CA   C N S 59  
ASP C    C N N 60  
ASP O    O N N 61  
ASP CB   C N N 62  
ASP CG   C N N 63  
ASP OD1  O N N 64  
ASP OD2  O N N 65  
ASP OXT  O N N 66  
ASP H    H N N 67  
ASP H2   H N N 68  
ASP HA   H N N 69  
ASP HB2  H N N 70  
ASP HB3  H N N 71  
ASP HD2  H N N 72  
ASP HXT  H N N 73  
GLN N    N N N 74  
GLN CA   C N S 75  
GLN C    C N N 76  
GLN O    O N N 77  
GLN CB   C N N 78  
GLN CG   C N N 79  
GLN CD   C N N 80  
GLN OE1  O N N 81  
GLN NE2  N N N 82  
GLN OXT  O N N 83  
GLN H    H N N 84  
GLN H2   H N N 85  
GLN HA   H N N 86  
GLN HB2  H N N 87  
GLN HB3  H N N 88  
GLN HG2  H N N 89  
GLN HG3  H N N 90  
GLN HE21 H N N 91  
GLN HE22 H N N 92  
GLN HXT  H N N 93  
GLU N    N N N 94  
GLU CA   C N S 95  
GLU C    C N N 96  
GLU O    O N N 97  
GLU CB   C N N 98  
GLU CG   C N N 99  
GLU CD   C N N 100 
GLU OE1  O N N 101 
GLU OE2  O N N 102 
GLU OXT  O N N 103 
GLU H    H N N 104 
GLU H2   H N N 105 
GLU HA   H N N 106 
GLU HB2  H N N 107 
GLU HB3  H N N 108 
GLU HG2  H N N 109 
GLU HG3  H N N 110 
GLU HE2  H N N 111 
GLU HXT  H N N 112 
GLY N    N N N 113 
GLY CA   C N N 114 
GLY C    C N N 115 
GLY O    O N N 116 
GLY OXT  O N N 117 
GLY H    H N N 118 
GLY H2   H N N 119 
GLY HA2  H N N 120 
GLY HA3  H N N 121 
GLY HXT  H N N 122 
GOL C1   C N N 123 
GOL O1   O N N 124 
GOL C2   C N N 125 
GOL O2   O N N 126 
GOL C3   C N N 127 
GOL O3   O N N 128 
GOL H11  H N N 129 
GOL H12  H N N 130 
GOL HO1  H N N 131 
GOL H2   H N N 132 
GOL HO2  H N N 133 
GOL H31  H N N 134 
GOL H32  H N N 135 
GOL HO3  H N N 136 
HIS N    N N N 137 
HIS CA   C N S 138 
HIS C    C N N 139 
HIS O    O N N 140 
HIS CB   C N N 141 
HIS CG   C Y N 142 
HIS ND1  N Y N 143 
HIS CD2  C Y N 144 
HIS CE1  C Y N 145 
HIS NE2  N Y N 146 
HIS OXT  O N N 147 
HIS H    H N N 148 
HIS H2   H N N 149 
HIS HA   H N N 150 
HIS HB2  H N N 151 
HIS HB3  H N N 152 
HIS HD1  H N N 153 
HIS HD2  H N N 154 
HIS HE1  H N N 155 
HIS HE2  H N N 156 
HIS HXT  H N N 157 
HOH O    O N N 158 
HOH H1   H N N 159 
HOH H2   H N N 160 
ILE N    N N N 161 
ILE CA   C N S 162 
ILE C    C N N 163 
ILE O    O N N 164 
ILE CB   C N S 165 
ILE CG1  C N N 166 
ILE CG2  C N N 167 
ILE CD1  C N N 168 
ILE OXT  O N N 169 
ILE H    H N N 170 
ILE H2   H N N 171 
ILE HA   H N N 172 
ILE HB   H N N 173 
ILE HG12 H N N 174 
ILE HG13 H N N 175 
ILE HG21 H N N 176 
ILE HG22 H N N 177 
ILE HG23 H N N 178 
ILE HD11 H N N 179 
ILE HD12 H N N 180 
ILE HD13 H N N 181 
ILE HXT  H N N 182 
LEU N    N N N 183 
LEU CA   C N S 184 
LEU C    C N N 185 
LEU O    O N N 186 
LEU CB   C N N 187 
LEU CG   C N N 188 
LEU CD1  C N N 189 
LEU CD2  C N N 190 
LEU OXT  O N N 191 
LEU H    H N N 192 
LEU H2   H N N 193 
LEU HA   H N N 194 
LEU HB2  H N N 195 
LEU HB3  H N N 196 
LEU HG   H N N 197 
LEU HD11 H N N 198 
LEU HD12 H N N 199 
LEU HD13 H N N 200 
LEU HD21 H N N 201 
LEU HD22 H N N 202 
LEU HD23 H N N 203 
LEU HXT  H N N 204 
LYS N    N N N 205 
LYS CA   C N S 206 
LYS C    C N N 207 
LYS O    O N N 208 
LYS CB   C N N 209 
LYS CG   C N N 210 
LYS CD   C N N 211 
LYS CE   C N N 212 
LYS NZ   N N N 213 
LYS OXT  O N N 214 
LYS H    H N N 215 
LYS H2   H N N 216 
LYS HA   H N N 217 
LYS HB2  H N N 218 
LYS HB3  H N N 219 
LYS HG2  H N N 220 
LYS HG3  H N N 221 
LYS HD2  H N N 222 
LYS HD3  H N N 223 
LYS HE2  H N N 224 
LYS HE3  H N N 225 
LYS HZ1  H N N 226 
LYS HZ2  H N N 227 
LYS HZ3  H N N 228 
LYS HXT  H N N 229 
MET N    N N N 230 
MET CA   C N S 231 
MET C    C N N 232 
MET O    O N N 233 
MET CB   C N N 234 
MET CG   C N N 235 
MET SD   S N N 236 
MET CE   C N N 237 
MET OXT  O N N 238 
MET H    H N N 239 
MET H2   H N N 240 
MET HA   H N N 241 
MET HB2  H N N 242 
MET HB3  H N N 243 
MET HG2  H N N 244 
MET HG3  H N N 245 
MET HE1  H N N 246 
MET HE2  H N N 247 
MET HE3  H N N 248 
MET HXT  H N N 249 
PHE N    N N N 250 
PHE CA   C N S 251 
PHE C    C N N 252 
PHE O    O N N 253 
PHE CB   C N N 254 
PHE CG   C Y N 255 
PHE CD1  C Y N 256 
PHE CD2  C Y N 257 
PHE CE1  C Y N 258 
PHE CE2  C Y N 259 
PHE CZ   C Y N 260 
PHE OXT  O N N 261 
PHE H    H N N 262 
PHE H2   H N N 263 
PHE HA   H N N 264 
PHE HB2  H N N 265 
PHE HB3  H N N 266 
PHE HD1  H N N 267 
PHE HD2  H N N 268 
PHE HE1  H N N 269 
PHE HE2  H N N 270 
PHE HZ   H N N 271 
PHE HXT  H N N 272 
PRO N    N N N 273 
PRO CA   C N S 274 
PRO C    C N N 275 
PRO O    O N N 276 
PRO CB   C N N 277 
PRO CG   C N N 278 
PRO CD   C N N 279 
PRO OXT  O N N 280 
PRO H    H N N 281 
PRO HA   H N N 282 
PRO HB2  H N N 283 
PRO HB3  H N N 284 
PRO HG2  H N N 285 
PRO HG3  H N N 286 
PRO HD2  H N N 287 
PRO HD3  H N N 288 
PRO HXT  H N N 289 
SER N    N N N 290 
SER CA   C N S 291 
SER C    C N N 292 
SER O    O N N 293 
SER CB   C N N 294 
SER OG   O N N 295 
SER OXT  O N N 296 
SER H    H N N 297 
SER H2   H N N 298 
SER HA   H N N 299 
SER HB2  H N N 300 
SER HB3  H N N 301 
SER HG   H N N 302 
SER HXT  H N N 303 
SO4 S    S N N 304 
SO4 O1   O N N 305 
SO4 O2   O N N 306 
SO4 O3   O N N 307 
SO4 O4   O N N 308 
THR N    N N N 309 
THR CA   C N S 310 
THR C    C N N 311 
THR O    O N N 312 
THR CB   C N R 313 
THR OG1  O N N 314 
THR CG2  C N N 315 
THR OXT  O N N 316 
THR H    H N N 317 
THR H2   H N N 318 
THR HA   H N N 319 
THR HB   H N N 320 
THR HG1  H N N 321 
THR HG21 H N N 322 
THR HG22 H N N 323 
THR HG23 H N N 324 
THR HXT  H N N 325 
TYR N    N N N 326 
TYR CA   C N S 327 
TYR C    C N N 328 
TYR O    O N N 329 
TYR CB   C N N 330 
TYR CG   C Y N 331 
TYR CD1  C Y N 332 
TYR CD2  C Y N 333 
TYR CE1  C Y N 334 
TYR CE2  C Y N 335 
TYR CZ   C Y N 336 
TYR OH   O N N 337 
TYR OXT  O N N 338 
TYR H    H N N 339 
TYR H2   H N N 340 
TYR HA   H N N 341 
TYR HB2  H N N 342 
TYR HB3  H N N 343 
TYR HD1  H N N 344 
TYR HD2  H N N 345 
TYR HE1  H N N 346 
TYR HE2  H N N 347 
TYR HH   H N N 348 
TYR HXT  H N N 349 
VAL N    N N N 350 
VAL CA   C N S 351 
VAL C    C N N 352 
VAL O    O N N 353 
VAL CB   C N N 354 
VAL CG1  C N N 355 
VAL CG2  C N N 356 
VAL OXT  O N N 357 
VAL H    H N N 358 
VAL H2   H N N 359 
VAL HA   H N N 360 
VAL HB   H N N 361 
VAL HG11 H N N 362 
VAL HG12 H N N 363 
VAL HG13 H N N 364 
VAL HG21 H N N 365 
VAL HG22 H N N 366 
VAL HG23 H N N 367 
VAL HXT  H N N 368 
# 
loop_
_chem_comp_bond.comp_id 
_chem_comp_bond.atom_id_1 
_chem_comp_bond.atom_id_2 
_chem_comp_bond.value_order 
_chem_comp_bond.pdbx_aromatic_flag 
_chem_comp_bond.pdbx_stereo_config 
_chem_comp_bond.pdbx_ordinal 
ALA N   CA   sing N N 1   
ALA N   H    sing N N 2   
ALA N   H2   sing N N 3   
ALA CA  C    sing N N 4   
ALA CA  CB   sing N N 5   
ALA CA  HA   sing N N 6   
ALA C   O    doub N N 7   
ALA C   OXT  sing N N 8   
ALA CB  HB1  sing N N 9   
ALA CB  HB2  sing N N 10  
ALA CB  HB3  sing N N 11  
ALA OXT HXT  sing N N 12  
ARG N   CA   sing N N 13  
ARG N   H    sing N N 14  
ARG N   H2   sing N N 15  
ARG CA  C    sing N N 16  
ARG CA  CB   sing N N 17  
ARG CA  HA   sing N N 18  
ARG C   O    doub N N 19  
ARG C   OXT  sing N N 20  
ARG CB  CG   sing N N 21  
ARG CB  HB2  sing N N 22  
ARG CB  HB3  sing N N 23  
ARG CG  CD   sing N N 24  
ARG CG  HG2  sing N N 25  
ARG CG  HG3  sing N N 26  
ARG CD  NE   sing N N 27  
ARG CD  HD2  sing N N 28  
ARG CD  HD3  sing N N 29  
ARG NE  CZ   sing N N 30  
ARG NE  HE   sing N N 31  
ARG CZ  NH1  sing N N 32  
ARG CZ  NH2  doub N N 33  
ARG NH1 HH11 sing N N 34  
ARG NH1 HH12 sing N N 35  
ARG NH2 HH21 sing N N 36  
ARG NH2 HH22 sing N N 37  
ARG OXT HXT  sing N N 38  
ASN N   CA   sing N N 39  
ASN N   H    sing N N 40  
ASN N   H2   sing N N 41  
ASN CA  C    sing N N 42  
ASN CA  CB   sing N N 43  
ASN CA  HA   sing N N 44  
ASN C   O    doub N N 45  
ASN C   OXT  sing N N 46  
ASN CB  CG   sing N N 47  
ASN CB  HB2  sing N N 48  
ASN CB  HB3  sing N N 49  
ASN CG  OD1  doub N N 50  
ASN CG  ND2  sing N N 51  
ASN ND2 HD21 sing N N 52  
ASN ND2 HD22 sing N N 53  
ASN OXT HXT  sing N N 54  
ASP N   CA   sing N N 55  
ASP N   H    sing N N 56  
ASP N   H2   sing N N 57  
ASP CA  C    sing N N 58  
ASP CA  CB   sing N N 59  
ASP CA  HA   sing N N 60  
ASP C   O    doub N N 61  
ASP C   OXT  sing N N 62  
ASP CB  CG   sing N N 63  
ASP CB  HB2  sing N N 64  
ASP CB  HB3  sing N N 65  
ASP CG  OD1  doub N N 66  
ASP CG  OD2  sing N N 67  
ASP OD2 HD2  sing N N 68  
ASP OXT HXT  sing N N 69  
GLN N   CA   sing N N 70  
GLN N   H    sing N N 71  
GLN N   H2   sing N N 72  
GLN CA  C    sing N N 73  
GLN CA  CB   sing N N 74  
GLN CA  HA   sing N N 75  
GLN C   O    doub N N 76  
GLN C   OXT  sing N N 77  
GLN CB  CG   sing N N 78  
GLN CB  HB2  sing N N 79  
GLN CB  HB3  sing N N 80  
GLN CG  CD   sing N N 81  
GLN CG  HG2  sing N N 82  
GLN CG  HG3  sing N N 83  
GLN CD  OE1  doub N N 84  
GLN CD  NE2  sing N N 85  
GLN NE2 HE21 sing N N 86  
GLN NE2 HE22 sing N N 87  
GLN OXT HXT  sing N N 88  
GLU N   CA   sing N N 89  
GLU N   H    sing N N 90  
GLU N   H2   sing N N 91  
GLU CA  C    sing N N 92  
GLU CA  CB   sing N N 93  
GLU CA  HA   sing N N 94  
GLU C   O    doub N N 95  
GLU C   OXT  sing N N 96  
GLU CB  CG   sing N N 97  
GLU CB  HB2  sing N N 98  
GLU CB  HB3  sing N N 99  
GLU CG  CD   sing N N 100 
GLU CG  HG2  sing N N 101 
GLU CG  HG3  sing N N 102 
GLU CD  OE1  doub N N 103 
GLU CD  OE2  sing N N 104 
GLU OE2 HE2  sing N N 105 
GLU OXT HXT  sing N N 106 
GLY N   CA   sing N N 107 
GLY N   H    sing N N 108 
GLY N   H2   sing N N 109 
GLY CA  C    sing N N 110 
GLY CA  HA2  sing N N 111 
GLY CA  HA3  sing N N 112 
GLY C   O    doub N N 113 
GLY C   OXT  sing N N 114 
GLY OXT HXT  sing N N 115 
GOL C1  O1   sing N N 116 
GOL C1  C2   sing N N 117 
GOL C1  H11  sing N N 118 
GOL C1  H12  sing N N 119 
GOL O1  HO1  sing N N 120 
GOL C2  O2   sing N N 121 
GOL C2  C3   sing N N 122 
GOL C2  H2   sing N N 123 
GOL O2  HO2  sing N N 124 
GOL C3  O3   sing N N 125 
GOL C3  H31  sing N N 126 
GOL C3  H32  sing N N 127 
GOL O3  HO3  sing N N 128 
HIS N   CA   sing N N 129 
HIS N   H    sing N N 130 
HIS N   H2   sing N N 131 
HIS CA  C    sing N N 132 
HIS CA  CB   sing N N 133 
HIS CA  HA   sing N N 134 
HIS C   O    doub N N 135 
HIS C   OXT  sing N N 136 
HIS CB  CG   sing N N 137 
HIS CB  HB2  sing N N 138 
HIS CB  HB3  sing N N 139 
HIS CG  ND1  sing Y N 140 
HIS CG  CD2  doub Y N 141 
HIS ND1 CE1  doub Y N 142 
HIS ND1 HD1  sing N N 143 
HIS CD2 NE2  sing Y N 144 
HIS CD2 HD2  sing N N 145 
HIS CE1 NE2  sing Y N 146 
HIS CE1 HE1  sing N N 147 
HIS NE2 HE2  sing N N 148 
HIS OXT HXT  sing N N 149 
HOH O   H1   sing N N 150 
HOH O   H2   sing N N 151 
ILE N   CA   sing N N 152 
ILE N   H    sing N N 153 
ILE N   H2   sing N N 154 
ILE CA  C    sing N N 155 
ILE CA  CB   sing N N 156 
ILE CA  HA   sing N N 157 
ILE C   O    doub N N 158 
ILE C   OXT  sing N N 159 
ILE CB  CG1  sing N N 160 
ILE CB  CG2  sing N N 161 
ILE CB  HB   sing N N 162 
ILE CG1 CD1  sing N N 163 
ILE CG1 HG12 sing N N 164 
ILE CG1 HG13 sing N N 165 
ILE CG2 HG21 sing N N 166 
ILE CG2 HG22 sing N N 167 
ILE CG2 HG23 sing N N 168 
ILE CD1 HD11 sing N N 169 
ILE CD1 HD12 sing N N 170 
ILE CD1 HD13 sing N N 171 
ILE OXT HXT  sing N N 172 
LEU N   CA   sing N N 173 
LEU N   H    sing N N 174 
LEU N   H2   sing N N 175 
LEU CA  C    sing N N 176 
LEU CA  CB   sing N N 177 
LEU CA  HA   sing N N 178 
LEU C   O    doub N N 179 
LEU C   OXT  sing N N 180 
LEU CB  CG   sing N N 181 
LEU CB  HB2  sing N N 182 
LEU CB  HB3  sing N N 183 
LEU CG  CD1  sing N N 184 
LEU CG  CD2  sing N N 185 
LEU CG  HG   sing N N 186 
LEU CD1 HD11 sing N N 187 
LEU CD1 HD12 sing N N 188 
LEU CD1 HD13 sing N N 189 
LEU CD2 HD21 sing N N 190 
LEU CD2 HD22 sing N N 191 
LEU CD2 HD23 sing N N 192 
LEU OXT HXT  sing N N 193 
LYS N   CA   sing N N 194 
LYS N   H    sing N N 195 
LYS N   H2   sing N N 196 
LYS CA  C    sing N N 197 
LYS CA  CB   sing N N 198 
LYS CA  HA   sing N N 199 
LYS C   O    doub N N 200 
LYS C   OXT  sing N N 201 
LYS CB  CG   sing N N 202 
LYS CB  HB2  sing N N 203 
LYS CB  HB3  sing N N 204 
LYS CG  CD   sing N N 205 
LYS CG  HG2  sing N N 206 
LYS CG  HG3  sing N N 207 
LYS CD  CE   sing N N 208 
LYS CD  HD2  sing N N 209 
LYS CD  HD3  sing N N 210 
LYS CE  NZ   sing N N 211 
LYS CE  HE2  sing N N 212 
LYS CE  HE3  sing N N 213 
LYS NZ  HZ1  sing N N 214 
LYS NZ  HZ2  sing N N 215 
LYS NZ  HZ3  sing N N 216 
LYS OXT HXT  sing N N 217 
MET N   CA   sing N N 218 
MET N   H    sing N N 219 
MET N   H2   sing N N 220 
MET CA  C    sing N N 221 
MET CA  CB   sing N N 222 
MET CA  HA   sing N N 223 
MET C   O    doub N N 224 
MET C   OXT  sing N N 225 
MET CB  CG   sing N N 226 
MET CB  HB2  sing N N 227 
MET CB  HB3  sing N N 228 
MET CG  SD   sing N N 229 
MET CG  HG2  sing N N 230 
MET CG  HG3  sing N N 231 
MET SD  CE   sing N N 232 
MET CE  HE1  sing N N 233 
MET CE  HE2  sing N N 234 
MET CE  HE3  sing N N 235 
MET OXT HXT  sing N N 236 
PHE N   CA   sing N N 237 
PHE N   H    sing N N 238 
PHE N   H2   sing N N 239 
PHE CA  C    sing N N 240 
PHE CA  CB   sing N N 241 
PHE CA  HA   sing N N 242 
PHE C   O    doub N N 243 
PHE C   OXT  sing N N 244 
PHE CB  CG   sing N N 245 
PHE CB  HB2  sing N N 246 
PHE CB  HB3  sing N N 247 
PHE CG  CD1  doub Y N 248 
PHE CG  CD2  sing Y N 249 
PHE CD1 CE1  sing Y N 250 
PHE CD1 HD1  sing N N 251 
PHE CD2 CE2  doub Y N 252 
PHE CD2 HD2  sing N N 253 
PHE CE1 CZ   doub Y N 254 
PHE CE1 HE1  sing N N 255 
PHE CE2 CZ   sing Y N 256 
PHE CE2 HE2  sing N N 257 
PHE CZ  HZ   sing N N 258 
PHE OXT HXT  sing N N 259 
PRO N   CA   sing N N 260 
PRO N   CD   sing N N 261 
PRO N   H    sing N N 262 
PRO CA  C    sing N N 263 
PRO CA  CB   sing N N 264 
PRO CA  HA   sing N N 265 
PRO C   O    doub N N 266 
PRO C   OXT  sing N N 267 
PRO CB  CG   sing N N 268 
PRO CB  HB2  sing N N 269 
PRO CB  HB3  sing N N 270 
PRO CG  CD   sing N N 271 
PRO CG  HG2  sing N N 272 
PRO CG  HG3  sing N N 273 
PRO CD  HD2  sing N N 274 
PRO CD  HD3  sing N N 275 
PRO OXT HXT  sing N N 276 
SER N   CA   sing N N 277 
SER N   H    sing N N 278 
SER N   H2   sing N N 279 
SER CA  C    sing N N 280 
SER CA  CB   sing N N 281 
SER CA  HA   sing N N 282 
SER C   O    doub N N 283 
SER C   OXT  sing N N 284 
SER CB  OG   sing N N 285 
SER CB  HB2  sing N N 286 
SER CB  HB3  sing N N 287 
SER OG  HG   sing N N 288 
SER OXT HXT  sing N N 289 
SO4 S   O1   doub N N 290 
SO4 S   O2   doub N N 291 
SO4 S   O3   sing N N 292 
SO4 S   O4   sing N N 293 
THR N   CA   sing N N 294 
THR N   H    sing N N 295 
THR N   H2   sing N N 296 
THR CA  C    sing N N 297 
THR CA  CB   sing N N 298 
THR CA  HA   sing N N 299 
THR C   O    doub N N 300 
THR C   OXT  sing N N 301 
THR CB  OG1  sing N N 302 
THR CB  CG2  sing N N 303 
THR CB  HB   sing N N 304 
THR OG1 HG1  sing N N 305 
THR CG2 HG21 sing N N 306 
THR CG2 HG22 sing N N 307 
THR CG2 HG23 sing N N 308 
THR OXT HXT  sing N N 309 
TYR N   CA   sing N N 310 
TYR N   H    sing N N 311 
TYR N   H2   sing N N 312 
TYR CA  C    sing N N 313 
TYR CA  CB   sing N N 314 
TYR CA  HA   sing N N 315 
TYR C   O    doub N N 316 
TYR C   OXT  sing N N 317 
TYR CB  CG   sing N N 318 
TYR CB  HB2  sing N N 319 
TYR CB  HB3  sing N N 320 
TYR CG  CD1  doub Y N 321 
TYR CG  CD2  sing Y N 322 
TYR CD1 CE1  sing Y N 323 
TYR CD1 HD1  sing N N 324 
TYR CD2 CE2  doub Y N 325 
TYR CD2 HD2  sing N N 326 
TYR CE1 CZ   doub Y N 327 
TYR CE1 HE1  sing N N 328 
TYR CE2 CZ   sing Y N 329 
TYR CE2 HE2  sing N N 330 
TYR CZ  OH   sing N N 331 
TYR OH  HH   sing N N 332 
TYR OXT HXT  sing N N 333 
VAL N   CA   sing N N 334 
VAL N   H    sing N N 335 
VAL N   H2   sing N N 336 
VAL CA  C    sing N N 337 
VAL CA  CB   sing N N 338 
VAL CA  HA   sing N N 339 
VAL C   O    doub N N 340 
VAL C   OXT  sing N N 341 
VAL CB  CG1  sing N N 342 
VAL CB  CG2  sing N N 343 
VAL CB  HB   sing N N 344 
VAL CG1 HG11 sing N N 345 
VAL CG1 HG12 sing N N 346 
VAL CG1 HG13 sing N N 347 
VAL CG2 HG21 sing N N 348 
VAL CG2 HG22 sing N N 349 
VAL CG2 HG23 sing N N 350 
VAL OXT HXT  sing N N 351 
# 
loop_
_pdbx_entity_nonpoly.entity_id 
_pdbx_entity_nonpoly.name 
_pdbx_entity_nonpoly.comp_id 
2 GLYCEROL      GOL 
3 'SULFATE ION' SO4 
4 water         HOH 
# 
_pdbx_initial_refinement_model.id               1 
_pdbx_initial_refinement_model.entity_id_list   ? 
_pdbx_initial_refinement_model.type             'experimental model' 
_pdbx_initial_refinement_model.source_name      PDB 
_pdbx_initial_refinement_model.accession_code   3BS9 
_pdbx_initial_refinement_model.details          'PDB ENTRY 3BS9' 
# 
